data_8T0V
#
_entry.id   8T0V
#
_cell.length_a   1.00
_cell.length_b   1.00
_cell.length_c   1.00
_cell.angle_alpha   90.00
_cell.angle_beta   90.00
_cell.angle_gamma   90.00
#
_symmetry.space_group_name_H-M   'P 1'
#
loop_
_entity.id
_entity.type
_entity.pdbx_description
1 polymer 'D-lysine 5,6-aminomutase alpha subunit'
2 polymer 'D-lysine 5,6-aminomutase beta subunit'
3 non-polymer "5'-DEOXYADENOSINE"
4 non-polymer S-{2-[(E)-({3-hydroxy-2-methyl-5-[(phosphonooxy)methyl]pyridin-4-yl}methylidene)amino]ethyl}-L-cysteine
5 non-polymer COBALAMIN
#
loop_
_entity_poly.entity_id
_entity_poly.type
_entity_poly.pdbx_seq_one_letter_code
_entity_poly.pdbx_strand_id
1 'polypeptide(L)'
;MRESKLNLDWELVDKAREAARNIVKDTQKFIDAHTTVSVERTVCRLLGIDGVNDLGVPLPNVVVDHIKSKGNLSLGAATY
IGNAMIYTGLSPQEIAERVAKGELDLTSIPMADLFEIKLAVQDIAIKTVEKIRENRRKREEFLKKYGDKEGPLLYVIVAT
GNIYEDVVQAQAAARQGADVIAVIRATAQSLLDYVPYGPTTEGFGGTYATQENFRIMRKALDEVSEELGRYIRLCNYASG
LCMPEIAAMGALERLDVMLNDALYGILFRDINMKRTMVDQFFSRVINGFAGIIINTGEDNYLTTADAYEKAHTVLASQLI
NEQFALIAGIPEEQMGLGHAFEMNPDLRNGFLYELAQAQMVREIFPKAPLKYMPPTKYMTGNIFKGHVQDAMFNVVTIMT
KQRIHLLGMLTEAIHTPFMSDRALSIESAKYIFNNMADIADEIYFKEGGIIQRRANEVLKKAYELLKEIEQEGLFKALEQ
GKFADIKRPIDGGKGLEGVVEKDPNYFNPFIDLMLRGDRG
;
A,B
2 'polypeptide(L)'
;KQYDTTLDLTRVKPYGDTMNDGKVQLSFTLPVPDGAKAVEAAKQLAKKMGLENPMVVYHAPLDKNFTFFIIYGSLIHTVD
YTSIQVQELEIKAMSMEETNEYIKKHIGRKVVVVGATTGTDAHTVGLDAIMNMKGYAGHYGLERYEMIEAYNLGSQVPNE
EFVKKAIEVGADALLVSQTVTQKDAHIKNLTHLVELLEAEGIRDKVLLICGGPRITHELAKELGYDAGFGPGTFADHVAT
FIVTEMVKRKIPGLKGYKK
;
C,D
#
loop_
_chem_comp.id
_chem_comp.type
_chem_comp.name
_chem_comp.formula
5AD non-polymer 5'-DEOXYADENOSINE 'C10 H13 N5 O3'
B12 non-polymer COBALAMIN 'C62 H89 Co N13 O14 P 2'
X6I non-polymer S-{2-[(E)-({3-hydroxy-2-methyl-5-[(phosphonooxy)methyl]pyridin-4-yl}methylidene)amino]ethyl}-L-cysteine 'C13 H20 N3 O7 P S'
#
# COMPACT_ATOMS: atom_id res chain seq x y z
N MET A 1 -10.12 -34.97 14.84
CA MET A 1 -11.32 -34.89 13.97
C MET A 1 -11.00 -34.15 12.68
N ARG A 2 -11.66 -34.54 11.60
CA ARG A 2 -11.48 -33.90 10.29
C ARG A 2 -12.38 -32.66 10.24
N GLU A 3 -11.86 -31.57 10.80
CA GLU A 3 -12.58 -30.30 10.79
C GLU A 3 -12.29 -29.53 9.51
N SER A 4 -13.34 -29.00 8.90
CA SER A 4 -13.24 -28.38 7.58
C SER A 4 -13.98 -27.06 7.55
N LYS A 5 -13.33 -26.04 6.99
CA LYS A 5 -13.98 -24.76 6.75
C LYS A 5 -14.86 -24.76 5.51
N LEU A 6 -14.62 -25.67 4.58
CA LEU A 6 -15.35 -25.73 3.32
C LEU A 6 -16.33 -26.89 3.28
N ASN A 7 -16.59 -27.54 4.40
CA ASN A 7 -17.54 -28.64 4.46
C ASN A 7 -17.24 -29.67 3.37
N LEU A 8 -15.97 -30.01 3.22
CA LEU A 8 -15.55 -30.92 2.16
C LEU A 8 -16.29 -32.24 2.27
N ASP A 9 -16.33 -32.96 1.14
CA ASP A 9 -16.87 -34.32 1.10
C ASP A 9 -15.70 -35.27 1.29
N TRP A 10 -15.50 -35.70 2.54
CA TRP A 10 -14.33 -36.51 2.85
C TRP A 10 -14.39 -37.86 2.15
N GLU A 11 -15.59 -38.39 1.89
CA GLU A 11 -15.69 -39.62 1.13
C GLU A 11 -15.15 -39.44 -0.28
N LEU A 12 -15.44 -38.30 -0.90
CA LEU A 12 -14.92 -38.02 -2.23
C LEU A 12 -13.40 -37.89 -2.21
N VAL A 13 -12.86 -37.25 -1.19
CA VAL A 13 -11.40 -37.11 -1.08
C VAL A 13 -10.76 -38.49 -0.89
N ASP A 14 -11.39 -39.34 -0.08
CA ASP A 14 -10.87 -40.69 0.10
C ASP A 14 -10.88 -41.47 -1.22
N LYS A 15 -11.95 -41.33 -1.99
CA LYS A 15 -12.02 -42.03 -3.27
C LYS A 15 -10.97 -41.52 -4.25
N ALA A 16 -10.75 -40.20 -4.29
CA ALA A 16 -9.70 -39.66 -5.15
C ALA A 16 -8.32 -40.15 -4.71
N ARG A 17 -8.09 -40.20 -3.39
CA ARG A 17 -6.82 -40.71 -2.87
C ARG A 17 -6.62 -42.17 -3.24
N GLU A 18 -7.67 -42.98 -3.15
CA GLU A 18 -7.58 -44.39 -3.54
C GLU A 18 -7.29 -44.52 -5.04
N ALA A 19 -7.93 -43.69 -5.87
CA ALA A 19 -7.65 -43.72 -7.29
C ALA A 19 -6.20 -43.37 -7.59
N ALA A 20 -5.68 -42.34 -6.92
CA ALA A 20 -4.27 -41.98 -7.10
C ALA A 20 -3.35 -43.11 -6.65
N ARG A 21 -3.71 -43.77 -5.54
CA ARG A 21 -2.91 -44.88 -5.05
C ARG A 21 -2.84 -46.00 -6.08
N ASN A 22 -3.99 -46.33 -6.68
CA ASN A 22 -4.02 -47.40 -7.68
C ASN A 22 -3.23 -47.02 -8.93
N ILE A 23 -3.34 -45.76 -9.37
CA ILE A 23 -2.57 -45.32 -10.53
C ILE A 23 -1.08 -45.46 -10.24
N VAL A 24 -0.66 -45.05 -9.04
CA VAL A 24 0.76 -45.10 -8.70
C VAL A 24 1.22 -46.55 -8.57
N LYS A 25 0.37 -47.45 -8.08
CA LYS A 25 0.73 -48.86 -8.03
C LYS A 25 0.96 -49.40 -9.43
N ASP A 26 0.05 -49.08 -10.35
CA ASP A 26 0.21 -49.53 -11.73
C ASP A 26 1.50 -49.00 -12.35
N THR A 27 1.81 -47.72 -12.11
CA THR A 27 3.04 -47.16 -12.65
C THR A 27 4.27 -47.78 -12.00
N GLN A 28 4.20 -48.04 -10.69
CA GLN A 28 5.34 -48.61 -9.98
C GLN A 28 5.64 -50.02 -10.45
N LYS A 29 4.63 -50.76 -10.89
CA LYS A 29 4.88 -52.08 -11.44
C LYS A 29 5.97 -52.02 -12.52
N PHE A 30 5.96 -50.97 -13.34
CA PHE A 30 6.96 -50.84 -14.39
C PHE A 30 8.31 -50.35 -13.85
N ILE A 31 8.29 -49.41 -12.90
CA ILE A 31 9.53 -48.81 -12.42
C ILE A 31 10.43 -49.86 -11.78
N ASP A 32 9.84 -50.75 -10.98
CA ASP A 32 10.64 -51.72 -10.24
C ASP A 32 11.39 -52.68 -11.15
N ALA A 33 11.02 -52.75 -12.43
CA ALA A 33 11.62 -53.70 -13.36
C ALA A 33 12.65 -53.06 -14.29
N HIS A 34 13.08 -51.84 -14.02
CA HIS A 34 14.02 -51.15 -14.90
C HIS A 34 14.94 -50.25 -14.09
N THR A 35 16.08 -49.91 -14.68
CA THR A 35 17.01 -48.94 -14.12
C THR A 35 17.62 -48.15 -15.27
N THR A 36 18.05 -46.92 -14.97
CA THR A 36 18.60 -46.03 -15.97
C THR A 36 20.11 -45.88 -15.76
N VAL A 37 20.78 -45.35 -16.77
CA VAL A 37 22.21 -45.07 -16.66
C VAL A 37 22.45 -44.00 -15.61
N SER A 38 21.54 -43.03 -15.48
CA SER A 38 21.70 -42.00 -14.46
C SER A 38 21.68 -42.62 -13.07
N VAL A 39 20.85 -43.64 -12.85
CA VAL A 39 20.80 -44.31 -11.56
C VAL A 39 22.12 -45.01 -11.26
N GLU A 40 22.70 -45.66 -12.27
CA GLU A 40 23.99 -46.30 -12.08
C GLU A 40 25.08 -45.27 -11.78
N ARG A 41 25.03 -44.12 -12.46
CA ARG A 41 26.00 -43.07 -12.19
C ARG A 41 25.84 -42.53 -10.77
N THR A 42 24.60 -42.39 -10.31
CA THR A 42 24.37 -41.96 -8.93
C THR A 42 24.92 -42.98 -7.94
N VAL A 43 24.73 -44.27 -8.23
CA VAL A 43 25.30 -45.31 -7.36
C VAL A 43 26.81 -45.18 -7.33
N CYS A 44 27.44 -45.00 -8.49
CA CYS A 44 28.89 -44.84 -8.53
C CYS A 44 29.33 -43.63 -7.73
N ARG A 45 28.61 -42.50 -7.85
CA ARG A 45 28.95 -41.32 -7.07
C ARG A 45 28.82 -41.60 -5.57
N LEU A 46 27.76 -42.29 -5.17
CA LEU A 46 27.56 -42.60 -3.76
C LEU A 46 28.61 -43.58 -3.25
N LEU A 47 29.22 -44.36 -4.12
CA LEU A 47 30.30 -45.24 -3.69
C LEU A 47 31.59 -44.46 -3.44
N GLY A 48 31.78 -43.33 -4.12
CA GLY A 48 32.94 -42.49 -3.87
C GLY A 48 33.59 -41.95 -5.13
N ILE A 49 33.16 -42.42 -6.30
CA ILE A 49 33.79 -42.03 -7.54
C ILE A 49 33.41 -40.59 -7.88
N ASP A 50 34.42 -39.76 -8.12
CA ASP A 50 34.20 -38.37 -8.50
C ASP A 50 35.45 -37.85 -9.19
N GLY A 51 35.28 -36.81 -9.99
CA GLY A 51 36.36 -36.17 -10.71
C GLY A 51 36.10 -36.14 -12.19
N VAL A 52 37.16 -35.85 -12.95
CA VAL A 52 37.09 -35.81 -14.40
C VAL A 52 38.34 -36.51 -14.96
N ASN A 53 38.24 -36.92 -16.22
CA ASN A 53 39.34 -37.55 -16.92
C ASN A 53 40.14 -36.48 -17.67
N ASP A 54 41.08 -36.92 -18.51
CA ASP A 54 41.93 -35.97 -19.22
C ASP A 54 41.13 -35.11 -20.19
N LEU A 55 40.05 -35.65 -20.75
CA LEU A 55 39.26 -34.94 -21.75
C LEU A 55 38.14 -34.10 -21.15
N GLY A 56 38.00 -34.07 -19.83
CA GLY A 56 36.95 -33.32 -19.18
C GLY A 56 35.66 -34.06 -18.98
N VAL A 57 35.55 -35.29 -19.47
CA VAL A 57 34.34 -36.09 -19.24
C VAL A 57 34.31 -36.51 -17.77
N PRO A 58 33.19 -36.31 -17.06
CA PRO A 58 33.13 -36.75 -15.66
C PRO A 58 33.43 -38.24 -15.54
N LEU A 59 34.14 -38.60 -14.49
CA LEU A 59 34.59 -39.98 -14.31
C LEU A 59 33.42 -40.97 -14.22
N PRO A 60 32.34 -40.68 -13.47
CA PRO A 60 31.21 -41.63 -13.47
C PRO A 60 30.67 -41.89 -14.85
N ASN A 61 30.61 -40.87 -15.71
CA ASN A 61 30.15 -41.08 -17.08
C ASN A 61 31.05 -42.06 -17.80
N VAL A 62 32.37 -41.89 -17.67
CA VAL A 62 33.30 -42.79 -18.36
C VAL A 62 33.10 -44.21 -17.85
N VAL A 63 32.97 -44.39 -16.55
CA VAL A 63 32.84 -45.73 -15.98
C VAL A 63 31.56 -46.39 -16.48
N VAL A 64 30.44 -45.67 -16.42
CA VAL A 64 29.16 -46.25 -16.82
C VAL A 64 29.14 -46.53 -18.31
N ASP A 65 29.70 -45.63 -19.13
CA ASP A 65 29.78 -45.88 -20.56
C ASP A 65 30.62 -47.11 -20.84
N HIS A 66 31.70 -47.30 -20.08
CA HIS A 66 32.54 -48.48 -20.28
C HIS A 66 31.75 -49.75 -20.00
N ILE A 67 31.09 -49.82 -18.84
CA ILE A 67 30.34 -51.04 -18.54
C ILE A 67 29.23 -51.26 -19.57
N LYS A 68 28.59 -50.19 -20.03
CA LYS A 68 27.50 -50.34 -20.98
C LYS A 68 28.00 -50.86 -22.32
N SER A 69 29.08 -50.27 -22.84
CA SER A 69 29.58 -50.65 -24.16
C SER A 69 30.20 -52.04 -24.14
N LYS A 70 31.05 -52.32 -23.16
CA LYS A 70 31.82 -53.56 -23.16
C LYS A 70 31.09 -54.69 -22.43
N GLY A 71 30.49 -54.41 -21.29
CA GLY A 71 29.87 -55.41 -20.46
C GLY A 71 28.36 -55.45 -20.62
N ASN A 72 27.66 -55.68 -19.51
CA ASN A 72 26.20 -55.79 -19.50
C ASN A 72 25.71 -54.99 -18.30
N LEU A 73 25.21 -53.78 -18.55
CA LEU A 73 24.79 -52.88 -17.48
C LEU A 73 23.55 -53.40 -16.75
N SER A 74 22.86 -54.41 -17.29
CA SER A 74 21.68 -54.93 -16.61
C SER A 74 22.02 -55.46 -15.21
N LEU A 75 23.25 -55.94 -15.02
CA LEU A 75 23.65 -56.41 -13.70
C LEU A 75 23.71 -55.28 -12.69
N GLY A 76 24.17 -54.10 -13.12
CA GLY A 76 24.31 -52.95 -12.24
C GLY A 76 25.77 -52.58 -12.08
N ALA A 77 26.03 -51.27 -12.03
CA ALA A 77 27.41 -50.82 -11.87
C ALA A 77 27.99 -51.26 -10.54
N ALA A 78 27.15 -51.45 -9.53
CA ALA A 78 27.63 -51.89 -8.23
C ALA A 78 28.29 -53.26 -8.32
N THR A 79 27.72 -54.17 -9.10
CA THR A 79 28.30 -55.50 -9.26
C THR A 79 29.71 -55.41 -9.82
N TYR A 80 29.90 -54.65 -10.90
CA TYR A 80 31.21 -54.53 -11.51
C TYR A 80 32.19 -53.82 -10.57
N ILE A 81 31.75 -52.77 -9.89
CA ILE A 81 32.63 -52.05 -8.97
C ILE A 81 33.10 -52.99 -7.86
N GLY A 82 32.17 -53.76 -7.28
CA GLY A 82 32.56 -54.70 -6.25
C GLY A 82 33.49 -55.78 -6.75
N ASN A 83 33.21 -56.31 -7.95
CA ASN A 83 34.10 -57.33 -8.51
C ASN A 83 35.51 -56.77 -8.70
N ALA A 84 35.62 -55.55 -9.21
CA ALA A 84 36.94 -54.94 -9.37
C ALA A 84 37.61 -54.74 -8.01
N MET A 85 36.83 -54.33 -7.00
CA MET A 85 37.40 -54.13 -5.67
C MET A 85 37.96 -55.43 -5.10
N ILE A 86 37.23 -56.53 -5.27
CA ILE A 86 37.75 -57.82 -4.81
C ILE A 86 38.98 -58.23 -5.61
N TYR A 87 38.94 -58.07 -6.94
CA TYR A 87 40.01 -58.61 -7.77
C TYR A 87 41.31 -57.83 -7.56
N THR A 88 41.26 -56.51 -7.60
CA THR A 88 42.47 -55.69 -7.53
C THR A 88 42.79 -55.22 -6.12
N GLY A 89 41.78 -55.06 -5.27
CA GLY A 89 41.99 -54.55 -3.93
C GLY A 89 42.02 -53.04 -3.82
N LEU A 90 41.76 -52.32 -4.90
CA LEU A 90 41.78 -50.87 -4.90
C LEU A 90 40.42 -50.31 -4.51
N SER A 91 40.42 -49.06 -4.07
CA SER A 91 39.19 -48.35 -3.73
C SER A 91 38.45 -47.94 -5.01
N PRO A 92 37.15 -47.66 -4.91
CA PRO A 92 36.39 -47.33 -6.13
C PRO A 92 36.97 -46.16 -6.92
N GLN A 93 37.48 -45.13 -6.25
CA GLN A 93 38.04 -43.99 -6.97
C GLN A 93 39.25 -44.41 -7.80
N GLU A 94 40.14 -45.22 -7.21
CA GLU A 94 41.31 -45.68 -7.95
C GLU A 94 40.92 -46.60 -9.09
N ILE A 95 39.90 -47.44 -8.88
CA ILE A 95 39.43 -48.32 -9.95
C ILE A 95 38.91 -47.50 -11.11
N ALA A 96 38.11 -46.47 -10.81
CA ALA A 96 37.58 -45.61 -11.87
C ALA A 96 38.70 -44.87 -12.59
N GLU A 97 39.69 -44.39 -11.84
CA GLU A 97 40.81 -43.71 -12.48
C GLU A 97 41.58 -44.66 -13.40
N ARG A 98 41.81 -45.89 -12.96
CA ARG A 98 42.48 -46.87 -13.81
C ARG A 98 41.67 -47.15 -15.06
N VAL A 99 40.35 -47.29 -14.92
CA VAL A 99 39.49 -47.56 -16.07
C VAL A 99 39.56 -46.40 -17.06
N ALA A 100 39.52 -45.17 -16.55
CA ALA A 100 39.63 -44.00 -17.42
C ALA A 100 40.97 -43.99 -18.15
N LYS A 101 42.06 -44.28 -17.43
CA LYS A 101 43.38 -44.31 -18.04
C LYS A 101 43.58 -45.52 -18.95
N GLY A 102 42.68 -46.51 -18.90
CA GLY A 102 42.81 -47.70 -19.70
C GLY A 102 43.69 -48.77 -19.11
N GLU A 103 44.26 -48.56 -17.93
CA GLU A 103 45.11 -49.56 -17.30
C GLU A 103 44.33 -50.74 -16.74
N LEU A 104 43.00 -50.64 -16.66
CA LEU A 104 42.17 -51.71 -16.13
C LEU A 104 40.95 -51.89 -17.01
N ASP A 105 40.42 -53.11 -17.02
CA ASP A 105 39.23 -53.45 -17.80
C ASP A 105 38.27 -54.20 -16.90
N LEU A 106 37.11 -53.62 -16.64
CA LEU A 106 36.16 -54.24 -15.73
C LEU A 106 35.60 -55.55 -16.28
N THR A 107 35.33 -55.61 -17.58
CA THR A 107 34.73 -56.80 -18.17
C THR A 107 35.70 -57.97 -18.32
N SER A 108 37.01 -57.71 -18.30
CA SER A 108 37.98 -58.79 -18.42
C SER A 108 38.22 -59.51 -17.10
N ILE A 109 37.80 -58.95 -15.98
CA ILE A 109 38.00 -59.57 -14.68
C ILE A 109 36.96 -60.68 -14.50
N PRO A 110 37.36 -61.90 -14.16
CA PRO A 110 36.36 -62.95 -13.91
C PRO A 110 35.43 -62.54 -12.78
N MET A 111 34.16 -62.90 -12.94
CA MET A 111 33.14 -62.55 -11.95
C MET A 111 33.26 -63.46 -10.73
N ALA A 112 33.32 -62.86 -9.55
CA ALA A 112 33.39 -63.61 -8.31
C ALA A 112 31.98 -63.91 -7.80
N ASP A 113 31.90 -64.56 -6.64
CA ASP A 113 30.61 -64.86 -6.04
C ASP A 113 29.90 -63.57 -5.67
N LEU A 114 28.59 -63.53 -5.89
CA LEU A 114 27.84 -62.31 -5.64
C LEU A 114 27.81 -61.94 -4.17
N PHE A 115 27.95 -62.92 -3.28
CA PHE A 115 27.90 -62.64 -1.85
C PHE A 115 29.04 -61.72 -1.42
N GLU A 116 30.27 -62.05 -1.85
CA GLU A 116 31.41 -61.22 -1.51
C GLU A 116 31.28 -59.82 -2.11
N ILE A 117 30.79 -59.74 -3.34
CA ILE A 117 30.60 -58.44 -3.98
C ILE A 117 29.63 -57.60 -3.17
N LYS A 118 28.51 -58.20 -2.77
CA LYS A 118 27.53 -57.47 -1.98
C LYS A 118 28.13 -56.97 -0.67
N LEU A 119 28.88 -57.83 0.02
CA LEU A 119 29.49 -57.42 1.28
C LEU A 119 30.46 -56.27 1.06
N ALA A 120 31.33 -56.39 0.04
CA ALA A 120 32.34 -55.36 -0.20
C ALA A 120 31.70 -54.03 -0.53
N VAL A 121 30.65 -54.02 -1.35
CA VAL A 121 30.01 -52.77 -1.71
C VAL A 121 29.26 -52.19 -0.51
N GLN A 122 28.60 -53.05 0.27
CA GLN A 122 27.87 -52.55 1.43
C GLN A 122 28.81 -51.91 2.45
N ASP A 123 30.06 -52.38 2.52
CA ASP A 123 31.02 -51.78 3.44
C ASP A 123 31.13 -50.27 3.24
N ILE A 124 31.05 -49.79 2.00
CA ILE A 124 31.13 -48.37 1.72
C ILE A 124 29.74 -47.72 1.65
N ALA A 125 28.73 -48.48 1.21
CA ALA A 125 27.38 -47.94 1.20
C ALA A 125 26.96 -47.51 2.60
N ILE A 126 27.34 -48.29 3.62
CA ILE A 126 26.97 -47.96 4.98
C ILE A 126 27.61 -46.62 5.38
N LYS A 127 28.87 -46.41 5.01
CA LYS A 127 29.53 -45.15 5.34
C LYS A 127 28.82 -43.98 4.69
N THR A 128 28.48 -44.10 3.41
CA THR A 128 27.80 -42.98 2.73
C THR A 128 26.44 -42.70 3.36
N VAL A 129 25.68 -43.76 3.67
CA VAL A 129 24.38 -43.58 4.31
C VAL A 129 24.55 -42.89 5.65
N GLU A 130 25.57 -43.28 6.41
CA GLU A 130 25.82 -42.65 7.71
C GLU A 130 26.15 -41.17 7.55
N LYS A 131 26.91 -40.82 6.51
CA LYS A 131 27.21 -39.42 6.27
C LYS A 131 25.94 -38.62 5.98
N ILE A 132 25.04 -39.19 5.17
CA ILE A 132 23.79 -38.48 4.88
C ILE A 132 22.96 -38.31 6.15
N ARG A 133 22.93 -39.34 7.00
CA ARG A 133 22.23 -39.23 8.27
C ARG A 133 22.86 -38.15 9.15
N GLU A 134 24.19 -38.05 9.11
CA GLU A 134 24.88 -36.99 9.86
C GLU A 134 24.44 -35.61 9.38
N ASN A 135 24.33 -35.43 8.06
CA ASN A 135 23.85 -34.16 7.53
C ASN A 135 22.44 -33.85 8.02
N ARG A 136 21.58 -34.87 8.05
CA ARG A 136 20.22 -34.65 8.55
C ARG A 136 20.24 -34.21 10.01
N ARG A 137 21.05 -34.88 10.84
CA ARG A 137 21.14 -34.51 12.24
C ARG A 137 21.66 -33.08 12.39
N LYS A 138 22.63 -32.70 11.57
CA LYS A 138 23.16 -31.34 11.60
C LYS A 138 22.07 -30.31 11.25
N ARG A 139 21.29 -30.60 10.21
CA ARG A 139 20.22 -29.67 9.83
C ARG A 139 19.22 -29.51 10.98
N GLU A 140 18.83 -30.62 11.60
CA GLU A 140 17.91 -30.54 12.72
C GLU A 140 18.51 -29.77 13.88
N GLU A 141 19.82 -29.92 14.12
CA GLU A 141 20.45 -29.21 15.23
C GLU A 141 20.47 -27.71 14.99
N PHE A 142 20.77 -27.28 13.75
CA PHE A 142 20.67 -25.85 13.45
C PHE A 142 19.24 -25.34 13.64
N LEU A 143 18.25 -26.09 13.15
CA LEU A 143 16.87 -25.64 13.30
C LEU A 143 16.48 -25.50 14.76
N LYS A 144 16.87 -26.47 15.59
CA LYS A 144 16.56 -26.39 17.01
C LYS A 144 17.28 -25.23 17.68
N LYS A 145 18.57 -25.04 17.37
CA LYS A 145 19.33 -23.97 17.99
C LYS A 145 18.72 -22.61 17.69
N TYR A 146 18.44 -22.34 16.43
CA TYR A 146 17.92 -21.01 16.07
C TYR A 146 16.43 -20.87 16.32
N GLY A 147 15.70 -21.96 16.53
CA GLY A 147 14.26 -21.89 16.62
C GLY A 147 13.64 -21.75 15.23
N ASP A 148 12.41 -22.21 15.06
CA ASP A 148 11.75 -22.21 13.77
C ASP A 148 10.63 -21.19 13.74
N LYS A 149 10.36 -20.67 12.54
CA LYS A 149 9.33 -19.67 12.34
C LYS A 149 7.95 -20.28 12.56
N GLU A 150 6.96 -19.39 12.69
CA GLU A 150 5.56 -19.80 12.80
C GLU A 150 4.70 -19.33 11.63
N GLY A 151 5.14 -18.29 10.91
CA GLY A 151 4.42 -17.80 9.76
C GLY A 151 4.95 -18.36 8.46
N PRO A 152 4.50 -17.80 7.34
CA PRO A 152 5.02 -18.25 6.04
C PRO A 152 6.50 -17.92 5.88
N LEU A 153 7.18 -18.73 5.07
CA LEU A 153 8.60 -18.55 4.81
C LEU A 153 8.80 -17.83 3.49
N LEU A 154 9.47 -16.69 3.53
CA LEU A 154 9.73 -15.91 2.33
C LEU A 154 10.77 -16.63 1.47
N TYR A 155 10.51 -16.71 0.17
CA TYR A 155 11.30 -17.50 -0.76
C TYR A 155 11.69 -16.61 -1.93
N VAL A 156 13.00 -16.43 -2.14
CA VAL A 156 13.50 -15.56 -3.18
C VAL A 156 14.47 -16.34 -4.06
N ILE A 157 14.77 -15.77 -5.23
CA ILE A 157 15.60 -16.41 -6.24
C ILE A 157 16.71 -15.46 -6.64
N VAL A 158 17.91 -16.00 -6.84
CA VAL A 158 19.06 -15.24 -7.31
C VAL A 158 19.61 -15.92 -8.55
N ALA A 159 19.82 -15.13 -9.61
CA ALA A 159 20.12 -15.67 -10.94
C ALA A 159 21.20 -14.86 -11.64
N THR A 160 22.28 -14.54 -10.92
CA THR A 160 23.35 -13.77 -11.53
C THR A 160 24.11 -14.60 -12.57
N GLY A 161 24.32 -15.88 -12.28
CA GLY A 161 25.07 -16.76 -13.15
C GLY A 161 26.49 -17.02 -12.72
N ASN A 162 27.05 -16.17 -11.86
CA ASN A 162 28.37 -16.38 -11.27
C ASN A 162 28.19 -16.72 -9.80
N ILE A 163 28.93 -17.73 -9.34
CA ILE A 163 28.66 -18.26 -8.00
C ILE A 163 28.91 -17.21 -6.93
N TYR A 164 29.95 -16.40 -7.10
CA TYR A 164 30.31 -15.44 -6.06
C TYR A 164 29.33 -14.27 -6.00
N GLU A 165 28.92 -13.75 -7.17
CA GLU A 165 27.87 -12.73 -7.18
C GLU A 165 26.57 -13.29 -6.64
N ASP A 166 26.31 -14.57 -6.89
CA ASP A 166 25.15 -15.23 -6.30
C ASP A 166 25.25 -15.24 -4.78
N VAL A 167 26.44 -15.54 -4.25
CA VAL A 167 26.63 -15.54 -2.81
C VAL A 167 26.34 -14.15 -2.25
N VAL A 168 26.87 -13.12 -2.90
CA VAL A 168 26.68 -11.76 -2.40
C VAL A 168 25.20 -11.41 -2.39
N GLN A 169 24.50 -11.68 -3.49
CA GLN A 169 23.09 -11.34 -3.58
C GLN A 169 22.26 -12.15 -2.59
N ALA A 170 22.61 -13.42 -2.39
CA ALA A 170 21.87 -14.26 -1.45
C ALA A 170 22.05 -13.77 -0.02
N GLN A 171 23.28 -13.41 0.35
CA GLN A 171 23.50 -12.87 1.68
C GLN A 171 22.74 -11.57 1.88
N ALA A 172 22.75 -10.69 0.87
CA ALA A 172 22.00 -9.44 0.98
C ALA A 172 20.51 -9.70 1.13
N ALA A 173 19.97 -10.65 0.36
CA ALA A 173 18.54 -10.94 0.42
C ALA A 173 18.16 -11.57 1.76
N ALA A 174 19.02 -12.47 2.27
CA ALA A 174 18.77 -13.06 3.58
C ALA A 174 18.78 -12.01 4.67
N ARG A 175 19.73 -11.08 4.60
CA ARG A 175 19.72 -9.97 5.56
C ARG A 175 18.48 -9.10 5.38
N GLN A 176 17.95 -9.00 4.16
CA GLN A 176 16.74 -8.23 3.95
C GLN A 176 15.52 -8.93 4.55
N GLY A 177 15.53 -10.26 4.59
CA GLY A 177 14.43 -10.97 5.23
C GLY A 177 14.01 -12.29 4.61
N ALA A 178 14.68 -12.73 3.54
CA ALA A 178 14.31 -13.99 2.91
C ALA A 178 14.67 -15.17 3.81
N ASP A 179 13.77 -16.15 3.88
CA ASP A 179 14.00 -17.37 4.66
C ASP A 179 14.51 -18.53 3.82
N VAL A 180 14.32 -18.49 2.50
CA VAL A 180 14.78 -19.54 1.60
C VAL A 180 15.37 -18.88 0.36
N ILE A 181 16.53 -19.35 -0.08
CA ILE A 181 17.21 -18.82 -1.26
C ILE A 181 17.34 -19.94 -2.28
N ALA A 182 16.85 -19.71 -3.49
CA ALA A 182 16.89 -20.67 -4.58
C ALA A 182 17.75 -20.10 -5.70
N VAL A 183 18.76 -20.87 -6.12
CA VAL A 183 19.66 -20.44 -7.19
C VAL A 183 19.13 -21.08 -8.47
N ILE A 184 18.50 -20.26 -9.32
CA ILE A 184 17.90 -20.78 -10.53
C ILE A 184 18.98 -21.39 -11.42
N ARG A 185 18.70 -22.55 -11.97
CA ARG A 185 19.70 -23.33 -12.68
C ARG A 185 19.93 -22.80 -14.09
N ALA A 186 21.13 -23.04 -14.59
CA ALA A 186 21.49 -22.59 -15.94
C ALA A 186 20.55 -23.22 -16.96
N THR A 187 20.14 -22.42 -17.94
CA THR A 187 19.24 -22.90 -18.97
C THR A 187 19.91 -23.96 -19.82
N ALA A 188 19.15 -24.98 -20.19
CA ALA A 188 19.60 -26.08 -21.03
C ALA A 188 20.56 -27.03 -20.31
N GLN A 189 20.47 -27.11 -18.98
CA GLN A 189 21.18 -28.16 -18.27
C GLN A 189 20.30 -29.38 -18.04
N SER A 190 18.98 -29.21 -18.04
CA SER A 190 18.10 -30.36 -17.88
C SER A 190 18.24 -31.32 -19.05
N LEU A 191 18.69 -30.83 -20.21
CA LEU A 191 18.90 -31.69 -21.36
C LEU A 191 20.28 -32.35 -21.32
N LEU A 192 21.16 -31.85 -20.46
CA LEU A 192 22.51 -32.37 -20.38
C LEU A 192 22.52 -33.74 -19.72
N ASP A 193 23.36 -34.64 -20.21
CA ASP A 193 23.49 -35.99 -19.68
C ASP A 193 24.72 -36.16 -18.80
N TYR A 194 25.21 -35.08 -18.19
CA TYR A 194 26.22 -35.18 -17.17
C TYR A 194 26.19 -33.92 -16.30
N VAL A 195 26.83 -34.03 -15.15
CA VAL A 195 26.92 -32.95 -14.16
C VAL A 195 28.34 -32.40 -14.22
N PRO A 196 28.53 -31.11 -14.51
CA PRO A 196 29.89 -30.56 -14.56
C PRO A 196 30.64 -30.82 -13.26
N TYR A 197 31.95 -30.57 -13.31
CA TYR A 197 32.84 -30.74 -12.17
C TYR A 197 33.52 -29.42 -11.84
N GLY A 198 33.58 -29.10 -10.56
CA GLY A 198 34.20 -27.88 -10.11
C GLY A 198 33.25 -26.69 -10.17
N PRO A 199 33.73 -25.52 -9.77
CA PRO A 199 32.89 -24.33 -9.80
C PRO A 199 32.74 -23.79 -11.22
N THR A 200 31.66 -23.03 -11.42
CA THR A 200 31.39 -22.38 -12.69
C THR A 200 31.32 -20.88 -12.46
N THR A 201 31.95 -20.12 -13.36
CA THR A 201 32.01 -18.67 -13.25
C THR A 201 31.06 -17.96 -14.23
N GLU A 202 30.50 -18.68 -15.20
CA GLU A 202 29.64 -18.04 -16.19
C GLU A 202 28.56 -19.03 -16.63
N GLY A 203 27.36 -18.50 -16.85
CA GLY A 203 26.25 -19.31 -17.33
C GLY A 203 25.15 -18.40 -17.85
N PHE A 204 24.27 -18.98 -18.66
CA PHE A 204 23.19 -18.25 -19.29
C PHE A 204 21.90 -18.53 -18.53
N GLY A 205 21.33 -17.48 -17.93
CA GLY A 205 20.06 -17.60 -17.25
C GLY A 205 20.10 -18.25 -15.89
N GLY A 206 21.29 -18.49 -15.34
CA GLY A 206 21.39 -19.12 -14.04
C GLY A 206 22.78 -19.69 -13.83
N THR A 207 22.88 -20.54 -12.82
CA THR A 207 24.13 -21.17 -12.42
C THR A 207 23.99 -22.68 -12.49
N TYR A 208 25.06 -23.35 -12.93
CA TYR A 208 25.03 -24.79 -13.03
C TYR A 208 24.89 -25.42 -11.65
N ALA A 209 24.24 -26.57 -11.60
CA ALA A 209 24.09 -27.34 -10.37
C ALA A 209 25.29 -28.29 -10.27
N THR A 210 26.30 -27.87 -9.51
CA THR A 210 27.50 -28.66 -9.28
C THR A 210 27.75 -28.77 -7.79
N GLN A 211 28.46 -29.83 -7.39
CA GLN A 211 28.69 -30.06 -5.98
C GLN A 211 29.48 -28.92 -5.35
N GLU A 212 30.48 -28.41 -6.06
CA GLU A 212 31.28 -27.31 -5.52
C GLU A 212 30.42 -26.07 -5.30
N ASN A 213 29.51 -25.78 -6.23
CA ASN A 213 28.61 -24.64 -6.06
C ASN A 213 27.71 -24.83 -4.86
N PHE A 214 27.19 -26.04 -4.67
CA PHE A 214 26.38 -26.32 -3.48
C PHE A 214 27.19 -26.06 -2.22
N ARG A 215 28.44 -26.54 -2.20
CA ARG A 215 29.28 -26.35 -1.02
C ARG A 215 29.50 -24.87 -0.72
N ILE A 216 29.81 -24.10 -1.76
CA ILE A 216 30.09 -22.67 -1.56
C ILE A 216 28.83 -21.95 -1.06
N MET A 217 27.68 -22.24 -1.69
CA MET A 217 26.44 -21.61 -1.28
C MET A 217 26.08 -21.97 0.15
N ARG A 218 26.28 -23.24 0.52
CA ARG A 218 25.97 -23.68 1.87
C ARG A 218 26.86 -22.97 2.88
N LYS A 219 28.15 -22.82 2.57
CA LYS A 219 29.03 -22.10 3.47
C LYS A 219 28.57 -20.66 3.67
N ALA A 220 28.26 -19.98 2.56
CA ALA A 220 27.83 -18.59 2.65
C ALA A 220 26.55 -18.46 3.48
N LEU A 221 25.57 -19.31 3.20
CA LEU A 221 24.31 -19.22 3.94
C LEU A 221 24.48 -19.58 5.40
N ASP A 222 25.36 -20.54 5.72
CA ASP A 222 25.62 -20.87 7.11
C ASP A 222 26.22 -19.68 7.85
N GLU A 223 27.18 -19.01 7.23
CA GLU A 223 27.77 -17.84 7.87
C GLU A 223 26.73 -16.75 8.09
N VAL A 224 25.89 -16.49 7.08
CA VAL A 224 24.91 -15.44 7.21
C VAL A 224 23.85 -15.80 8.25
N SER A 225 23.49 -17.09 8.35
CA SER A 225 22.49 -17.50 9.32
C SER A 225 23.04 -17.41 10.74
N GLU A 226 24.33 -17.73 10.93
CA GLU A 226 24.96 -17.49 12.22
C GLU A 226 24.96 -16.01 12.55
N GLU A 227 25.21 -15.16 11.55
CA GLU A 227 25.18 -13.71 11.76
C GLU A 227 23.79 -13.24 12.17
N LEU A 228 22.74 -13.75 11.51
CA LEU A 228 21.39 -13.23 11.67
C LEU A 228 20.65 -13.83 12.85
N GLY A 229 21.06 -15.00 13.32
CA GLY A 229 20.35 -15.66 14.40
C GLY A 229 19.16 -16.48 13.99
N ARG A 230 18.97 -16.74 12.69
CA ARG A 230 17.92 -17.62 12.21
C ARG A 230 18.43 -18.40 11.01
N TYR A 231 17.76 -19.51 10.73
CA TYR A 231 18.20 -20.46 9.72
C TYR A 231 17.74 -20.05 8.33
N ILE A 232 18.67 -20.05 7.38
CA ILE A 232 18.39 -19.73 5.98
C ILE A 232 18.47 -21.03 5.19
N ARG A 233 17.36 -21.43 4.60
CA ARG A 233 17.31 -22.66 3.81
C ARG A 233 17.91 -22.44 2.42
N LEU A 234 18.35 -23.54 1.81
CA LEU A 234 18.95 -23.53 0.48
C LEU A 234 18.17 -24.47 -0.42
N CYS A 235 17.81 -24.00 -1.60
CA CYS A 235 16.99 -24.73 -2.55
C CYS A 235 17.71 -24.87 -3.87
N ASN A 236 17.44 -25.98 -4.57
CA ASN A 236 18.00 -26.19 -5.89
C ASN A 236 17.16 -27.22 -6.62
N TYR A 237 17.35 -27.29 -7.93
CA TYR A 237 16.50 -28.05 -8.84
C TYR A 237 17.16 -29.36 -9.21
N ALA A 238 16.42 -30.45 -9.10
CA ALA A 238 16.90 -31.78 -9.41
C ALA A 238 16.48 -32.28 -10.78
N SER A 239 15.24 -31.97 -11.19
CA SER A 239 14.70 -32.49 -12.43
C SER A 239 15.66 -32.26 -13.59
N GLY A 240 15.68 -33.21 -14.51
CA GLY A 240 16.57 -33.20 -15.66
C GLY A 240 16.90 -34.62 -16.06
N LEU A 241 17.91 -34.77 -16.93
CA LEU A 241 18.39 -36.10 -17.27
C LEU A 241 19.25 -36.69 -16.16
N CYS A 242 19.94 -35.84 -15.40
CA CYS A 242 20.78 -36.26 -14.28
C CYS A 242 20.10 -36.02 -12.94
N MET A 243 18.80 -36.27 -12.84
CA MET A 243 18.03 -35.98 -11.65
C MET A 243 18.59 -36.69 -10.41
N PRO A 244 18.77 -38.02 -10.44
CA PRO A 244 19.26 -38.70 -9.23
C PRO A 244 20.63 -38.25 -8.80
N GLU A 245 21.52 -37.92 -9.74
CA GLU A 245 22.85 -37.45 -9.37
C GLU A 245 22.78 -36.14 -8.61
N ILE A 246 21.96 -35.21 -9.09
CA ILE A 246 21.81 -33.93 -8.39
C ILE A 246 21.12 -34.13 -7.05
N ALA A 247 20.18 -35.08 -6.98
CA ALA A 247 19.55 -35.37 -5.70
C ALA A 247 20.57 -35.86 -4.69
N ALA A 248 21.44 -36.79 -5.10
CA ALA A 248 22.47 -37.29 -4.20
C ALA A 248 23.45 -36.21 -3.80
N MET A 249 23.86 -35.36 -4.76
CA MET A 249 24.79 -34.28 -4.44
C MET A 249 24.18 -33.31 -3.45
N GLY A 250 22.88 -33.01 -3.61
CA GLY A 250 22.22 -32.16 -2.63
C GLY A 250 22.11 -32.82 -1.27
N ALA A 251 21.87 -34.12 -1.24
CA ALA A 251 21.82 -34.83 0.03
C ALA A 251 23.16 -34.78 0.74
N LEU A 252 24.25 -34.92 -0.01
CA LEU A 252 25.58 -34.90 0.61
C LEU A 252 25.92 -33.50 1.14
N GLU A 253 25.49 -32.46 0.45
CA GLU A 253 25.87 -31.08 0.77
C GLU A 253 24.86 -30.39 1.69
N ARG A 254 23.90 -31.13 2.25
CA ARG A 254 22.92 -30.59 3.18
C ARG A 254 22.11 -29.45 2.56
N LEU A 255 21.36 -29.79 1.52
CA LEU A 255 20.34 -28.90 1.00
C LEU A 255 19.04 -29.13 1.75
N ASP A 256 18.37 -28.04 2.11
CA ASP A 256 17.14 -28.13 2.88
C ASP A 256 15.92 -28.33 2.02
N VAL A 257 15.91 -27.78 0.81
CA VAL A 257 14.77 -27.88 -0.10
C VAL A 257 15.29 -28.29 -1.47
N MET A 258 14.41 -28.89 -2.26
CA MET A 258 14.79 -29.38 -3.58
C MET A 258 13.53 -29.58 -4.41
N LEU A 259 13.53 -29.04 -5.63
CA LEU A 259 12.40 -29.22 -6.54
C LEU A 259 12.56 -30.54 -7.28
N ASN A 260 11.67 -31.49 -6.99
CA ASN A 260 11.77 -32.85 -7.52
C ASN A 260 10.39 -33.25 -8.03
N ASP A 261 10.25 -33.27 -9.36
CA ASP A 261 8.99 -33.60 -10.01
C ASP A 261 9.29 -34.12 -11.40
N ALA A 262 8.77 -35.30 -11.73
CA ALA A 262 9.02 -35.89 -13.05
C ALA A 262 8.16 -35.24 -14.12
N LEU A 263 6.88 -34.99 -13.81
CA LEU A 263 5.95 -34.52 -14.84
C LEU A 263 6.42 -33.21 -15.46
N TYR A 264 7.07 -32.35 -14.67
CA TYR A 264 7.58 -31.12 -15.25
C TYR A 264 8.57 -31.42 -16.36
N GLY A 265 9.56 -32.28 -16.09
CA GLY A 265 10.50 -32.64 -17.14
C GLY A 265 9.80 -33.26 -18.32
N ILE A 266 8.91 -34.23 -18.07
CA ILE A 266 8.24 -34.93 -19.14
C ILE A 266 7.52 -33.96 -20.07
N LEU A 267 6.78 -33.02 -19.50
CA LEU A 267 5.95 -32.14 -20.31
C LEU A 267 6.76 -30.98 -20.88
N PHE A 268 7.34 -30.16 -20.01
CA PHE A 268 7.93 -28.90 -20.42
C PHE A 268 9.36 -29.03 -20.90
N ARG A 269 9.97 -30.23 -20.84
CA ARG A 269 11.32 -30.41 -21.35
C ARG A 269 11.46 -31.57 -22.32
N ASP A 270 10.38 -32.29 -22.62
CA ASP A 270 10.38 -33.32 -23.65
C ASP A 270 11.31 -34.47 -23.28
N ILE A 271 11.44 -34.78 -22.01
CA ILE A 271 12.21 -35.95 -21.57
C ILE A 271 11.29 -37.16 -21.57
N ASN A 272 11.83 -38.31 -21.96
CA ASN A 272 11.02 -39.51 -22.07
C ASN A 272 10.37 -39.85 -20.73
N MET A 273 9.18 -40.42 -20.78
CA MET A 273 8.40 -40.63 -19.56
C MET A 273 8.98 -41.76 -18.71
N LYS A 274 9.36 -42.87 -19.34
CA LYS A 274 9.92 -43.98 -18.59
C LYS A 274 11.23 -43.58 -17.91
N ARG A 275 12.09 -42.88 -18.64
CA ARG A 275 13.34 -42.41 -18.08
C ARG A 275 13.08 -41.54 -16.85
N THR A 276 12.15 -40.59 -16.97
CA THR A 276 11.90 -39.67 -15.87
C THR A 276 11.30 -40.39 -14.66
N MET A 277 10.39 -41.34 -14.89
CA MET A 277 9.81 -42.07 -13.77
C MET A 277 10.88 -42.89 -13.04
N VAL A 278 11.71 -43.60 -13.79
CA VAL A 278 12.73 -44.44 -13.14
C VAL A 278 13.72 -43.57 -12.39
N ASP A 279 14.12 -42.43 -12.98
CA ASP A 279 15.00 -41.51 -12.27
C ASP A 279 14.34 -40.99 -11.00
N GLN A 280 13.06 -40.63 -11.10
CA GLN A 280 12.36 -39.99 -10.00
C GLN A 280 12.24 -40.91 -8.80
N PHE A 281 12.03 -42.21 -9.03
CA PHE A 281 11.90 -43.10 -7.89
C PHE A 281 13.14 -43.03 -6.99
N PHE A 282 14.32 -43.22 -7.57
CA PHE A 282 15.54 -43.24 -6.77
C PHE A 282 15.85 -41.85 -6.21
N SER A 283 15.62 -40.79 -7.00
CA SER A 283 15.91 -39.46 -6.49
C SER A 283 15.04 -39.12 -5.29
N ARG A 284 13.76 -39.52 -5.33
CA ARG A 284 12.88 -39.26 -4.21
C ARG A 284 13.22 -40.14 -3.02
N VAL A 285 13.71 -41.35 -3.26
CA VAL A 285 14.19 -42.17 -2.13
C VAL A 285 15.34 -41.47 -1.42
N ILE A 286 16.31 -40.97 -2.20
CA ILE A 286 17.44 -40.27 -1.59
C ILE A 286 16.98 -39.02 -0.86
N ASN A 287 16.10 -38.24 -1.48
CA ASN A 287 15.62 -37.01 -0.85
C ASN A 287 14.86 -37.31 0.44
N GLY A 288 14.05 -38.38 0.43
CA GLY A 288 13.32 -38.73 1.63
C GLY A 288 14.22 -39.16 2.76
N PHE A 289 15.24 -39.97 2.46
CA PHE A 289 16.18 -40.34 3.50
C PHE A 289 16.96 -39.14 4.03
N ALA A 290 17.42 -38.27 3.14
CA ALA A 290 18.25 -37.15 3.55
C ALA A 290 17.47 -36.10 4.35
N GLY A 291 16.14 -36.14 4.32
CA GLY A 291 15.34 -35.17 5.02
C GLY A 291 15.04 -33.90 4.26
N ILE A 292 15.19 -33.91 2.94
CA ILE A 292 15.00 -32.72 2.13
C ILE A 292 13.53 -32.55 1.82
N ILE A 293 13.05 -31.30 1.86
CA ILE A 293 11.68 -30.99 1.45
C ILE A 293 11.62 -30.96 -0.07
N ILE A 294 10.75 -31.79 -0.64
CA ILE A 294 10.64 -31.94 -2.09
C ILE A 294 9.41 -31.16 -2.55
N ASN A 295 9.61 -30.28 -3.52
CA ASN A 295 8.56 -29.44 -4.07
C ASN A 295 8.12 -29.97 -5.42
N THR A 296 6.85 -29.75 -5.75
CA THR A 296 6.30 -30.17 -7.03
C THR A 296 5.85 -28.94 -7.82
N GLY A 297 5.88 -29.07 -9.14
CA GLY A 297 5.74 -27.93 -10.03
C GLY A 297 4.40 -27.79 -10.71
N GLU A 298 3.30 -27.93 -9.96
CA GLU A 298 1.97 -27.77 -10.54
C GLU A 298 1.70 -26.33 -10.98
N ASP A 299 2.55 -25.38 -10.60
CA ASP A 299 2.36 -24.01 -11.06
C ASP A 299 2.45 -23.90 -12.57
N ASN A 300 3.27 -24.75 -13.19
CA ASN A 300 3.56 -24.61 -14.61
C ASN A 300 2.37 -24.97 -15.49
N TYR A 301 1.40 -25.71 -14.94
CA TYR A 301 0.25 -26.11 -15.74
C TYR A 301 -0.58 -24.90 -16.16
N LEU A 302 -0.73 -23.92 -15.26
CA LEU A 302 -1.64 -22.82 -15.51
C LEU A 302 -1.10 -21.83 -16.53
N THR A 303 0.23 -21.73 -16.66
CA THR A 303 0.80 -20.79 -17.61
C THR A 303 0.48 -21.19 -19.04
N THR A 304 0.43 -22.50 -19.31
CA THR A 304 0.12 -22.99 -20.65
C THR A 304 -1.36 -23.32 -20.84
N ALA A 305 -2.14 -23.31 -19.77
CA ALA A 305 -3.57 -23.63 -19.83
C ALA A 305 -4.38 -22.54 -19.13
N ASP A 306 -5.67 -22.79 -18.95
CA ASP A 306 -6.59 -21.85 -18.35
C ASP A 306 -6.80 -22.20 -16.88
N ALA A 307 -6.66 -21.21 -15.99
CA ALA A 307 -6.70 -21.47 -14.56
C ALA A 307 -8.09 -21.93 -14.12
N TYR A 308 -9.13 -21.22 -14.56
CA TYR A 308 -10.48 -21.57 -14.13
C TYR A 308 -10.89 -22.95 -14.61
N GLU A 309 -10.52 -23.30 -15.85
CA GLU A 309 -10.93 -24.57 -16.42
C GLU A 309 -10.11 -25.74 -15.88
N LYS A 310 -8.86 -25.51 -15.52
CA LYS A 310 -7.90 -26.58 -15.28
C LYS A 310 -7.35 -26.57 -13.86
N ALA A 311 -8.21 -26.43 -12.86
CA ALA A 311 -7.78 -26.55 -11.48
C ALA A 311 -7.88 -27.99 -10.98
N HIS A 312 -8.87 -28.74 -11.47
CA HIS A 312 -8.94 -30.15 -11.17
C HIS A 312 -7.68 -30.88 -11.66
N THR A 313 -7.10 -30.42 -12.76
CA THR A 313 -5.84 -30.99 -13.23
C THR A 313 -4.75 -30.83 -12.19
N VAL A 314 -4.63 -29.63 -11.62
CA VAL A 314 -3.63 -29.38 -10.60
C VAL A 314 -3.87 -30.26 -9.39
N LEU A 315 -5.12 -30.38 -8.95
CA LEU A 315 -5.40 -31.20 -7.77
C LEU A 315 -5.10 -32.67 -8.01
N ALA A 316 -5.46 -33.19 -9.19
CA ALA A 316 -5.16 -34.59 -9.49
C ALA A 316 -3.65 -34.82 -9.58
N SER A 317 -2.92 -33.87 -10.17
CA SER A 317 -1.47 -33.98 -10.21
C SER A 317 -0.90 -33.99 -8.80
N GLN A 318 -1.44 -33.15 -7.92
CA GLN A 318 -0.95 -33.12 -6.54
C GLN A 318 -1.19 -34.45 -5.84
N LEU A 319 -2.36 -35.05 -6.04
CA LEU A 319 -2.63 -36.34 -5.41
C LEU A 319 -1.71 -37.43 -5.95
N ILE A 320 -1.47 -37.43 -7.27
CA ILE A 320 -0.55 -38.42 -7.85
C ILE A 320 0.86 -38.23 -7.30
N ASN A 321 1.31 -36.97 -7.21
CA ASN A 321 2.64 -36.70 -6.67
C ASN A 321 2.73 -37.13 -5.22
N GLU A 322 1.66 -36.91 -4.45
CA GLU A 322 1.64 -37.35 -3.06
C GLU A 322 1.80 -38.87 -2.96
N GLN A 323 1.10 -39.61 -3.83
CA GLN A 323 1.23 -41.06 -3.77
C GLN A 323 2.61 -41.53 -4.22
N PHE A 324 3.18 -40.88 -5.24
CA PHE A 324 4.54 -41.21 -5.66
C PHE A 324 5.53 -40.98 -4.52
N ALA A 325 5.40 -39.85 -3.84
CA ALA A 325 6.27 -39.56 -2.70
C ALA A 325 6.08 -40.60 -1.60
N LEU A 326 4.84 -40.96 -1.30
CA LEU A 326 4.62 -41.94 -0.24
C LEU A 326 5.27 -43.28 -0.58
N ILE A 327 5.16 -43.71 -1.84
CA ILE A 327 5.81 -44.96 -2.22
C ILE A 327 7.33 -44.82 -2.17
N ALA A 328 7.85 -43.61 -2.40
CA ALA A 328 9.30 -43.41 -2.33
C ALA A 328 9.81 -43.32 -0.89
N GLY A 329 8.92 -43.20 0.09
CA GLY A 329 9.32 -43.14 1.49
C GLY A 329 9.35 -41.76 2.09
N ILE A 330 8.95 -40.73 1.36
CA ILE A 330 8.96 -39.36 1.89
C ILE A 330 7.75 -39.20 2.82
N PRO A 331 7.95 -38.74 4.05
CA PRO A 331 6.81 -38.50 4.95
C PRO A 331 6.03 -37.26 4.54
N GLU A 332 4.86 -37.10 5.14
CA GLU A 332 3.97 -36.01 4.77
C GLU A 332 4.56 -34.65 5.06
N GLU A 333 5.36 -34.54 6.13
CA GLU A 333 5.93 -33.25 6.50
C GLU A 333 7.01 -32.77 5.54
N GLN A 334 7.46 -33.62 4.61
CA GLN A 334 8.45 -33.24 3.62
C GLN A 334 7.85 -33.09 2.21
N MET A 335 6.53 -33.16 2.08
CA MET A 335 5.88 -33.12 0.77
C MET A 335 5.38 -31.70 0.53
N GLY A 336 6.24 -30.87 -0.06
CA GLY A 336 5.87 -29.50 -0.35
C GLY A 336 5.11 -29.33 -1.64
N LEU A 337 3.88 -29.82 -1.69
CA LEU A 337 3.09 -29.75 -2.92
C LEU A 337 2.77 -28.29 -3.26
N GLY A 338 2.91 -27.95 -4.54
CA GLY A 338 2.87 -26.57 -4.98
C GLY A 338 1.61 -26.24 -5.77
N HIS A 339 1.16 -24.99 -5.65
CA HIS A 339 0.07 -24.45 -6.44
C HIS A 339 0.28 -22.94 -6.52
N ALA A 340 -0.41 -22.31 -7.46
CA ALA A 340 -0.12 -20.92 -7.81
C ALA A 340 -1.39 -20.08 -7.81
N PHE A 341 -1.19 -18.77 -7.66
CA PHE A 341 -2.26 -17.77 -7.65
C PHE A 341 -2.37 -17.11 -9.03
N GLU A 342 -2.86 -17.89 -10.00
CA GLU A 342 -2.76 -17.54 -11.41
C GLU A 342 -4.10 -17.39 -12.12
N MET A 343 -5.09 -16.80 -11.46
CA MET A 343 -6.36 -16.54 -12.14
C MET A 343 -6.36 -15.16 -12.76
N ASN A 344 -7.32 -14.94 -13.64
CA ASN A 344 -7.41 -13.67 -14.35
C ASN A 344 -7.79 -12.55 -13.39
N PRO A 345 -7.02 -11.47 -13.30
CA PRO A 345 -7.42 -10.38 -12.41
C PRO A 345 -8.70 -9.67 -12.82
N ASP A 346 -9.15 -9.86 -14.05
CA ASP A 346 -10.39 -9.24 -14.52
C ASP A 346 -11.61 -10.10 -14.21
N LEU A 347 -11.44 -11.22 -13.55
CA LEU A 347 -12.54 -12.13 -13.25
C LEU A 347 -13.26 -11.65 -11.99
N ARG A 348 -14.56 -11.44 -12.10
CA ARG A 348 -15.36 -11.08 -10.93
C ARG A 348 -15.40 -12.24 -9.96
N ASN A 349 -15.23 -11.94 -8.67
CA ASN A 349 -15.17 -12.95 -7.61
C ASN A 349 -14.01 -13.90 -7.82
N GLY A 350 -12.93 -13.43 -8.46
CA GLY A 350 -11.77 -14.28 -8.66
C GLY A 350 -11.05 -14.57 -7.36
N PHE A 351 -10.99 -13.59 -6.46
CA PHE A 351 -10.33 -13.79 -5.18
C PHE A 351 -11.03 -14.87 -4.37
N LEU A 352 -12.36 -14.95 -4.47
CA LEU A 352 -13.09 -15.99 -3.75
C LEU A 352 -12.73 -17.38 -4.28
N TYR A 353 -12.59 -17.53 -5.59
CA TYR A 353 -12.20 -18.81 -6.16
C TYR A 353 -10.78 -19.18 -5.77
N GLU A 354 -9.87 -18.20 -5.80
CA GLU A 354 -8.50 -18.47 -5.36
C GLU A 354 -8.47 -18.90 -3.91
N LEU A 355 -9.22 -18.20 -3.05
CA LEU A 355 -9.26 -18.54 -1.64
C LEU A 355 -9.85 -19.94 -1.44
N ALA A 356 -10.91 -20.27 -2.17
CA ALA A 356 -11.51 -21.60 -2.05
C ALA A 356 -10.54 -22.69 -2.45
N GLN A 357 -9.81 -22.50 -3.55
CA GLN A 357 -8.85 -23.50 -4.00
C GLN A 357 -7.70 -23.63 -3.00
N ALA A 358 -7.19 -22.51 -2.49
CA ALA A 358 -6.08 -22.55 -1.54
C ALA A 358 -6.51 -23.26 -0.26
N GLN A 359 -7.71 -22.97 0.23
CA GLN A 359 -8.18 -23.61 1.45
C GLN A 359 -8.45 -25.10 1.24
N MET A 360 -8.96 -25.48 0.06
CA MET A 360 -9.13 -26.90 -0.23
C MET A 360 -7.80 -27.63 -0.20
N VAL A 361 -6.78 -27.02 -0.82
CA VAL A 361 -5.45 -27.65 -0.83
C VAL A 361 -4.89 -27.73 0.59
N ARG A 362 -5.08 -26.66 1.37
CA ARG A 362 -4.61 -26.66 2.76
C ARG A 362 -5.35 -27.71 3.59
N GLU A 363 -6.57 -28.06 3.21
CA GLU A 363 -7.37 -29.03 3.97
C GLU A 363 -7.09 -30.48 3.58
N ILE A 364 -6.87 -30.74 2.29
CA ILE A 364 -6.65 -32.12 1.86
C ILE A 364 -5.28 -32.62 2.28
N PHE A 365 -4.32 -31.71 2.50
CA PHE A 365 -2.95 -32.04 2.91
C PHE A 365 -2.65 -31.28 4.19
N PRO A 366 -3.14 -31.76 5.34
CA PRO A 366 -3.06 -30.95 6.56
C PRO A 366 -1.66 -30.83 7.16
N LYS A 367 -0.71 -31.69 6.75
CA LYS A 367 0.61 -31.71 7.35
C LYS A 367 1.72 -31.26 6.41
N ALA A 368 1.44 -31.14 5.11
CA ALA A 368 2.48 -30.82 4.15
C ALA A 368 2.94 -29.38 4.30
N PRO A 369 4.22 -29.08 4.05
CA PRO A 369 4.67 -27.67 3.96
C PRO A 369 4.36 -27.06 2.60
N LEU A 370 3.07 -26.91 2.32
CA LEU A 370 2.61 -26.50 1.00
C LEU A 370 3.35 -25.26 0.53
N LYS A 371 3.44 -25.10 -0.80
CA LYS A 371 4.09 -23.98 -1.43
C LYS A 371 3.06 -23.21 -2.24
N TYR A 372 2.98 -21.91 -2.05
CA TYR A 372 2.11 -21.03 -2.81
C TYR A 372 2.97 -20.07 -3.62
N MET A 373 2.65 -19.91 -4.90
CA MET A 373 3.51 -19.22 -5.84
C MET A 373 2.78 -18.08 -6.53
N PRO A 374 3.51 -17.06 -6.99
CA PRO A 374 2.89 -15.78 -7.31
C PRO A 374 2.21 -15.80 -8.66
N PRO A 375 1.50 -14.73 -9.01
CA PRO A 375 0.96 -14.60 -10.37
C PRO A 375 2.06 -14.15 -11.33
N THR A 376 2.12 -14.81 -12.49
CA THR A 376 3.15 -14.49 -13.48
C THR A 376 2.56 -14.30 -14.87
N LYS A 377 1.46 -15.01 -15.15
CA LYS A 377 0.90 -14.99 -16.49
C LYS A 377 0.30 -13.63 -16.82
N TYR A 378 -0.44 -13.05 -15.88
CA TYR A 378 -1.21 -11.84 -16.11
C TYR A 378 -0.52 -10.59 -15.56
N MET A 379 0.80 -10.54 -15.62
CA MET A 379 1.55 -9.37 -15.24
C MET A 379 1.87 -8.52 -16.47
N THR A 380 2.14 -7.23 -16.24
CA THR A 380 2.40 -6.29 -17.31
C THR A 380 3.50 -5.33 -16.86
N GLY A 381 3.68 -4.26 -17.64
CA GLY A 381 4.66 -3.24 -17.31
C GLY A 381 4.22 -2.23 -16.29
N ASN A 382 2.96 -2.28 -15.85
CA ASN A 382 2.45 -1.42 -14.79
C ASN A 382 2.91 -1.99 -13.46
N ILE A 383 4.06 -1.50 -12.99
CA ILE A 383 4.66 -2.06 -11.79
C ILE A 383 3.78 -1.79 -10.56
N PHE A 384 2.97 -0.74 -10.60
CA PHE A 384 2.13 -0.42 -9.46
C PHE A 384 1.00 -1.43 -9.29
N LYS A 385 0.30 -1.74 -10.38
CA LYS A 385 -0.71 -2.79 -10.30
C LYS A 385 -0.08 -4.14 -10.03
N GLY A 386 1.16 -4.35 -10.48
CA GLY A 386 1.88 -5.56 -10.12
C GLY A 386 2.09 -5.67 -8.62
N HIS A 387 2.48 -4.57 -7.98
CA HIS A 387 2.62 -4.55 -6.53
C HIS A 387 1.29 -4.86 -5.86
N VAL A 388 0.20 -4.30 -6.40
CA VAL A 388 -1.12 -4.55 -5.80
C VAL A 388 -1.50 -6.03 -5.93
N GLN A 389 -1.24 -6.63 -7.10
CA GLN A 389 -1.54 -8.04 -7.30
C GLN A 389 -0.73 -8.92 -6.35
N ASP A 390 0.55 -8.57 -6.17
CA ASP A 390 1.38 -9.30 -5.21
C ASP A 390 0.83 -9.16 -3.80
N ALA A 391 0.32 -7.98 -3.45
CA ALA A 391 -0.27 -7.79 -2.14
C ALA A 391 -1.47 -8.70 -1.94
N MET A 392 -2.31 -8.82 -2.97
CA MET A 392 -3.47 -9.71 -2.87
C MET A 392 -3.03 -11.17 -2.74
N PHE A 393 -1.95 -11.53 -3.45
CA PHE A 393 -1.39 -12.88 -3.33
C PHE A 393 -0.91 -13.15 -1.90
N ASN A 394 -0.23 -12.18 -1.29
CA ASN A 394 0.20 -12.32 0.11
C ASN A 394 -1.01 -12.44 1.04
N VAL A 395 -2.07 -11.67 0.76
CA VAL A 395 -3.29 -11.74 1.56
C VAL A 395 -3.84 -13.15 1.54
N VAL A 396 -3.88 -13.77 0.36
CA VAL A 396 -4.36 -15.14 0.26
C VAL A 396 -3.45 -16.08 1.06
N THR A 397 -2.15 -15.91 0.91
CA THR A 397 -1.20 -16.76 1.62
C THR A 397 -1.44 -16.73 3.13
N ILE A 398 -1.56 -15.52 3.68
CA ILE A 398 -1.73 -15.42 5.14
C ILE A 398 -3.10 -15.94 5.55
N MET A 399 -4.13 -15.70 4.74
CA MET A 399 -5.47 -16.10 5.15
C MET A 399 -5.72 -17.59 5.02
N THR A 400 -4.91 -18.32 4.25
CA THR A 400 -5.07 -19.76 4.11
C THR A 400 -3.95 -20.58 4.76
N LYS A 401 -2.92 -19.92 5.31
CA LYS A 401 -1.86 -20.61 6.02
C LYS A 401 -1.01 -21.51 5.12
N GLN A 402 -0.41 -20.92 4.09
CA GLN A 402 0.50 -21.67 3.23
C GLN A 402 1.92 -21.58 3.78
N ARG A 403 2.58 -22.72 3.96
CA ARG A 403 3.83 -22.75 4.71
C ARG A 403 4.95 -22.00 4.00
N ILE A 404 5.17 -22.28 2.73
CA ILE A 404 6.21 -21.63 1.93
C ILE A 404 5.54 -20.64 1.00
N HIS A 405 6.21 -19.53 0.73
CA HIS A 405 5.62 -18.39 0.03
C HIS A 405 6.66 -17.84 -0.95
N LEU A 406 6.48 -18.12 -2.24
CA LEU A 406 7.40 -17.65 -3.26
C LEU A 406 7.05 -16.20 -3.60
N LEU A 407 7.87 -15.27 -3.11
CA LEU A 407 7.58 -13.85 -3.28
C LEU A 407 7.53 -13.49 -4.76
N GLY A 408 6.48 -12.75 -5.14
CA GLY A 408 6.41 -12.19 -6.47
C GLY A 408 6.95 -10.77 -6.51
N MET A 409 7.33 -10.34 -7.71
CA MET A 409 7.95 -9.04 -7.91
C MET A 409 7.06 -8.18 -8.80
N LEU A 410 7.03 -6.88 -8.49
CA LEU A 410 6.24 -5.95 -9.30
C LEU A 410 6.75 -5.88 -10.73
N THR A 411 8.02 -6.20 -10.96
CA THR A 411 8.62 -6.22 -12.29
C THR A 411 8.69 -7.62 -12.88
N GLU A 412 7.66 -8.44 -12.66
CA GLU A 412 7.70 -9.82 -13.15
C GLU A 412 7.83 -9.89 -14.66
N ALA A 413 7.09 -9.05 -15.37
CA ALA A 413 7.03 -9.13 -16.82
C ALA A 413 8.14 -8.36 -17.53
N ILE A 414 8.95 -7.61 -16.80
CA ILE A 414 9.94 -6.73 -17.42
C ILE A 414 11.31 -7.39 -17.46
N HIS A 415 11.84 -7.75 -16.29
CA HIS A 415 13.20 -8.26 -16.20
C HIS A 415 13.34 -9.07 -14.93
N THR A 416 14.52 -9.65 -14.75
CA THR A 416 14.84 -10.30 -13.49
C THR A 416 14.99 -9.25 -12.39
N PRO A 417 14.61 -9.58 -11.15
CA PRO A 417 14.45 -8.53 -10.14
C PRO A 417 15.75 -7.79 -9.88
N PHE A 418 15.63 -6.47 -9.71
CA PHE A 418 16.71 -5.71 -9.10
C PHE A 418 16.75 -6.00 -7.60
N MET A 419 17.77 -5.43 -6.94
CA MET A 419 17.83 -5.50 -5.49
C MET A 419 16.68 -4.73 -4.85
N SER A 420 16.36 -3.55 -5.42
CA SER A 420 15.30 -2.73 -4.86
C SER A 420 13.93 -3.38 -5.03
N ASP A 421 13.72 -4.09 -6.15
CA ASP A 421 12.46 -4.80 -6.34
C ASP A 421 12.28 -5.88 -5.28
N ARG A 422 13.34 -6.64 -5.00
CA ARG A 422 13.27 -7.66 -3.96
C ARG A 422 13.02 -7.03 -2.60
N ALA A 423 13.67 -5.90 -2.32
CA ALA A 423 13.45 -5.22 -1.04
C ALA A 423 12.01 -4.80 -0.90
N LEU A 424 11.43 -4.24 -1.96
CA LEU A 424 10.04 -3.82 -1.91
C LEU A 424 9.10 -5.01 -1.69
N SER A 425 9.36 -6.11 -2.41
CA SER A 425 8.52 -7.29 -2.25
C SER A 425 8.58 -7.83 -0.83
N ILE A 426 9.79 -7.91 -0.26
CA ILE A 426 9.93 -8.42 1.10
C ILE A 426 9.22 -7.49 2.08
N GLU A 427 9.36 -6.18 1.89
CA GLU A 427 8.71 -5.23 2.78
C GLU A 427 7.20 -5.37 2.75
N SER A 428 6.63 -5.51 1.56
CA SER A 428 5.18 -5.70 1.43
C SER A 428 4.73 -6.99 2.10
N ALA A 429 5.47 -8.08 1.86
CA ALA A 429 5.10 -9.36 2.44
C ALA A 429 5.13 -9.29 3.96
N LYS A 430 6.18 -8.68 4.52
CA LYS A 430 6.28 -8.50 5.96
C LYS A 430 5.08 -7.73 6.50
N TYR A 431 4.76 -6.60 5.85
CA TYR A 431 3.65 -5.76 6.31
C TYR A 431 2.36 -6.56 6.36
N ILE A 432 2.03 -7.24 5.26
CA ILE A 432 0.76 -7.95 5.19
C ILE A 432 0.73 -9.13 6.15
N PHE A 433 1.86 -9.82 6.33
CA PHE A 433 1.88 -10.97 7.23
C PHE A 433 1.76 -10.53 8.68
N ASN A 434 2.31 -9.35 9.01
CA ASN A 434 2.21 -8.85 10.38
C ASN A 434 0.79 -8.37 10.69
N ASN A 435 0.20 -7.58 9.79
CA ASN A 435 -1.08 -6.96 10.10
C ASN A 435 -2.19 -8.00 10.25
N MET A 436 -2.23 -9.00 9.37
CA MET A 436 -3.29 -9.99 9.34
C MET A 436 -2.85 -11.31 9.94
N ALA A 437 -2.04 -11.26 11.00
CA ALA A 437 -1.38 -12.47 11.49
C ALA A 437 -2.39 -13.55 11.86
N ASP A 438 -3.39 -13.21 12.67
CA ASP A 438 -4.36 -14.17 13.16
C ASP A 438 -5.67 -14.14 12.39
N ILE A 439 -5.64 -13.70 11.12
CA ILE A 439 -6.87 -13.66 10.33
C ILE A 439 -7.34 -15.06 9.98
N ALA A 440 -6.42 -16.01 9.82
CA ALA A 440 -6.82 -17.37 9.49
C ALA A 440 -7.70 -17.96 10.57
N ASP A 441 -7.41 -17.67 11.83
CA ASP A 441 -8.18 -18.21 12.94
C ASP A 441 -9.55 -17.56 13.08
N GLU A 442 -9.75 -16.38 12.50
CA GLU A 442 -10.97 -15.61 12.71
C GLU A 442 -12.00 -15.85 11.62
N ILE A 443 -11.64 -15.57 10.37
CA ILE A 443 -12.62 -15.55 9.29
C ILE A 443 -13.06 -16.98 8.96
N TYR A 444 -14.36 -17.22 9.00
CA TYR A 444 -14.99 -18.44 8.53
C TYR A 444 -15.63 -18.15 7.18
N PHE A 445 -16.41 -19.10 6.68
CA PHE A 445 -17.09 -18.95 5.39
C PHE A 445 -18.55 -19.35 5.52
N LYS A 446 -19.39 -18.67 4.75
CA LYS A 446 -20.83 -18.89 4.81
C LYS A 446 -21.17 -20.28 4.27
N GLU A 447 -22.01 -21.00 5.00
CA GLU A 447 -22.37 -22.36 4.59
C GLU A 447 -23.10 -22.33 3.25
N GLY A 448 -22.66 -23.18 2.33
CA GLY A 448 -23.23 -23.22 1.01
C GLY A 448 -22.83 -22.08 0.11
N GLY A 449 -21.89 -21.24 0.53
CA GLY A 449 -21.59 -20.03 -0.20
C GLY A 449 -20.87 -20.28 -1.52
N ILE A 450 -20.21 -19.24 -2.02
CA ILE A 450 -19.41 -19.39 -3.24
C ILE A 450 -18.18 -20.24 -2.98
N ILE A 451 -17.49 -19.99 -1.87
CA ILE A 451 -16.21 -20.65 -1.61
C ILE A 451 -16.41 -22.15 -1.43
N GLN A 452 -17.40 -22.54 -0.62
CA GLN A 452 -17.64 -23.96 -0.39
C GLN A 452 -18.03 -24.68 -1.67
N ARG A 453 -18.90 -24.06 -2.46
CA ARG A 453 -19.36 -24.69 -3.71
C ARG A 453 -18.22 -24.79 -4.71
N ARG A 454 -17.37 -23.77 -4.79
CA ARG A 454 -16.21 -23.83 -5.67
C ARG A 454 -15.28 -24.96 -5.28
N ALA A 455 -15.00 -25.09 -3.98
CA ALA A 455 -14.14 -26.17 -3.52
C ALA A 455 -14.72 -27.53 -3.88
N ASN A 456 -16.02 -27.71 -3.63
CA ASN A 456 -16.64 -29.01 -3.93
C ASN A 456 -16.62 -29.29 -5.43
N GLU A 457 -16.85 -28.27 -6.26
CA GLU A 457 -16.80 -28.45 -7.71
C GLU A 457 -15.42 -28.91 -8.15
N VAL A 458 -14.37 -28.22 -7.70
CA VAL A 458 -13.02 -28.59 -8.11
C VAL A 458 -12.70 -30.00 -7.64
N LEU A 459 -13.13 -30.35 -6.42
CA LEU A 459 -12.85 -31.69 -5.92
C LEU A 459 -13.51 -32.75 -6.79
N LYS A 460 -14.77 -32.55 -7.18
CA LYS A 460 -15.43 -33.57 -7.98
C LYS A 460 -14.81 -33.68 -9.36
N LYS A 461 -14.43 -32.56 -9.96
CA LYS A 461 -13.77 -32.62 -11.26
C LYS A 461 -12.44 -33.38 -11.16
N ALA A 462 -11.67 -33.14 -10.10
CA ALA A 462 -10.43 -33.87 -9.92
C ALA A 462 -10.70 -35.36 -9.74
N TYR A 463 -11.74 -35.71 -9.02
CA TYR A 463 -12.06 -37.13 -8.84
C TYR A 463 -12.38 -37.78 -10.18
N GLU A 464 -13.15 -37.10 -11.03
CA GLU A 464 -13.48 -37.68 -12.34
C GLU A 464 -12.21 -37.84 -13.18
N LEU A 465 -11.33 -36.83 -13.17
CA LEU A 465 -10.09 -36.95 -13.93
C LEU A 465 -9.25 -38.12 -13.43
N LEU A 466 -9.18 -38.30 -12.11
CA LEU A 466 -8.40 -39.40 -11.55
C LEU A 466 -8.99 -40.75 -11.92
N LYS A 467 -10.32 -40.85 -11.96
CA LYS A 467 -10.93 -42.10 -12.42
C LYS A 467 -10.59 -42.38 -13.88
N GLU A 468 -10.61 -41.34 -14.72
CA GLU A 468 -10.21 -41.53 -16.12
C GLU A 468 -8.77 -42.03 -16.21
N ILE A 469 -7.87 -41.39 -15.47
CA ILE A 469 -6.46 -41.77 -15.54
C ILE A 469 -6.26 -43.17 -15.00
N GLU A 470 -7.02 -43.56 -13.97
CA GLU A 470 -6.93 -44.93 -13.48
C GLU A 470 -7.36 -45.92 -14.53
N GLN A 471 -8.46 -45.62 -15.23
CA GLN A 471 -8.94 -46.53 -16.27
C GLN A 471 -7.92 -46.67 -17.39
N GLU A 472 -7.32 -45.56 -17.82
CA GLU A 472 -6.43 -45.61 -18.98
C GLU A 472 -5.04 -46.10 -18.63
N GLY A 473 -4.40 -45.46 -17.66
CA GLY A 473 -3.01 -45.65 -17.33
C GLY A 473 -2.24 -44.34 -17.46
N LEU A 474 -1.23 -44.17 -16.60
CA LEU A 474 -0.54 -42.88 -16.54
C LEU A 474 0.15 -42.56 -17.86
N PHE A 475 0.83 -43.55 -18.46
CA PHE A 475 1.58 -43.29 -19.67
C PHE A 475 0.65 -42.88 -20.81
N LYS A 476 -0.46 -43.60 -20.97
CA LYS A 476 -1.41 -43.25 -22.03
C LYS A 476 -1.99 -41.87 -21.81
N ALA A 477 -2.32 -41.53 -20.56
CA ALA A 477 -2.85 -40.21 -20.26
C ALA A 477 -1.83 -39.12 -20.58
N LEU A 478 -0.56 -39.37 -20.28
CA LEU A 478 0.48 -38.43 -20.68
C LEU A 478 0.54 -38.29 -22.19
N GLU A 479 0.36 -39.40 -22.91
CA GLU A 479 0.32 -39.36 -24.36
C GLU A 479 -0.86 -38.51 -24.86
N GLN A 480 -1.96 -38.49 -24.11
CA GLN A 480 -3.17 -37.79 -24.51
C GLN A 480 -3.21 -36.33 -24.09
N GLY A 481 -2.16 -35.83 -23.46
CA GLY A 481 -2.09 -34.44 -23.10
C GLY A 481 -3.19 -33.98 -22.17
N LYS A 482 -3.41 -34.74 -21.08
CA LYS A 482 -4.43 -34.40 -20.11
C LYS A 482 -3.97 -33.43 -19.03
N PHE A 483 -2.67 -33.18 -18.91
CA PHE A 483 -2.15 -32.49 -17.73
C PHE A 483 -1.71 -31.05 -18.00
N ALA A 484 -1.21 -30.74 -19.19
CA ALA A 484 -0.86 -29.35 -19.48
C ALA A 484 -1.26 -28.97 -20.91
N ASP A 485 -2.18 -29.71 -21.52
CA ASP A 485 -2.53 -29.53 -22.93
C ASP A 485 -1.34 -29.78 -23.84
N ILE A 486 -0.37 -30.57 -23.38
CA ILE A 486 0.82 -30.92 -24.14
C ILE A 486 0.85 -32.43 -24.27
N LYS A 487 0.98 -32.92 -25.51
CA LYS A 487 0.94 -34.35 -25.81
C LYS A 487 2.36 -34.82 -26.14
N ARG A 488 2.94 -35.61 -25.24
CA ARG A 488 4.26 -36.21 -25.45
C ARG A 488 4.08 -37.69 -25.71
N PRO A 489 4.61 -38.26 -26.78
CA PRO A 489 4.42 -39.69 -27.05
C PRO A 489 5.18 -40.55 -26.05
N ILE A 490 4.69 -41.79 -25.89
CA ILE A 490 5.30 -42.69 -24.92
C ILE A 490 6.75 -42.99 -25.28
N ASP A 491 7.01 -43.31 -26.54
CA ASP A 491 8.32 -43.77 -26.98
C ASP A 491 9.21 -42.64 -27.50
N GLY A 492 8.73 -41.40 -27.45
CA GLY A 492 9.51 -40.26 -27.89
C GLY A 492 10.22 -39.58 -26.73
N GLY A 493 10.86 -38.45 -27.05
CA GLY A 493 11.58 -37.67 -26.08
C GLY A 493 13.03 -38.11 -25.95
N LYS A 494 13.78 -37.33 -25.16
CA LYS A 494 15.20 -37.56 -24.99
C LYS A 494 15.46 -38.57 -23.88
N GLY A 495 16.50 -39.37 -24.05
CA GLY A 495 16.98 -40.24 -22.99
C GLY A 495 16.42 -41.65 -22.98
N LEU A 496 15.68 -42.05 -24.01
CA LEU A 496 15.16 -43.42 -24.04
C LEU A 496 16.31 -44.43 -24.10
N GLU A 497 17.41 -44.09 -24.77
CA GLU A 497 18.52 -45.02 -24.87
C GLU A 497 19.12 -45.35 -23.51
N GLY A 498 18.97 -44.46 -22.52
CA GLY A 498 19.53 -44.70 -21.21
C GLY A 498 18.77 -45.67 -20.34
N VAL A 499 17.56 -46.05 -20.72
CA VAL A 499 16.77 -46.98 -19.93
C VAL A 499 17.25 -48.40 -20.15
N VAL A 500 17.20 -49.21 -19.10
CA VAL A 500 17.68 -50.58 -19.12
C VAL A 500 16.71 -51.44 -18.33
N GLU A 501 16.78 -52.76 -18.57
CA GLU A 501 15.97 -53.72 -17.85
C GLU A 501 16.82 -54.43 -16.80
N LYS A 502 16.26 -54.62 -15.61
CA LYS A 502 17.00 -55.22 -14.51
C LYS A 502 17.21 -56.71 -14.74
N ASP A 503 18.44 -57.16 -14.55
CA ASP A 503 18.73 -58.58 -14.52
C ASP A 503 18.15 -59.20 -13.25
N PRO A 504 17.84 -60.50 -13.25
CA PRO A 504 17.36 -61.12 -12.00
C PRO A 504 18.33 -60.98 -10.84
N ASN A 505 19.64 -60.92 -11.11
CA ASN A 505 20.64 -60.75 -10.07
C ASN A 505 21.08 -59.29 -9.92
N TYR A 506 20.19 -58.36 -10.22
CA TYR A 506 20.52 -56.94 -10.11
C TYR A 506 20.74 -56.57 -8.65
N PHE A 507 21.75 -55.75 -8.39
CA PHE A 507 22.16 -55.41 -7.03
C PHE A 507 22.30 -53.91 -6.88
N ASN A 508 21.69 -53.37 -5.82
CA ASN A 508 21.82 -51.98 -5.44
C ASN A 508 21.63 -51.85 -3.93
N PRO A 509 22.70 -51.61 -3.16
CA PRO A 509 22.55 -51.61 -1.70
C PRO A 509 21.89 -50.36 -1.16
N PHE A 510 22.11 -49.24 -1.85
CA PHE A 510 21.64 -47.96 -1.34
C PHE A 510 20.13 -47.94 -1.18
N ILE A 511 19.40 -48.55 -2.10
CA ILE A 511 17.94 -48.59 -2.00
C ILE A 511 17.54 -49.23 -0.68
N ASP A 512 18.11 -50.39 -0.37
CA ASP A 512 17.73 -51.09 0.85
C ASP A 512 18.14 -50.29 2.09
N LEU A 513 19.37 -49.76 2.09
CA LEU A 513 19.84 -49.04 3.26
C LEU A 513 18.99 -47.80 3.54
N MET A 514 18.59 -47.09 2.49
CA MET A 514 17.84 -45.85 2.67
C MET A 514 16.35 -46.11 2.91
N LEU A 515 15.81 -47.22 2.41
CA LEU A 515 14.41 -47.53 2.69
C LEU A 515 14.23 -48.11 4.09
N ARG A 516 15.17 -48.92 4.57
CA ARG A 516 15.06 -49.51 5.90
C ARG A 516 15.62 -48.61 7.00
N GLY A 517 16.36 -47.55 6.64
CA GLY A 517 16.97 -46.71 7.66
C GLY A 517 15.95 -45.95 8.49
N ASP A 518 14.95 -45.37 7.85
CA ASP A 518 13.98 -44.53 8.54
C ASP A 518 13.13 -45.29 9.55
N ARG A 519 13.10 -46.62 9.47
CA ARG A 519 12.25 -47.43 10.33
C ARG A 519 12.93 -47.85 11.63
N GLY A 520 14.18 -47.45 11.84
CA GLY A 520 14.89 -47.78 13.06
C GLY A 520 15.22 -49.26 13.17
N MET B 1 -34.83 -10.14 16.04
CA MET B 1 -33.71 -9.32 16.58
C MET B 1 -32.80 -8.90 15.42
N ARG B 2 -32.19 -7.72 15.56
CA ARG B 2 -31.27 -7.23 14.55
C ARG B 2 -30.14 -8.23 14.31
N GLU B 3 -29.78 -8.40 13.04
CA GLU B 3 -28.71 -9.32 12.67
C GLU B 3 -27.35 -8.62 12.79
N SER B 4 -26.36 -9.40 13.23
CA SER B 4 -25.03 -8.86 13.46
C SER B 4 -24.00 -9.95 13.27
N LYS B 5 -22.80 -9.55 12.85
CA LYS B 5 -21.65 -10.44 12.80
C LYS B 5 -20.77 -10.36 14.03
N LEU B 6 -20.84 -9.27 14.79
CA LEU B 6 -20.00 -9.07 15.95
C LEU B 6 -20.69 -9.42 17.25
N ASN B 7 -21.89 -9.98 17.20
CA ASN B 7 -22.65 -10.29 18.40
C ASN B 7 -22.71 -9.07 19.32
N LEU B 8 -23.02 -7.92 18.72
CA LEU B 8 -22.99 -6.67 19.45
C LEU B 8 -23.96 -6.72 20.63
N ASP B 9 -23.65 -5.94 21.66
CA ASP B 9 -24.57 -5.73 22.77
C ASP B 9 -25.54 -4.63 22.34
N TRP B 10 -26.75 -5.02 21.97
CA TRP B 10 -27.70 -4.05 21.44
C TRP B 10 -28.30 -3.20 22.54
N GLU B 11 -28.41 -3.72 23.76
CA GLU B 11 -28.85 -2.89 24.88
C GLU B 11 -27.86 -1.76 25.13
N LEU B 12 -26.57 -2.05 25.05
CA LEU B 12 -25.56 -1.00 25.22
C LEU B 12 -25.65 0.02 24.10
N VAL B 13 -25.92 -0.43 22.87
CA VAL B 13 -26.05 0.51 21.75
C VAL B 13 -27.27 1.41 21.96
N ASP B 14 -28.37 0.83 22.46
CA ASP B 14 -29.55 1.63 22.74
C ASP B 14 -29.26 2.66 23.83
N LYS B 15 -28.53 2.26 24.88
CA LYS B 15 -28.19 3.19 25.94
C LYS B 15 -27.27 4.30 25.44
N ALA B 16 -26.30 3.98 24.59
CA ALA B 16 -25.45 5.00 24.00
C ALA B 16 -26.26 5.97 23.14
N ARG B 17 -27.21 5.44 22.37
CA ARG B 17 -28.05 6.28 21.55
C ARG B 17 -28.90 7.22 22.40
N GLU B 18 -29.45 6.71 23.51
CA GLU B 18 -30.24 7.56 24.40
C GLU B 18 -29.37 8.64 25.04
N ALA B 19 -28.14 8.30 25.43
CA ALA B 19 -27.24 9.29 26.00
C ALA B 19 -26.93 10.39 24.98
N ALA B 20 -26.69 10.01 23.72
CA ALA B 20 -26.45 11.02 22.69
C ALA B 20 -27.69 11.88 22.46
N ARG B 21 -28.87 11.27 22.51
CA ARG B 21 -30.09 12.04 22.36
C ARG B 21 -30.24 13.09 23.47
N ASN B 22 -29.94 12.72 24.71
CA ASN B 22 -30.05 13.67 25.80
C ASN B 22 -28.98 14.76 25.71
N ILE B 23 -27.77 14.40 25.28
CA ILE B 23 -26.75 15.42 25.03
C ILE B 23 -27.29 16.44 24.04
N VAL B 24 -27.89 15.96 22.95
CA VAL B 24 -28.36 16.87 21.91
C VAL B 24 -29.52 17.73 22.42
N LYS B 25 -30.39 17.15 23.25
CA LYS B 25 -31.45 17.97 23.86
C LYS B 25 -30.85 19.12 24.64
N ASP B 26 -29.87 18.83 25.49
CA ASP B 26 -29.27 19.89 26.30
C ASP B 26 -28.63 20.96 25.43
N THR B 27 -27.92 20.55 24.38
CA THR B 27 -27.24 21.53 23.53
C THR B 27 -28.25 22.32 22.69
N GLN B 28 -29.34 21.70 22.28
CA GLN B 28 -30.34 22.38 21.45
C GLN B 28 -31.16 23.35 22.25
N LYS B 29 -31.25 23.17 23.57
CA LYS B 29 -31.90 24.18 24.41
C LYS B 29 -31.34 25.57 24.13
N PHE B 30 -30.02 25.66 24.02
CA PHE B 30 -29.37 26.95 23.75
C PHE B 30 -29.54 27.38 22.31
N ILE B 31 -29.38 26.45 21.36
CA ILE B 31 -29.37 26.80 19.95
C ILE B 31 -30.72 27.39 19.52
N ASP B 32 -31.80 26.99 20.20
CA ASP B 32 -33.12 27.45 19.80
C ASP B 32 -33.31 28.94 20.06
N ALA B 33 -32.61 29.49 21.04
CA ALA B 33 -32.82 30.85 21.49
C ALA B 33 -31.82 31.84 20.94
N HIS B 34 -30.99 31.44 19.98
CA HIS B 34 -29.96 32.31 19.43
C HIS B 34 -29.94 32.21 17.90
N THR B 35 -29.26 33.17 17.30
CA THR B 35 -29.00 33.17 15.86
C THR B 35 -27.71 33.95 15.62
N THR B 36 -27.13 33.77 14.43
CA THR B 36 -25.89 34.43 14.08
C THR B 36 -26.14 35.37 12.90
N VAL B 37 -25.11 36.14 12.54
CA VAL B 37 -25.23 37.02 11.39
C VAL B 37 -25.22 36.23 10.09
N SER B 38 -24.53 35.09 10.06
CA SER B 38 -24.51 34.28 8.84
C SER B 38 -25.90 33.74 8.53
N VAL B 39 -26.69 33.42 9.56
CA VAL B 39 -28.06 32.97 9.33
C VAL B 39 -28.88 34.08 8.69
N GLU B 40 -28.71 35.32 9.17
CA GLU B 40 -29.43 36.44 8.57
C GLU B 40 -28.98 36.71 7.15
N ARG B 41 -27.68 36.63 6.88
CA ARG B 41 -27.20 36.82 5.51
C ARG B 41 -27.73 35.71 4.61
N THR B 42 -27.85 34.49 5.11
CA THR B 42 -28.44 33.42 4.34
C THR B 42 -29.92 33.67 4.07
N VAL B 43 -30.65 34.23 5.03
CA VAL B 43 -32.03 34.62 4.79
C VAL B 43 -32.09 35.67 3.68
N CYS B 44 -31.19 36.65 3.73
CA CYS B 44 -31.13 37.66 2.67
C CYS B 44 -30.85 37.03 1.31
N ARG B 45 -29.90 36.10 1.26
CA ARG B 45 -29.59 35.42 0.01
C ARG B 45 -30.78 34.62 -0.51
N LEU B 46 -31.47 33.93 0.38
CA LEU B 46 -32.64 33.16 -0.03
C LEU B 46 -33.76 34.06 -0.53
N LEU B 47 -33.89 35.27 0.02
CA LEU B 47 -34.95 36.16 -0.41
C LEU B 47 -34.69 36.79 -1.78
N GLY B 48 -33.48 36.67 -2.31
CA GLY B 48 -33.20 37.13 -3.66
C GLY B 48 -32.08 38.14 -3.76
N ILE B 49 -31.48 38.50 -2.63
CA ILE B 49 -30.43 39.51 -2.61
C ILE B 49 -29.13 38.86 -3.04
N ASP B 50 -28.44 39.51 -4.00
CA ASP B 50 -27.16 39.00 -4.48
C ASP B 50 -26.43 40.13 -5.18
N GLY B 51 -25.19 39.86 -5.58
CA GLY B 51 -24.36 40.84 -6.24
C GLY B 51 -23.34 41.44 -5.29
N VAL B 52 -22.59 42.41 -5.82
CA VAL B 52 -21.59 43.12 -5.05
C VAL B 52 -21.75 44.61 -5.30
N ASN B 53 -21.24 45.41 -4.36
CA ASN B 53 -21.28 46.86 -4.48
C ASN B 53 -19.98 47.34 -5.13
N ASP B 54 -19.73 48.65 -5.09
CA ASP B 54 -18.54 49.20 -5.71
C ASP B 54 -17.27 48.66 -5.05
N LEU B 55 -17.25 48.60 -3.72
CA LEU B 55 -16.06 48.21 -3.00
C LEU B 55 -15.76 46.72 -3.09
N GLY B 56 -16.69 45.91 -3.58
CA GLY B 56 -16.47 44.49 -3.70
C GLY B 56 -17.05 43.65 -2.57
N VAL B 57 -17.85 44.24 -1.69
CA VAL B 57 -18.48 43.50 -0.61
C VAL B 57 -19.85 43.02 -1.10
N PRO B 58 -20.24 41.77 -0.84
CA PRO B 58 -21.57 41.32 -1.27
C PRO B 58 -22.69 42.13 -0.62
N LEU B 59 -23.84 42.15 -1.28
CA LEU B 59 -24.97 42.95 -0.83
C LEU B 59 -25.63 42.38 0.41
N PRO B 60 -25.72 41.06 0.56
CA PRO B 60 -26.20 40.52 1.85
C PRO B 60 -25.38 41.01 3.03
N ASN B 61 -24.06 41.09 2.85
CA ASN B 61 -23.20 41.63 3.89
C ASN B 61 -23.57 43.06 4.22
N VAL B 62 -23.80 43.88 3.19
CA VAL B 62 -24.12 45.29 3.41
C VAL B 62 -25.44 45.41 4.16
N VAL B 63 -26.46 44.66 3.73
CA VAL B 63 -27.77 44.77 4.36
C VAL B 63 -27.70 44.33 5.81
N VAL B 64 -27.02 43.21 6.08
CA VAL B 64 -26.98 42.71 7.46
C VAL B 64 -26.16 43.64 8.34
N ASP B 65 -25.04 44.17 7.82
CA ASP B 65 -24.25 45.10 8.61
C ASP B 65 -25.03 46.37 8.92
N HIS B 66 -25.78 46.89 7.94
CA HIS B 66 -26.61 48.06 8.18
C HIS B 66 -27.64 47.78 9.26
N ILE B 67 -28.35 46.65 9.15
CA ILE B 67 -29.39 46.33 10.12
C ILE B 67 -28.78 46.14 11.51
N LYS B 68 -27.58 45.55 11.57
CA LYS B 68 -26.95 45.29 12.86
C LYS B 68 -26.50 46.58 13.53
N SER B 69 -25.79 47.44 12.78
CA SER B 69 -25.23 48.64 13.40
C SER B 69 -26.32 49.66 13.69
N LYS B 70 -27.23 49.91 12.75
CA LYS B 70 -28.22 50.96 12.94
C LYS B 70 -29.44 50.47 13.70
N GLY B 71 -29.79 49.19 13.60
CA GLY B 71 -31.02 48.70 14.18
C GLY B 71 -30.86 47.47 15.04
N ASN B 72 -31.97 46.77 15.28
CA ASN B 72 -32.02 45.62 16.18
C ASN B 72 -32.04 44.35 15.33
N LEU B 73 -30.89 43.67 15.27
CA LEU B 73 -30.79 42.44 14.48
C LEU B 73 -31.47 41.27 15.15
N SER B 74 -31.89 41.38 16.40
CA SER B 74 -32.62 40.31 17.05
C SER B 74 -34.01 40.11 16.46
N LEU B 75 -34.48 41.05 15.63
CA LEU B 75 -35.73 40.86 14.91
C LEU B 75 -35.55 40.10 13.60
N GLY B 76 -34.32 39.88 13.17
CA GLY B 76 -34.07 39.17 11.93
C GLY B 76 -34.07 40.08 10.73
N ALA B 77 -33.34 39.67 9.70
CA ALA B 77 -33.30 40.45 8.46
C ALA B 77 -34.63 40.39 7.72
N ALA B 78 -35.39 39.31 7.90
CA ALA B 78 -36.66 39.18 7.19
C ALA B 78 -37.62 40.29 7.58
N THR B 79 -37.68 40.64 8.85
CA THR B 79 -38.59 41.70 9.29
C THR B 79 -38.32 42.99 8.54
N TYR B 80 -37.07 43.44 8.54
CA TYR B 80 -36.73 44.72 7.92
C TYR B 80 -36.85 44.66 6.41
N ILE B 81 -36.44 43.55 5.80
CA ILE B 81 -36.58 43.41 4.35
C ILE B 81 -38.05 43.50 3.95
N GLY B 82 -38.90 42.78 4.67
CA GLY B 82 -40.32 42.82 4.34
C GLY B 82 -40.92 44.19 4.57
N ASN B 83 -40.51 44.86 5.65
CA ASN B 83 -41.02 46.21 5.90
C ASN B 83 -40.63 47.16 4.78
N ALA B 84 -39.38 47.08 4.31
CA ALA B 84 -38.97 47.90 3.19
C ALA B 84 -39.75 47.54 1.94
N MET B 85 -40.07 46.25 1.77
CA MET B 85 -40.88 45.84 0.62
C MET B 85 -42.26 46.46 0.66
N ILE B 86 -42.89 46.52 1.84
CA ILE B 86 -44.18 47.20 1.95
C ILE B 86 -44.01 48.69 1.67
N TYR B 87 -42.96 49.31 2.22
CA TYR B 87 -42.83 50.75 2.12
C TYR B 87 -42.55 51.18 0.68
N THR B 88 -41.41 50.77 0.13
CA THR B 88 -41.04 51.20 -1.22
C THR B 88 -41.80 50.43 -2.30
N GLY B 89 -42.17 49.18 -2.02
CA GLY B 89 -42.85 48.37 -3.01
C GLY B 89 -41.93 47.65 -3.99
N LEU B 90 -40.62 47.68 -3.75
CA LEU B 90 -39.67 47.08 -4.67
C LEU B 90 -39.44 45.61 -4.31
N SER B 91 -38.46 44.99 -4.97
CA SER B 91 -38.04 43.64 -4.67
C SER B 91 -36.83 43.65 -3.76
N PRO B 92 -36.57 42.56 -3.03
CA PRO B 92 -35.47 42.58 -2.06
C PRO B 92 -34.12 42.96 -2.67
N GLN B 93 -33.84 42.49 -3.89
CA GLN B 93 -32.56 42.84 -4.51
C GLN B 93 -32.46 44.33 -4.78
N GLU B 94 -33.56 44.94 -5.25
CA GLU B 94 -33.55 46.39 -5.48
C GLU B 94 -33.35 47.14 -4.17
N ILE B 95 -33.98 46.69 -3.09
CA ILE B 95 -33.79 47.33 -1.79
C ILE B 95 -32.34 47.22 -1.36
N ALA B 96 -31.73 46.05 -1.55
CA ALA B 96 -30.32 45.89 -1.19
C ALA B 96 -29.44 46.82 -2.00
N GLU B 97 -29.72 46.97 -3.30
CA GLU B 97 -28.95 47.89 -4.13
C GLU B 97 -29.11 49.32 -3.64
N ARG B 98 -30.34 49.72 -3.30
CA ARG B 98 -30.56 51.08 -2.81
C ARG B 98 -29.80 51.32 -1.51
N VAL B 99 -29.84 50.35 -0.60
CA VAL B 99 -29.10 50.48 0.66
C VAL B 99 -27.61 50.60 0.39
N ALA B 100 -27.09 49.76 -0.52
CA ALA B 100 -25.67 49.81 -0.83
C ALA B 100 -25.27 51.18 -1.38
N LYS B 101 -26.08 51.73 -2.27
CA LYS B 101 -25.77 53.04 -2.84
C LYS B 101 -25.99 54.17 -1.85
N GLY B 102 -26.73 53.93 -0.78
CA GLY B 102 -26.96 54.94 0.23
C GLY B 102 -28.24 55.73 0.07
N GLU B 103 -29.14 55.31 -0.81
CA GLU B 103 -30.39 56.03 -1.07
C GLU B 103 -31.52 55.63 -0.14
N LEU B 104 -31.31 54.63 0.73
CA LEU B 104 -32.35 54.17 1.63
C LEU B 104 -31.73 53.80 2.98
N ASP B 105 -32.55 53.84 4.02
CA ASP B 105 -32.13 53.47 5.37
C ASP B 105 -33.27 52.64 5.96
N LEU B 106 -33.04 51.33 6.09
CA LEU B 106 -34.11 50.42 6.48
C LEU B 106 -34.63 50.72 7.88
N THR B 107 -33.76 51.18 8.78
CA THR B 107 -34.13 51.34 10.19
C THR B 107 -34.89 52.62 10.46
N SER B 108 -35.04 53.51 9.48
CA SER B 108 -35.79 54.75 9.66
C SER B 108 -37.22 54.66 9.15
N ILE B 109 -37.53 53.67 8.32
CA ILE B 109 -38.89 53.49 7.81
C ILE B 109 -39.82 53.17 8.98
N PRO B 110 -41.04 53.69 9.01
CA PRO B 110 -41.99 53.26 10.04
C PRO B 110 -42.23 51.75 9.95
N MET B 111 -42.35 51.12 11.12
CA MET B 111 -42.52 49.68 11.19
C MET B 111 -44.00 49.33 11.06
N ALA B 112 -44.33 48.52 10.06
CA ALA B 112 -45.70 48.07 9.87
C ALA B 112 -46.00 46.89 10.79
N ASP B 113 -47.27 46.50 10.83
CA ASP B 113 -47.67 45.36 11.62
C ASP B 113 -46.96 44.09 11.15
N LEU B 114 -46.47 43.30 12.10
CA LEU B 114 -45.66 42.14 11.74
C LEU B 114 -46.41 41.17 10.83
N PHE B 115 -47.73 41.06 11.00
CA PHE B 115 -48.51 40.16 10.17
C PHE B 115 -48.38 40.52 8.69
N GLU B 116 -48.44 41.82 8.38
CA GLU B 116 -48.29 42.26 7.00
C GLU B 116 -46.89 41.97 6.47
N ILE B 117 -45.86 42.11 7.31
CA ILE B 117 -44.51 41.80 6.87
C ILE B 117 -44.38 40.31 6.55
N LYS B 118 -44.95 39.45 7.41
CA LYS B 118 -44.92 38.02 7.13
C LYS B 118 -45.62 37.70 5.82
N LEU B 119 -46.79 38.32 5.59
CA LEU B 119 -47.50 38.09 4.34
C LEU B 119 -46.68 38.57 3.14
N ALA B 120 -45.98 39.70 3.30
CA ALA B 120 -45.17 40.21 2.21
C ALA B 120 -44.03 39.26 1.86
N VAL B 121 -43.38 38.67 2.87
CA VAL B 121 -42.21 37.84 2.61
C VAL B 121 -42.58 36.41 2.22
N GLN B 122 -43.80 35.97 2.53
CA GLN B 122 -44.15 34.57 2.34
C GLN B 122 -44.04 34.14 0.88
N ASP B 123 -44.44 35.00 -0.06
CA ASP B 123 -44.45 34.60 -1.45
C ASP B 123 -43.03 34.30 -1.95
N ILE B 124 -42.08 35.17 -1.64
CA ILE B 124 -40.70 34.93 -2.07
C ILE B 124 -40.12 33.72 -1.35
N ALA B 125 -40.47 33.54 -0.08
CA ALA B 125 -40.01 32.34 0.62
C ALA B 125 -40.49 31.09 -0.10
N ILE B 126 -41.76 31.06 -0.49
CA ILE B 126 -42.31 29.89 -1.16
C ILE B 126 -41.65 29.67 -2.52
N LYS B 127 -41.38 30.76 -3.24
CA LYS B 127 -40.71 30.62 -4.53
C LYS B 127 -39.34 29.98 -4.38
N THR B 128 -38.55 30.44 -3.40
CA THR B 128 -37.22 29.85 -3.22
C THR B 128 -37.32 28.39 -2.79
N VAL B 129 -38.26 28.08 -1.90
CA VAL B 129 -38.46 26.70 -1.48
C VAL B 129 -38.78 25.82 -2.68
N GLU B 130 -39.64 26.32 -3.58
CA GLU B 130 -40.03 25.53 -4.74
C GLU B 130 -38.86 25.34 -5.70
N LYS B 131 -38.00 26.35 -5.83
CA LYS B 131 -36.81 26.17 -6.66
C LYS B 131 -35.93 25.06 -6.11
N ILE B 132 -35.70 25.06 -4.80
CA ILE B 132 -34.86 24.01 -4.21
C ILE B 132 -35.51 22.64 -4.40
N ARG B 133 -36.83 22.57 -4.24
CA ARG B 133 -37.54 21.31 -4.42
C ARG B 133 -37.42 20.81 -5.85
N GLU B 134 -37.50 21.71 -6.83
CA GLU B 134 -37.36 21.28 -8.22
C GLU B 134 -35.94 20.79 -8.49
N ASN B 135 -34.94 21.39 -7.86
CA ASN B 135 -33.58 20.85 -7.98
C ASN B 135 -33.48 19.44 -7.44
N ARG B 136 -34.09 19.20 -6.27
CA ARG B 136 -34.09 17.84 -5.73
C ARG B 136 -34.76 16.87 -6.69
N ARG B 137 -35.89 17.28 -7.27
CA ARG B 137 -36.60 16.44 -8.22
C ARG B 137 -35.72 16.13 -9.42
N LYS B 138 -34.98 17.11 -9.91
CA LYS B 138 -34.11 16.89 -11.07
C LYS B 138 -33.00 15.91 -10.73
N ARG B 139 -32.40 16.01 -9.54
CA ARG B 139 -31.37 15.06 -9.16
C ARG B 139 -31.94 13.64 -9.11
N GLU B 140 -33.11 13.48 -8.51
CA GLU B 140 -33.73 12.15 -8.44
C GLU B 140 -34.04 11.62 -9.82
N GLU B 141 -34.50 12.49 -10.72
CA GLU B 141 -34.78 12.07 -12.09
C GLU B 141 -33.52 11.61 -12.80
N PHE B 142 -32.41 12.32 -12.62
CA PHE B 142 -31.14 11.90 -13.21
C PHE B 142 -30.72 10.53 -12.68
N LEU B 143 -30.76 10.35 -11.36
CA LEU B 143 -30.37 9.06 -10.79
C LEU B 143 -31.26 7.93 -11.27
N LYS B 144 -32.57 8.18 -11.38
CA LYS B 144 -33.49 7.17 -11.88
C LYS B 144 -33.19 6.83 -13.34
N LYS B 145 -32.93 7.84 -14.16
CA LYS B 145 -32.69 7.62 -15.58
C LYS B 145 -31.40 6.83 -15.81
N TYR B 146 -30.30 7.28 -15.22
CA TYR B 146 -29.02 6.65 -15.48
C TYR B 146 -28.80 5.38 -14.67
N GLY B 147 -29.61 5.14 -13.65
CA GLY B 147 -29.36 4.06 -12.72
C GLY B 147 -28.31 4.46 -11.68
N ASP B 148 -28.31 3.72 -10.59
CA ASP B 148 -27.40 3.99 -9.48
C ASP B 148 -26.54 2.76 -9.20
N LYS B 149 -25.33 3.02 -8.71
CA LYS B 149 -24.40 1.96 -8.37
C LYS B 149 -24.92 1.16 -7.18
N GLU B 150 -24.37 -0.05 -7.03
CA GLU B 150 -24.66 -0.88 -5.86
C GLU B 150 -23.45 -1.04 -4.95
N GLY B 151 -22.23 -0.90 -5.47
CA GLY B 151 -21.03 -0.97 -4.69
C GLY B 151 -20.59 0.39 -4.20
N PRO B 152 -19.32 0.52 -3.82
CA PRO B 152 -18.82 1.82 -3.34
C PRO B 152 -18.79 2.87 -4.43
N LEU B 153 -18.90 4.13 -4.02
CA LEU B 153 -18.77 5.27 -4.91
C LEU B 153 -17.36 5.83 -4.78
N LEU B 154 -16.55 5.69 -5.83
CA LEU B 154 -15.20 6.24 -5.81
C LEU B 154 -15.28 7.76 -5.67
N TYR B 155 -14.40 8.33 -4.87
CA TYR B 155 -14.48 9.73 -4.44
C TYR B 155 -13.11 10.35 -4.59
N VAL B 156 -12.97 11.26 -5.55
CA VAL B 156 -11.69 11.92 -5.83
C VAL B 156 -11.84 13.42 -5.60
N ILE B 157 -10.72 14.06 -5.33
CA ILE B 157 -10.66 15.49 -5.02
C ILE B 157 -9.76 16.16 -6.04
N VAL B 158 -10.18 17.32 -6.53
CA VAL B 158 -9.42 18.11 -7.49
C VAL B 158 -9.11 19.46 -6.84
N ALA B 159 -7.82 19.82 -6.81
CA ALA B 159 -7.38 20.93 -5.97
C ALA B 159 -6.35 21.83 -6.63
N THR B 160 -6.38 22.00 -7.95
CA THR B 160 -5.32 22.77 -8.60
C THR B 160 -5.37 24.24 -8.23
N GLY B 161 -6.56 24.75 -7.87
CA GLY B 161 -6.72 26.15 -7.56
C GLY B 161 -7.23 27.00 -8.70
N ASN B 162 -7.24 26.47 -9.92
CA ASN B 162 -7.84 27.14 -11.07
C ASN B 162 -9.15 26.43 -11.37
N ILE B 163 -10.23 27.20 -11.49
CA ILE B 163 -11.55 26.58 -11.68
C ILE B 163 -11.60 25.81 -13.00
N TYR B 164 -10.95 26.33 -14.04
CA TYR B 164 -11.05 25.71 -15.35
C TYR B 164 -10.17 24.47 -15.46
N GLU B 165 -8.97 24.50 -14.89
CA GLU B 165 -8.19 23.27 -14.82
C GLU B 165 -8.86 22.25 -13.90
N ASP B 166 -9.57 22.74 -12.89
CA ASP B 166 -10.37 21.85 -12.06
C ASP B 166 -11.46 21.18 -12.88
N VAL B 167 -12.11 21.94 -13.77
CA VAL B 167 -13.12 21.36 -14.65
C VAL B 167 -12.49 20.30 -15.53
N VAL B 168 -11.34 20.62 -16.12
CA VAL B 168 -10.69 19.69 -17.04
C VAL B 168 -10.32 18.39 -16.33
N GLN B 169 -9.69 18.50 -15.17
CA GLN B 169 -9.25 17.29 -14.47
C GLN B 169 -10.41 16.55 -13.81
N ALA B 170 -11.48 17.27 -13.44
CA ALA B 170 -12.66 16.60 -12.92
C ALA B 170 -13.35 15.79 -14.01
N GLN B 171 -13.42 16.35 -15.22
CA GLN B 171 -13.97 15.59 -16.35
C GLN B 171 -13.07 14.40 -16.67
N ALA B 172 -11.75 14.58 -16.57
CA ALA B 172 -10.83 13.48 -16.81
C ALA B 172 -11.02 12.36 -15.79
N ALA B 173 -11.21 12.71 -14.52
CA ALA B 173 -11.38 11.69 -13.49
C ALA B 173 -12.76 11.03 -13.58
N ALA B 174 -13.78 11.81 -13.92
CA ALA B 174 -15.12 11.24 -14.12
C ALA B 174 -15.13 10.28 -15.30
N ARG B 175 -14.40 10.60 -16.37
CA ARG B 175 -14.29 9.68 -17.49
C ARG B 175 -13.59 8.39 -17.06
N GLN B 176 -12.66 8.49 -16.11
CA GLN B 176 -12.22 7.33 -15.37
C GLN B 176 -13.33 6.93 -14.39
N GLY B 177 -13.05 5.98 -13.52
CA GLY B 177 -14.09 5.40 -12.70
C GLY B 177 -14.54 6.21 -11.49
N ALA B 178 -14.39 7.53 -11.51
CA ALA B 178 -14.75 8.34 -10.35
C ALA B 178 -16.25 8.61 -10.31
N ASP B 179 -16.83 8.49 -9.11
CA ASP B 179 -18.27 8.64 -8.92
C ASP B 179 -18.66 9.93 -8.21
N VAL B 180 -17.80 10.48 -7.37
CA VAL B 180 -18.05 11.73 -6.65
C VAL B 180 -16.83 12.62 -6.80
N ILE B 181 -17.05 13.88 -7.18
CA ILE B 181 -15.98 14.85 -7.37
C ILE B 181 -16.12 15.92 -6.32
N ALA B 182 -15.07 16.12 -5.53
CA ALA B 182 -15.03 17.14 -4.48
C ALA B 182 -13.94 18.14 -4.81
N VAL B 183 -14.28 19.42 -4.74
CA VAL B 183 -13.34 20.50 -5.05
C VAL B 183 -12.91 21.07 -3.69
N ILE B 184 -11.75 20.62 -3.21
CA ILE B 184 -11.29 21.05 -1.90
C ILE B 184 -11.15 22.57 -1.89
N ARG B 185 -11.55 23.18 -0.79
CA ARG B 185 -11.70 24.62 -0.72
C ARG B 185 -10.35 25.30 -0.48
N ALA B 186 -10.28 26.57 -0.87
CA ALA B 186 -9.05 27.32 -0.72
C ALA B 186 -8.70 27.49 0.75
N THR B 187 -7.42 27.40 1.07
CA THR B 187 -6.96 27.63 2.43
C THR B 187 -7.30 29.04 2.85
N ALA B 188 -7.80 29.19 4.08
CA ALA B 188 -8.21 30.49 4.61
C ALA B 188 -9.39 31.06 3.83
N GLN B 189 -10.41 30.22 3.67
CA GLN B 189 -11.76 30.68 3.37
C GLN B 189 -12.70 30.49 4.54
N SER B 190 -12.44 29.51 5.40
CA SER B 190 -13.24 29.36 6.60
C SER B 190 -13.12 30.58 7.52
N LEU B 191 -12.03 31.32 7.41
CA LEU B 191 -11.83 32.47 8.29
C LEU B 191 -12.58 33.70 7.79
N LEU B 192 -12.85 33.79 6.49
CA LEU B 192 -13.56 34.94 5.97
C LEU B 192 -14.98 34.98 6.53
N ASP B 193 -15.51 36.20 6.63
CA ASP B 193 -16.89 36.43 7.06
C ASP B 193 -17.82 36.73 5.89
N TYR B 194 -17.37 36.50 4.66
CA TYR B 194 -18.17 36.78 3.48
C TYR B 194 -17.84 35.74 2.41
N VAL B 195 -18.79 35.50 1.53
CA VAL B 195 -18.62 34.54 0.43
C VAL B 195 -18.23 35.33 -0.82
N PRO B 196 -17.06 35.05 -1.43
CA PRO B 196 -16.64 35.84 -2.59
C PRO B 196 -17.67 35.84 -3.71
N TYR B 197 -17.44 36.65 -4.73
CA TYR B 197 -18.35 36.78 -5.86
C TYR B 197 -17.64 36.48 -7.17
N GLY B 198 -18.33 35.81 -8.08
CA GLY B 198 -17.81 35.51 -9.39
C GLY B 198 -16.93 34.28 -9.41
N PRO B 199 -16.47 33.90 -10.60
CA PRO B 199 -15.53 32.78 -10.70
C PRO B 199 -14.11 33.21 -10.37
N THR B 200 -13.35 32.27 -9.82
CA THR B 200 -11.98 32.53 -9.37
C THR B 200 -11.01 31.65 -10.13
N THR B 201 -9.97 32.25 -10.69
CA THR B 201 -8.88 31.53 -11.34
C THR B 201 -7.66 31.42 -10.44
N GLU B 202 -7.76 31.81 -9.17
CA GLU B 202 -6.63 31.80 -8.25
C GLU B 202 -7.05 31.18 -6.93
N GLY B 203 -6.08 30.60 -6.23
CA GLY B 203 -6.33 29.98 -4.95
C GLY B 203 -5.16 29.16 -4.47
N PHE B 204 -4.90 29.18 -3.17
CA PHE B 204 -3.77 28.50 -2.56
C PHE B 204 -4.27 27.29 -1.79
N GLY B 205 -3.95 26.10 -2.27
CA GLY B 205 -4.40 24.87 -1.66
C GLY B 205 -5.75 24.37 -2.12
N GLY B 206 -6.45 25.11 -2.98
CA GLY B 206 -7.76 24.72 -3.41
C GLY B 206 -8.42 25.85 -4.17
N THR B 207 -9.74 25.72 -4.34
CA THR B 207 -10.54 26.70 -5.07
C THR B 207 -11.55 27.34 -4.12
N TYR B 208 -11.82 28.62 -4.32
CA TYR B 208 -12.83 29.29 -3.51
C TYR B 208 -14.21 28.74 -3.82
N ALA B 209 -15.04 28.64 -2.79
CA ALA B 209 -16.41 28.13 -2.92
C ALA B 209 -17.32 29.31 -3.20
N THR B 210 -17.63 29.53 -4.48
CA THR B 210 -18.53 30.59 -4.90
C THR B 210 -19.67 29.98 -5.69
N GLN B 211 -20.76 30.74 -5.83
CA GLN B 211 -21.92 30.22 -6.55
C GLN B 211 -21.60 30.00 -8.03
N GLU B 212 -20.81 30.89 -8.63
CA GLU B 212 -20.48 30.71 -10.04
C GLU B 212 -19.58 29.51 -10.26
N ASN B 213 -18.67 29.24 -9.32
CA ASN B 213 -17.88 28.01 -9.41
C ASN B 213 -18.79 26.79 -9.32
N PHE B 214 -19.78 26.84 -8.43
CA PHE B 214 -20.75 25.76 -8.34
C PHE B 214 -21.45 25.55 -9.67
N ARG B 215 -21.92 26.63 -10.29
CA ARG B 215 -22.64 26.51 -11.55
C ARG B 215 -21.74 25.95 -12.65
N ILE B 216 -20.50 26.43 -12.72
CA ILE B 216 -19.58 25.96 -13.75
C ILE B 216 -19.32 24.47 -13.60
N MET B 217 -19.02 24.03 -12.38
CA MET B 217 -18.69 22.62 -12.18
C MET B 217 -19.91 21.73 -12.36
N ARG B 218 -21.10 22.22 -11.97
CA ARG B 218 -22.32 21.47 -12.20
C ARG B 218 -22.57 21.28 -13.70
N LYS B 219 -22.38 22.34 -14.49
CA LYS B 219 -22.53 22.21 -15.94
C LYS B 219 -21.54 21.19 -16.50
N ALA B 220 -20.28 21.28 -16.10
CA ALA B 220 -19.27 20.36 -16.61
C ALA B 220 -19.62 18.91 -16.27
N LEU B 221 -20.02 18.67 -15.02
CA LEU B 221 -20.33 17.30 -14.60
C LEU B 221 -21.60 16.79 -15.25
N ASP B 222 -22.58 17.67 -15.50
CA ASP B 222 -23.77 17.23 -16.23
C ASP B 222 -23.40 16.80 -17.64
N GLU B 223 -22.56 17.57 -18.32
CA GLU B 223 -22.13 17.18 -19.66
C GLU B 223 -21.41 15.83 -19.63
N VAL B 224 -20.51 15.65 -18.66
CA VAL B 224 -19.77 14.39 -18.60
C VAL B 224 -20.71 13.23 -18.26
N SER B 225 -21.72 13.46 -17.42
CA SER B 225 -22.68 12.39 -17.13
C SER B 225 -23.46 12.00 -18.37
N GLU B 226 -23.87 12.99 -19.18
CA GLU B 226 -24.50 12.65 -20.44
C GLU B 226 -23.58 11.82 -21.31
N GLU B 227 -22.28 12.17 -21.34
CA GLU B 227 -21.33 11.42 -22.14
C GLU B 227 -21.21 9.98 -21.66
N LEU B 228 -20.95 9.78 -20.37
CA LEU B 228 -20.63 8.46 -19.84
C LEU B 228 -21.85 7.60 -19.60
N GLY B 229 -23.03 8.18 -19.47
CA GLY B 229 -24.22 7.41 -19.17
C GLY B 229 -24.40 7.06 -17.71
N ARG B 230 -23.62 7.66 -16.81
CA ARG B 230 -23.80 7.47 -15.38
C ARG B 230 -23.66 8.80 -14.68
N TYR B 231 -24.29 8.91 -13.51
CA TYR B 231 -24.39 10.18 -12.79
C TYR B 231 -23.14 10.44 -11.96
N ILE B 232 -22.57 11.64 -12.16
CA ILE B 232 -21.38 12.08 -11.43
C ILE B 232 -21.82 13.13 -10.43
N ARG B 233 -21.52 12.91 -9.15
CA ARG B 233 -21.94 13.80 -8.09
C ARG B 233 -20.95 14.94 -7.89
N LEU B 234 -21.42 16.00 -7.24
CA LEU B 234 -20.63 17.19 -6.94
C LEU B 234 -20.65 17.42 -5.44
N CYS B 235 -19.49 17.67 -4.85
CA CYS B 235 -19.34 17.83 -3.42
C CYS B 235 -18.64 19.14 -3.10
N ASN B 236 -18.99 19.71 -1.96
CA ASN B 236 -18.32 20.91 -1.45
C ASN B 236 -18.40 20.90 0.07
N TYR B 237 -17.81 21.93 0.69
CA TYR B 237 -17.66 22.01 2.13
C TYR B 237 -18.41 23.22 2.64
N ALA B 238 -19.29 23.00 3.62
CA ALA B 238 -20.08 24.07 4.21
C ALA B 238 -19.53 24.52 5.56
N SER B 239 -18.22 24.44 5.76
CA SER B 239 -17.61 24.89 7.00
C SER B 239 -17.27 26.38 6.92
N GLY B 240 -16.90 26.94 8.06
CA GLY B 240 -16.42 28.30 8.15
C GLY B 240 -17.37 29.21 8.91
N LEU B 241 -17.13 30.52 8.76
CA LEU B 241 -18.01 31.50 9.36
C LEU B 241 -19.24 31.77 8.51
N CYS B 242 -19.28 31.23 7.28
CA CYS B 242 -20.41 31.38 6.36
C CYS B 242 -20.99 30.02 6.00
N MET B 243 -21.22 29.17 7.00
CA MET B 243 -21.70 27.81 6.73
C MET B 243 -23.08 27.79 6.11
N PRO B 244 -24.11 28.42 6.70
CA PRO B 244 -25.45 28.38 6.07
C PRO B 244 -25.49 29.03 4.70
N GLU B 245 -24.66 30.04 4.45
CA GLU B 245 -24.64 30.65 3.13
C GLU B 245 -24.20 29.66 2.07
N ILE B 246 -23.11 28.94 2.32
CA ILE B 246 -22.63 27.95 1.35
C ILE B 246 -23.62 26.80 1.24
N ALA B 247 -24.29 26.46 2.35
CA ALA B 247 -25.34 25.45 2.26
C ALA B 247 -26.44 25.88 1.31
N ALA B 248 -26.88 27.14 1.42
CA ALA B 248 -27.94 27.63 0.54
C ALA B 248 -27.46 27.70 -0.91
N MET B 249 -26.23 28.13 -1.12
CA MET B 249 -25.70 28.20 -2.49
C MET B 249 -25.63 26.81 -3.12
N GLY B 250 -25.18 25.81 -2.36
CA GLY B 250 -25.19 24.46 -2.87
C GLY B 250 -26.58 23.93 -3.14
N ALA B 251 -27.53 24.23 -2.24
CA ALA B 251 -28.91 23.80 -2.46
C ALA B 251 -29.48 24.42 -3.72
N LEU B 252 -29.12 25.67 -4.02
CA LEU B 252 -29.62 26.35 -5.20
C LEU B 252 -28.94 25.89 -6.48
N GLU B 253 -27.67 25.48 -6.39
CA GLU B 253 -26.90 25.04 -7.55
C GLU B 253 -26.90 23.53 -7.74
N ARG B 254 -27.64 22.79 -6.91
CA ARG B 254 -27.79 21.34 -7.03
C ARG B 254 -26.45 20.63 -6.88
N LEU B 255 -25.85 20.79 -5.71
CA LEU B 255 -24.82 19.88 -5.26
C LEU B 255 -25.47 18.68 -4.60
N ASP B 256 -24.81 17.53 -4.69
CA ASP B 256 -25.39 16.28 -4.21
C ASP B 256 -24.80 15.82 -2.89
N VAL B 257 -23.62 16.30 -2.51
CA VAL B 257 -23.02 16.01 -1.22
C VAL B 257 -22.46 17.31 -0.65
N MET B 258 -22.28 17.34 0.67
CA MET B 258 -21.80 18.54 1.35
C MET B 258 -21.23 18.14 2.69
N LEU B 259 -20.03 18.63 3.00
CA LEU B 259 -19.35 18.31 4.26
C LEU B 259 -19.80 19.28 5.33
N ASN B 260 -20.69 18.83 6.22
CA ASN B 260 -21.35 19.68 7.20
C ASN B 260 -21.09 19.10 8.59
N ASP B 261 -20.07 19.63 9.26
CA ASP B 261 -19.77 19.27 10.64
C ASP B 261 -19.24 20.52 11.35
N ALA B 262 -19.73 20.75 12.56
CA ALA B 262 -19.30 21.91 13.34
C ALA B 262 -18.11 21.59 14.21
N LEU B 263 -18.01 20.36 14.70
CA LEU B 263 -16.89 19.99 15.55
C LEU B 263 -15.57 20.15 14.82
N TYR B 264 -15.53 19.84 13.52
CA TYR B 264 -14.30 20.11 12.77
C TYR B 264 -13.96 21.59 12.85
N GLY B 265 -14.93 22.45 12.56
CA GLY B 265 -14.64 23.88 12.61
C GLY B 265 -14.07 24.29 13.94
N ILE B 266 -14.75 23.89 15.03
CA ILE B 266 -14.32 24.30 16.36
C ILE B 266 -12.90 23.80 16.65
N LEU B 267 -12.63 22.54 16.32
CA LEU B 267 -11.40 21.90 16.79
C LEU B 267 -10.21 22.19 15.89
N PHE B 268 -10.42 22.37 14.58
CA PHE B 268 -9.33 22.47 13.63
C PHE B 268 -9.22 23.83 12.95
N ARG B 269 -10.21 24.70 13.08
CA ARG B 269 -10.11 26.07 12.58
C ARG B 269 -10.22 27.10 13.69
N ASP B 270 -10.54 26.68 14.91
CA ASP B 270 -10.62 27.58 16.05
C ASP B 270 -11.72 28.62 15.86
N ILE B 271 -12.91 28.14 15.55
CA ILE B 271 -14.10 28.97 15.50
C ILE B 271 -14.86 28.77 16.81
N ASN B 272 -15.57 29.80 17.25
CA ASN B 272 -16.31 29.71 18.49
C ASN B 272 -17.37 28.61 18.39
N MET B 273 -17.60 27.89 19.48
CA MET B 273 -18.50 26.74 19.42
C MET B 273 -19.96 27.17 19.32
N LYS B 274 -20.34 28.24 20.01
CA LYS B 274 -21.72 28.71 19.92
C LYS B 274 -22.05 29.16 18.50
N ARG B 275 -21.15 29.95 17.90
CA ARG B 275 -21.33 30.37 16.52
C ARG B 275 -21.51 29.17 15.61
N THR B 276 -20.64 28.18 15.75
CA THR B 276 -20.65 27.05 14.82
C THR B 276 -21.89 26.18 15.01
N MET B 277 -22.31 25.96 16.25
CA MET B 277 -23.52 25.18 16.49
C MET B 277 -24.75 25.88 15.90
N VAL B 278 -24.86 27.20 16.11
CA VAL B 278 -26.04 27.90 15.62
C VAL B 278 -26.04 27.98 14.09
N ASP B 279 -24.86 28.14 13.48
CA ASP B 279 -24.77 28.03 12.03
C ASP B 279 -25.19 26.64 11.55
N GLN B 280 -24.70 25.62 12.24
CA GLN B 280 -24.86 24.25 11.79
C GLN B 280 -26.32 23.84 11.76
N PHE B 281 -27.09 24.28 12.75
CA PHE B 281 -28.51 23.92 12.75
C PHE B 281 -29.19 24.32 11.44
N PHE B 282 -29.04 25.59 11.06
CA PHE B 282 -29.72 26.09 9.86
C PHE B 282 -29.15 25.47 8.59
N SER B 283 -27.83 25.32 8.53
CA SER B 283 -27.25 24.71 7.34
C SER B 283 -27.73 23.28 7.16
N ARG B 284 -27.87 22.54 8.26
CA ARG B 284 -28.35 21.17 8.15
C ARG B 284 -29.83 21.11 7.82
N VAL B 285 -30.61 22.09 8.29
CA VAL B 285 -32.01 22.15 7.86
C VAL B 285 -32.09 22.33 6.35
N ILE B 286 -31.29 23.25 5.81
CA ILE B 286 -31.28 23.50 4.37
C ILE B 286 -30.84 22.24 3.62
N ASN B 287 -29.78 21.60 4.10
CA ASN B 287 -29.25 20.42 3.41
C ASN B 287 -30.22 19.25 3.47
N GLY B 288 -30.93 19.10 4.60
CA GLY B 288 -31.92 18.05 4.68
C GLY B 288 -33.08 18.29 3.72
N PHE B 289 -33.55 19.53 3.62
CA PHE B 289 -34.63 19.81 2.68
C PHE B 289 -34.16 19.63 1.24
N ALA B 290 -32.96 20.11 0.92
CA ALA B 290 -32.47 20.13 -0.45
C ALA B 290 -32.18 18.75 -1.00
N GLY B 291 -32.14 17.72 -0.17
CA GLY B 291 -31.81 16.39 -0.62
C GLY B 291 -30.33 16.08 -0.66
N ILE B 292 -29.51 16.87 0.03
CA ILE B 292 -28.06 16.69 0.01
C ILE B 292 -27.64 15.72 1.10
N ILE B 293 -26.60 14.94 0.83
CA ILE B 293 -26.03 14.01 1.79
C ILE B 293 -24.96 14.77 2.58
N ILE B 294 -25.13 14.84 3.90
CA ILE B 294 -24.20 15.57 4.76
C ILE B 294 -23.11 14.60 5.21
N ASN B 295 -21.86 15.01 5.06
CA ASN B 295 -20.70 14.21 5.44
C ASN B 295 -20.04 14.84 6.66
N THR B 296 -19.79 14.02 7.67
CA THR B 296 -19.09 14.45 8.88
C THR B 296 -17.62 14.06 8.82
N GLY B 297 -16.85 14.61 9.74
CA GLY B 297 -15.40 14.56 9.66
C GLY B 297 -14.67 13.96 10.84
N GLU B 298 -15.14 12.84 11.38
CA GLU B 298 -14.44 12.19 12.48
C GLU B 298 -13.10 11.59 12.04
N ASP B 299 -12.81 11.55 10.75
CA ASP B 299 -11.49 11.12 10.30
C ASP B 299 -10.41 12.01 10.89
N ASN B 300 -10.71 13.30 11.07
CA ASN B 300 -9.69 14.25 11.47
C ASN B 300 -9.25 14.05 12.91
N TYR B 301 -10.08 13.39 13.72
CA TYR B 301 -9.71 13.20 15.12
C TYR B 301 -8.44 12.39 15.24
N LEU B 302 -8.29 11.36 14.39
CA LEU B 302 -7.20 10.40 14.52
C LEU B 302 -5.86 10.97 14.10
N THR B 303 -5.85 12.01 13.26
CA THR B 303 -4.59 12.62 12.85
C THR B 303 -3.93 13.38 13.99
N THR B 304 -4.66 13.65 15.07
CA THR B 304 -4.14 14.35 16.24
C THR B 304 -4.00 13.42 17.45
N ALA B 305 -4.99 12.57 17.70
CA ALA B 305 -4.96 11.63 18.81
C ALA B 305 -4.40 10.29 18.33
N ASP B 306 -4.49 9.27 19.18
CA ASP B 306 -4.08 7.92 18.83
C ASP B 306 -5.30 7.13 18.40
N ALA B 307 -5.15 6.33 17.33
CA ALA B 307 -6.28 5.63 16.75
C ALA B 307 -6.69 4.40 17.54
N TYR B 308 -5.76 3.72 18.21
CA TYR B 308 -6.13 2.55 19.00
C TYR B 308 -6.65 2.93 20.37
N GLU B 309 -6.06 3.96 20.99
CA GLU B 309 -6.47 4.36 22.33
C GLU B 309 -7.79 5.13 22.30
N LYS B 310 -7.97 5.98 21.30
CA LYS B 310 -9.11 6.89 21.21
C LYS B 310 -9.99 6.56 20.01
N ALA B 311 -10.32 5.28 19.83
CA ALA B 311 -11.23 4.88 18.76
C ALA B 311 -12.68 5.10 19.15
N HIS B 312 -13.00 4.97 20.44
CA HIS B 312 -14.37 5.17 20.90
C HIS B 312 -14.82 6.61 20.74
N THR B 313 -13.89 7.56 20.68
CA THR B 313 -14.27 8.95 20.49
C THR B 313 -14.96 9.16 19.14
N VAL B 314 -14.48 8.46 18.11
CA VAL B 314 -15.11 8.55 16.81
C VAL B 314 -16.56 8.04 16.87
N LEU B 315 -16.79 6.92 17.55
CA LEU B 315 -18.15 6.39 17.63
C LEU B 315 -19.05 7.31 18.43
N ALA B 316 -18.56 7.87 19.53
CA ALA B 316 -19.38 8.80 20.31
C ALA B 316 -19.72 10.03 19.50
N SER B 317 -18.74 10.58 18.78
CA SER B 317 -19.00 11.73 17.94
C SER B 317 -20.00 11.39 16.84
N GLN B 318 -19.91 10.18 16.29
CA GLN B 318 -20.84 9.78 15.24
C GLN B 318 -22.26 9.69 15.76
N LEU B 319 -22.45 9.15 16.97
CA LEU B 319 -23.78 9.09 17.55
C LEU B 319 -24.33 10.48 17.82
N ILE B 320 -23.48 11.38 18.33
CA ILE B 320 -23.92 12.75 18.58
C ILE B 320 -24.31 13.45 17.28
N ASN B 321 -23.50 13.26 16.23
CA ASN B 321 -23.82 13.86 14.93
C ASN B 321 -25.10 13.28 14.36
N GLU B 322 -25.30 11.98 14.51
CA GLU B 322 -26.56 11.36 14.08
C GLU B 322 -27.74 12.04 14.76
N GLN B 323 -27.64 12.28 16.07
CA GLN B 323 -28.77 12.88 16.79
C GLN B 323 -28.98 14.33 16.38
N PHE B 324 -27.90 15.09 16.17
CA PHE B 324 -28.02 16.44 15.67
C PHE B 324 -28.76 16.44 14.33
N ALA B 325 -28.33 15.58 13.42
CA ALA B 325 -28.93 15.51 12.10
C ALA B 325 -30.41 15.14 12.21
N LEU B 326 -30.73 14.19 13.09
CA LEU B 326 -32.13 13.81 13.25
C LEU B 326 -32.97 14.98 13.75
N ILE B 327 -32.42 15.78 14.67
CA ILE B 327 -33.19 16.94 15.15
C ILE B 327 -33.38 17.94 14.02
N ALA B 328 -32.39 18.08 13.13
CA ALA B 328 -32.51 18.99 12.00
C ALA B 328 -33.47 18.49 10.94
N GLY B 329 -33.91 17.24 11.02
CA GLY B 329 -34.83 16.68 10.05
C GLY B 329 -34.21 15.80 8.98
N ILE B 330 -32.91 15.55 9.04
CA ILE B 330 -32.23 14.74 8.03
C ILE B 330 -32.54 13.26 8.29
N PRO B 331 -32.94 12.50 7.28
CA PRO B 331 -33.14 11.05 7.48
C PRO B 331 -31.82 10.30 7.45
N GLU B 332 -31.87 9.04 7.87
CA GLU B 332 -30.65 8.25 7.94
C GLU B 332 -30.02 8.06 6.57
N GLU B 333 -30.83 8.08 5.51
CA GLU B 333 -30.31 7.86 4.17
C GLU B 333 -29.40 8.99 3.69
N GLN B 334 -29.41 10.13 4.37
CA GLN B 334 -28.57 11.27 4.03
C GLN B 334 -27.47 11.52 5.05
N MET B 335 -27.16 10.55 5.91
CA MET B 335 -26.23 10.76 7.01
C MET B 335 -24.95 9.99 6.74
N GLY B 336 -24.03 10.64 6.03
CA GLY B 336 -22.77 10.02 5.67
C GLY B 336 -21.72 10.13 6.75
N LEU B 337 -21.93 9.42 7.86
CA LEU B 337 -21.00 9.50 8.98
C LEU B 337 -19.65 8.90 8.61
N GLY B 338 -18.59 9.66 8.88
CA GLY B 338 -17.27 9.32 8.36
C GLY B 338 -16.35 8.69 9.39
N HIS B 339 -15.57 7.72 8.93
CA HIS B 339 -14.52 7.10 9.73
C HIS B 339 -13.38 6.72 8.79
N ALA B 340 -12.20 6.48 9.38
CA ALA B 340 -11.00 6.33 8.58
C ALA B 340 -10.23 5.08 8.98
N PHE B 341 -9.44 4.60 8.03
CA PHE B 341 -8.55 3.44 8.22
C PHE B 341 -7.19 3.94 8.70
N GLU B 342 -7.11 4.17 10.02
CA GLU B 342 -6.08 5.06 10.56
C GLU B 342 -5.37 4.47 11.77
N MET B 343 -4.92 3.23 11.71
CA MET B 343 -4.04 2.70 12.75
C MET B 343 -2.60 2.62 12.24
N ASN B 344 -1.70 2.23 13.13
CA ASN B 344 -0.28 2.11 12.81
C ASN B 344 -0.06 0.90 11.91
N PRO B 345 0.57 1.07 10.74
CA PRO B 345 0.81 -0.11 9.87
C PRO B 345 1.81 -1.10 10.44
N ASP B 346 2.45 -0.81 11.57
CA ASP B 346 3.36 -1.74 12.22
C ASP B 346 2.70 -2.46 13.39
N LEU B 347 1.38 -2.36 13.52
CA LEU B 347 0.66 -3.00 14.62
C LEU B 347 0.21 -4.39 14.19
N ARG B 348 0.63 -5.40 14.94
CA ARG B 348 0.18 -6.76 14.69
C ARG B 348 -1.31 -6.86 14.94
N ASN B 349 -2.02 -7.52 14.02
CA ASN B 349 -3.46 -7.65 14.05
C ASN B 349 -4.17 -6.30 13.93
N GLY B 350 -3.49 -5.31 13.34
CA GLY B 350 -4.16 -4.02 13.12
C GLY B 350 -5.29 -4.12 12.13
N PHE B 351 -5.13 -4.98 11.12
CA PHE B 351 -6.19 -5.18 10.15
C PHE B 351 -7.46 -5.72 10.81
N LEU B 352 -7.30 -6.63 11.78
CA LEU B 352 -8.46 -7.17 12.46
C LEU B 352 -9.17 -6.08 13.27
N TYR B 353 -8.41 -5.18 13.88
CA TYR B 353 -9.02 -4.09 14.65
C TYR B 353 -9.76 -3.12 13.75
N GLU B 354 -9.16 -2.75 12.62
CA GLU B 354 -9.85 -1.87 11.68
C GLU B 354 -11.09 -2.53 11.11
N LEU B 355 -11.01 -3.82 10.81
CA LEU B 355 -12.16 -4.55 10.29
C LEU B 355 -13.28 -4.61 11.33
N ALA B 356 -12.92 -4.86 12.59
CA ALA B 356 -13.92 -4.90 13.65
C ALA B 356 -14.61 -3.56 13.81
N GLN B 357 -13.83 -2.48 13.79
CA GLN B 357 -14.41 -1.15 13.96
C GLN B 357 -15.31 -0.78 12.80
N ALA B 358 -14.87 -1.05 11.57
CA ALA B 358 -15.68 -0.74 10.40
C ALA B 358 -16.98 -1.54 10.40
N GLN B 359 -16.92 -2.82 10.78
CA GLN B 359 -18.14 -3.61 10.85
C GLN B 359 -19.07 -3.11 11.95
N MET B 360 -18.52 -2.69 13.09
CA MET B 360 -19.36 -2.16 14.15
C MET B 360 -20.07 -0.88 13.70
N VAL B 361 -19.35 -0.02 12.99
CA VAL B 361 -19.98 1.19 12.46
C VAL B 361 -21.04 0.85 11.42
N ARG B 362 -20.77 -0.15 10.58
CA ARG B 362 -21.73 -0.59 9.58
C ARG B 362 -22.97 -1.21 10.22
N GLU B 363 -22.84 -1.71 11.45
CA GLU B 363 -23.96 -2.37 12.12
C GLU B 363 -24.79 -1.43 12.97
N ILE B 364 -24.17 -0.42 13.59
CA ILE B 364 -24.93 0.51 14.41
C ILE B 364 -25.79 1.41 13.52
N PHE B 365 -25.25 1.84 12.39
CA PHE B 365 -25.97 2.68 11.42
C PHE B 365 -26.24 1.88 10.16
N PRO B 366 -27.32 1.09 10.11
CA PRO B 366 -27.51 0.20 8.95
C PRO B 366 -27.93 0.91 7.68
N LYS B 367 -28.67 2.01 7.77
CA LYS B 367 -29.20 2.68 6.59
C LYS B 367 -28.28 3.77 6.04
N ALA B 368 -27.34 4.26 6.85
CA ALA B 368 -26.59 5.45 6.46
C ALA B 368 -25.68 5.14 5.27
N PRO B 369 -25.45 6.12 4.39
CA PRO B 369 -24.39 5.95 3.37
C PRO B 369 -23.01 6.24 3.93
N LEU B 370 -22.51 5.32 4.75
CA LEU B 370 -21.30 5.57 5.51
C LEU B 370 -20.12 5.83 4.60
N LYS B 371 -19.25 6.74 5.02
CA LYS B 371 -18.06 7.11 4.28
C LYS B 371 -16.82 6.55 4.98
N TYR B 372 -15.91 5.97 4.21
CA TYR B 372 -14.65 5.46 4.71
C TYR B 372 -13.52 6.19 4.01
N MET B 373 -12.52 6.62 4.78
CA MET B 373 -11.49 7.50 4.25
C MET B 373 -10.10 6.93 4.50
N PRO B 374 -9.11 7.32 3.69
CA PRO B 374 -7.87 6.55 3.60
C PRO B 374 -6.94 6.82 4.78
N PRO B 375 -5.83 6.11 4.86
CA PRO B 375 -4.80 6.44 5.86
C PRO B 375 -4.00 7.67 5.44
N THR B 376 -3.79 8.57 6.40
CA THR B 376 -3.03 9.79 6.12
C THR B 376 -1.89 9.98 7.10
N LYS B 377 -2.12 9.68 8.37
CA LYS B 377 -1.12 9.99 9.38
C LYS B 377 0.17 9.21 9.16
N TYR B 378 0.06 7.92 8.85
CA TYR B 378 1.22 7.04 8.77
C TYR B 378 1.66 6.80 7.33
N MET B 379 1.36 7.73 6.43
CA MET B 379 1.83 7.64 5.06
C MET B 379 3.21 8.28 4.94
N THR B 380 4.14 7.58 4.31
CA THR B 380 5.51 8.05 4.18
C THR B 380 5.86 8.26 2.71
N GLY B 381 7.14 8.52 2.44
CA GLY B 381 7.60 8.80 1.10
C GLY B 381 7.76 7.58 0.22
N ASN B 382 7.50 6.38 0.75
CA ASN B 382 7.51 5.17 -0.06
C ASN B 382 6.19 5.07 -0.81
N ILE B 383 6.21 5.39 -2.10
CA ILE B 383 4.98 5.37 -2.88
C ILE B 383 4.48 3.95 -3.07
N PHE B 384 5.39 2.97 -3.03
CA PHE B 384 5.02 1.58 -3.28
C PHE B 384 4.34 0.97 -2.05
N LYS B 385 4.93 1.13 -0.87
CA LYS B 385 4.22 0.68 0.32
C LYS B 385 2.95 1.49 0.52
N GLY B 386 2.92 2.74 0.04
CA GLY B 386 1.68 3.50 0.10
C GLY B 386 0.60 2.92 -0.76
N HIS B 387 0.95 2.47 -1.96
CA HIS B 387 0.00 1.76 -2.81
C HIS B 387 -0.51 0.51 -2.11
N VAL B 388 0.37 -0.20 -1.41
CA VAL B 388 -0.04 -1.41 -0.69
C VAL B 388 -1.01 -1.06 0.44
N GLN B 389 -0.72 -0.01 1.18
CA GLN B 389 -1.59 0.41 2.28
C GLN B 389 -2.97 0.81 1.75
N ASP B 390 -3.00 1.51 0.62
CA ASP B 390 -4.27 1.85 -0.02
C ASP B 390 -5.01 0.60 -0.45
N ALA B 391 -4.29 -0.41 -0.93
CA ALA B 391 -4.94 -1.67 -1.29
C ALA B 391 -5.62 -2.30 -0.07
N MET B 392 -4.94 -2.28 1.08
CA MET B 392 -5.56 -2.82 2.29
C MET B 392 -6.78 -1.99 2.70
N PHE B 393 -6.70 -0.68 2.50
CA PHE B 393 -7.84 0.20 2.77
C PHE B 393 -9.04 -0.20 1.91
N ASN B 394 -8.82 -0.40 0.61
CA ASN B 394 -9.90 -0.84 -0.27
C ASN B 394 -10.41 -2.22 0.13
N VAL B 395 -9.53 -3.09 0.59
CA VAL B 395 -9.95 -4.43 1.03
C VAL B 395 -10.93 -4.32 2.18
N VAL B 396 -10.63 -3.46 3.16
CA VAL B 396 -11.54 -3.27 4.28
C VAL B 396 -12.84 -2.64 3.82
N THR B 397 -12.77 -1.72 2.85
CA THR B 397 -13.98 -1.09 2.34
C THR B 397 -14.90 -2.09 1.66
N ILE B 398 -14.33 -3.04 0.92
CA ILE B 398 -15.17 -4.00 0.20
C ILE B 398 -15.65 -5.12 1.12
N MET B 399 -14.84 -5.50 2.11
CA MET B 399 -15.23 -6.59 3.00
C MET B 399 -16.37 -6.16 3.93
N THR B 400 -16.29 -4.94 4.44
CA THR B 400 -17.37 -4.31 5.21
C THR B 400 -17.98 -3.22 4.33
N LYS B 401 -19.28 -3.33 4.08
CA LYS B 401 -19.92 -2.63 2.95
C LYS B 401 -20.06 -1.14 3.26
N GLN B 402 -19.01 -0.38 2.94
CA GLN B 402 -19.05 1.07 3.06
C GLN B 402 -19.56 1.66 1.75
N ARG B 403 -20.45 2.65 1.85
CA ARG B 403 -21.13 3.17 0.66
C ARG B 403 -20.26 4.14 -0.12
N ILE B 404 -19.59 5.06 0.55
CA ILE B 404 -18.73 6.05 -0.09
C ILE B 404 -17.29 5.71 0.24
N HIS B 405 -16.42 5.77 -0.76
CA HIS B 405 -15.03 5.36 -0.65
C HIS B 405 -14.14 6.53 -1.08
N LEU B 406 -13.50 7.17 -0.12
CA LEU B 406 -12.56 8.25 -0.43
C LEU B 406 -11.23 7.62 -0.82
N LEU B 407 -10.91 7.68 -2.10
CA LEU B 407 -9.72 7.01 -2.61
C LEU B 407 -8.46 7.64 -2.03
N GLY B 408 -7.62 6.80 -1.43
CA GLY B 408 -6.30 7.25 -1.04
C GLY B 408 -5.37 7.34 -2.23
N MET B 409 -4.32 8.15 -2.08
CA MET B 409 -3.41 8.44 -3.17
C MET B 409 -2.03 7.88 -2.89
N LEU B 410 -1.41 7.38 -3.96
CA LEU B 410 -0.04 6.89 -3.93
C LEU B 410 0.89 7.83 -3.16
N THR B 411 0.73 9.14 -3.37
CA THR B 411 1.68 10.15 -2.91
C THR B 411 1.04 11.13 -1.94
N GLU B 412 0.31 10.64 -0.94
CA GLU B 412 -0.32 11.52 0.02
C GLU B 412 0.70 12.34 0.79
N ALA B 413 1.79 11.72 1.25
CA ALA B 413 2.74 12.42 2.09
C ALA B 413 3.59 13.43 1.33
N ILE B 414 3.52 13.44 -0.01
CA ILE B 414 4.39 14.27 -0.83
C ILE B 414 3.67 15.53 -1.30
N HIS B 415 2.60 15.37 -2.08
CA HIS B 415 1.95 16.51 -2.70
C HIS B 415 0.51 16.14 -3.03
N THR B 416 -0.24 17.14 -3.48
CA THR B 416 -1.59 16.89 -3.95
C THR B 416 -1.53 16.08 -5.24
N PRO B 417 -2.51 15.22 -5.51
CA PRO B 417 -2.33 14.22 -6.56
C PRO B 417 -2.07 14.82 -7.92
N PHE B 418 -1.27 14.13 -8.71
CA PHE B 418 -1.19 14.38 -10.13
C PHE B 418 -2.39 13.71 -10.81
N MET B 419 -2.45 13.85 -12.14
CA MET B 419 -3.40 13.08 -12.92
C MET B 419 -3.11 11.58 -12.80
N SER B 420 -1.82 11.22 -12.88
CA SER B 420 -1.44 9.82 -12.90
C SER B 420 -1.65 9.15 -11.56
N ASP B 421 -1.43 9.86 -10.46
CA ASP B 421 -1.68 9.28 -9.14
C ASP B 421 -3.16 8.94 -8.98
N ARG B 422 -4.04 9.85 -9.43
CA ARG B 422 -5.48 9.57 -9.36
C ARG B 422 -5.85 8.40 -10.26
N ALA B 423 -5.26 8.33 -11.45
CA ALA B 423 -5.55 7.22 -12.35
C ALA B 423 -5.15 5.89 -11.70
N LEU B 424 -3.96 5.85 -11.10
CA LEU B 424 -3.49 4.63 -10.46
C LEU B 424 -4.38 4.25 -9.28
N SER B 425 -4.78 5.22 -8.47
CA SER B 425 -5.64 4.93 -7.34
C SER B 425 -6.98 4.35 -7.80
N ILE B 426 -7.59 4.98 -8.81
CA ILE B 426 -8.87 4.49 -9.33
C ILE B 426 -8.70 3.07 -9.85
N GLU B 427 -7.61 2.83 -10.59
CA GLU B 427 -7.38 1.51 -11.19
C GLU B 427 -7.25 0.44 -10.11
N SER B 428 -6.46 0.70 -9.08
CA SER B 428 -6.30 -0.27 -8.00
C SER B 428 -7.63 -0.53 -7.29
N ALA B 429 -8.39 0.54 -7.00
CA ALA B 429 -9.66 0.37 -6.31
C ALA B 429 -10.63 -0.45 -7.15
N LYS B 430 -10.70 -0.18 -8.45
CA LYS B 430 -11.58 -0.95 -9.33
C LYS B 430 -11.18 -2.40 -9.36
N TYR B 431 -9.87 -2.69 -9.45
CA TYR B 431 -9.39 -4.06 -9.44
C TYR B 431 -9.85 -4.79 -8.18
N ILE B 432 -9.59 -4.18 -7.02
CA ILE B 432 -9.88 -4.86 -5.75
C ILE B 432 -11.39 -5.01 -5.55
N PHE B 433 -12.17 -4.00 -5.96
CA PHE B 433 -13.62 -4.09 -5.82
C PHE B 433 -14.25 -5.09 -6.77
N ASN B 434 -13.64 -5.31 -7.93
CA ASN B 434 -14.15 -6.34 -8.85
C ASN B 434 -13.80 -7.74 -8.36
N ASN B 435 -12.57 -7.95 -7.88
CA ASN B 435 -12.17 -9.30 -7.48
C ASN B 435 -12.94 -9.77 -6.25
N MET B 436 -13.07 -8.93 -5.24
CA MET B 436 -13.78 -9.28 -4.01
C MET B 436 -15.19 -8.74 -4.00
N ALA B 437 -15.86 -8.75 -5.16
CA ALA B 437 -17.17 -8.12 -5.26
C ALA B 437 -18.13 -8.65 -4.20
N ASP B 438 -18.04 -9.94 -3.88
CA ASP B 438 -18.99 -10.59 -2.98
C ASP B 438 -18.25 -11.26 -1.83
N ILE B 439 -17.31 -10.56 -1.21
CA ILE B 439 -16.60 -11.13 -0.06
C ILE B 439 -17.31 -10.76 1.23
N ALA B 440 -18.12 -9.70 1.22
CA ALA B 440 -18.82 -9.31 2.43
C ALA B 440 -19.82 -10.37 2.85
N ASP B 441 -20.51 -10.98 1.89
CA ASP B 441 -21.54 -11.96 2.18
C ASP B 441 -21.00 -13.35 2.47
N GLU B 442 -19.68 -13.56 2.32
CA GLU B 442 -19.08 -14.87 2.51
C GLU B 442 -18.39 -14.98 3.88
N ILE B 443 -17.50 -14.05 4.20
CA ILE B 443 -16.68 -14.16 5.39
C ILE B 443 -17.50 -13.76 6.62
N TYR B 444 -17.50 -14.64 7.62
CA TYR B 444 -18.03 -14.37 8.95
C TYR B 444 -16.88 -14.42 9.93
N PHE B 445 -17.18 -14.30 11.22
CA PHE B 445 -16.16 -14.14 12.24
C PHE B 445 -16.37 -15.13 13.39
N LYS B 446 -15.25 -15.57 13.95
CA LYS B 446 -15.30 -16.53 15.05
C LYS B 446 -15.97 -15.91 16.27
N GLU B 447 -16.85 -16.68 16.90
CA GLU B 447 -17.55 -16.19 18.09
C GLU B 447 -16.59 -16.14 19.27
N GLY B 448 -16.35 -14.93 19.78
CA GLY B 448 -15.37 -14.75 20.83
C GLY B 448 -13.97 -14.46 20.35
N GLY B 449 -13.80 -14.08 19.10
CA GLY B 449 -12.50 -13.84 18.54
C GLY B 449 -11.98 -12.44 18.82
N ILE B 450 -10.92 -12.09 18.11
CA ILE B 450 -10.33 -10.76 18.25
C ILE B 450 -11.29 -9.68 17.77
N ILE B 451 -11.99 -9.93 16.68
CA ILE B 451 -12.82 -8.90 16.06
C ILE B 451 -14.02 -8.58 16.95
N GLN B 452 -14.72 -9.61 17.43
CA GLN B 452 -15.88 -9.38 18.28
C GLN B 452 -15.48 -8.69 19.58
N ARG B 453 -14.39 -9.15 20.19
CA ARG B 453 -13.95 -8.55 21.45
C ARG B 453 -13.55 -7.09 21.24
N ARG B 454 -12.83 -6.80 20.15
CA ARG B 454 -12.44 -5.43 19.87
C ARG B 454 -13.67 -4.53 19.70
N ALA B 455 -14.65 -5.01 18.95
CA ALA B 455 -15.86 -4.21 18.73
C ALA B 455 -16.57 -3.92 20.05
N ASN B 456 -16.72 -4.94 20.89
CA ASN B 456 -17.43 -4.73 22.15
C ASN B 456 -16.65 -3.81 23.08
N GLU B 457 -15.32 -3.91 23.07
CA GLU B 457 -14.49 -3.01 23.88
C GLU B 457 -14.70 -1.56 23.45
N VAL B 458 -14.62 -1.30 22.14
CA VAL B 458 -14.79 0.07 21.65
C VAL B 458 -16.20 0.58 21.98
N LEU B 459 -17.21 -0.26 21.83
CA LEU B 459 -18.58 0.16 22.12
C LEU B 459 -18.74 0.53 23.59
N LYS B 460 -18.18 -0.29 24.49
CA LYS B 460 -18.31 0.01 25.92
C LYS B 460 -17.61 1.31 26.27
N LYS B 461 -16.41 1.53 25.71
CA LYS B 461 -15.69 2.77 25.98
C LYS B 461 -16.48 3.97 25.46
N ALA B 462 -17.07 3.85 24.27
CA ALA B 462 -17.86 4.95 23.72
C ALA B 462 -19.06 5.25 24.60
N TYR B 463 -19.71 4.20 25.13
CA TYR B 463 -20.86 4.44 26.00
C TYR B 463 -20.43 5.19 27.26
N GLU B 464 -19.30 4.81 27.84
CA GLU B 464 -18.84 5.50 29.03
C GLU B 464 -18.54 6.97 28.73
N LEU B 465 -17.89 7.24 27.60
CA LEU B 465 -17.60 8.61 27.22
C LEU B 465 -18.88 9.40 27.00
N LEU B 466 -19.90 8.78 26.40
CA LEU B 466 -21.18 9.47 26.17
C LEU B 466 -21.86 9.79 27.48
N LYS B 467 -21.82 8.87 28.44
CA LYS B 467 -22.41 9.18 29.76
C LYS B 467 -21.68 10.35 30.42
N GLU B 468 -20.35 10.37 30.32
CA GLU B 468 -19.58 11.47 30.89
C GLU B 468 -19.97 12.81 30.24
N ILE B 469 -19.96 12.85 28.91
CA ILE B 469 -20.29 14.06 28.18
C ILE B 469 -21.72 14.50 28.49
N GLU B 470 -22.63 13.54 28.63
CA GLU B 470 -24.00 13.89 29.00
C GLU B 470 -24.05 14.53 30.38
N GLN B 471 -23.27 14.00 31.32
CA GLN B 471 -23.26 14.57 32.65
C GLN B 471 -22.83 16.04 32.61
N GLU B 472 -21.76 16.34 31.88
CA GLU B 472 -21.25 17.72 31.92
C GLU B 472 -22.00 18.66 30.98
N GLY B 473 -22.31 18.21 29.77
CA GLY B 473 -22.75 19.06 28.69
C GLY B 473 -21.69 19.13 27.59
N LEU B 474 -22.16 19.37 26.37
CA LEU B 474 -21.26 19.31 25.22
C LEU B 474 -20.20 20.40 25.28
N PHE B 475 -20.60 21.61 25.65
CA PHE B 475 -19.65 22.73 25.66
C PHE B 475 -18.55 22.49 26.68
N LYS B 476 -18.92 22.03 27.88
CA LYS B 476 -17.91 21.72 28.90
C LYS B 476 -16.99 20.60 28.42
N ALA B 477 -17.56 19.55 27.82
CA ALA B 477 -16.75 18.45 27.33
C ALA B 477 -15.75 18.92 26.28
N LEU B 478 -16.18 19.82 25.40
CA LEU B 478 -15.24 20.40 24.45
C LEU B 478 -14.17 21.21 25.16
N GLU B 479 -14.54 21.93 26.22
CA GLU B 479 -13.58 22.73 26.97
C GLU B 479 -12.47 21.85 27.53
N GLN B 480 -12.80 20.62 27.93
CA GLN B 480 -11.83 19.72 28.54
C GLN B 480 -11.07 18.89 27.52
N GLY B 481 -11.28 19.12 26.23
CA GLY B 481 -10.48 18.49 25.20
C GLY B 481 -10.63 16.99 25.15
N LYS B 482 -11.83 16.51 24.83
CA LYS B 482 -12.07 15.07 24.76
C LYS B 482 -12.10 14.56 23.33
N PHE B 483 -12.48 15.40 22.37
CA PHE B 483 -12.47 15.06 20.96
C PHE B 483 -11.21 15.64 20.32
N ALA B 484 -10.42 14.78 19.68
CA ALA B 484 -9.18 15.15 19.03
C ALA B 484 -8.11 15.62 20.00
N ASP B 485 -8.37 15.55 21.31
CA ASP B 485 -7.43 16.01 22.33
C ASP B 485 -7.06 17.47 22.12
N ILE B 486 -8.06 18.30 21.79
CA ILE B 486 -7.89 19.73 21.62
C ILE B 486 -8.80 20.44 22.61
N LYS B 487 -8.23 21.25 23.47
CA LYS B 487 -9.01 22.01 24.45
C LYS B 487 -9.36 23.37 23.88
N ARG B 488 -10.65 23.68 23.85
CA ARG B 488 -11.14 24.91 23.23
C ARG B 488 -11.98 25.71 24.23
N PRO B 489 -11.64 26.96 24.53
CA PRO B 489 -12.45 27.72 25.49
C PRO B 489 -13.83 28.04 24.94
N ILE B 490 -14.80 28.13 25.84
CA ILE B 490 -16.19 28.34 25.43
C ILE B 490 -16.35 29.69 24.75
N ASP B 491 -15.73 30.73 25.30
CA ASP B 491 -15.87 32.10 24.81
C ASP B 491 -14.73 32.53 23.91
N GLY B 492 -13.86 31.61 23.51
CA GLY B 492 -12.76 31.92 22.62
C GLY B 492 -13.12 31.71 21.18
N GLY B 493 -12.09 31.63 20.34
CA GLY B 493 -12.28 31.37 18.94
C GLY B 493 -12.75 32.59 18.18
N LYS B 494 -13.03 32.37 16.89
CA LYS B 494 -13.41 33.44 15.98
C LYS B 494 -14.92 33.44 15.75
N GLY B 495 -15.51 34.62 15.77
CA GLY B 495 -16.91 34.77 15.39
C GLY B 495 -17.90 34.86 16.52
N LEU B 496 -17.43 34.99 17.77
CA LEU B 496 -18.38 35.14 18.87
C LEU B 496 -19.14 36.46 18.80
N GLU B 497 -18.61 37.45 18.07
CA GLU B 497 -19.30 38.73 17.94
C GLU B 497 -20.48 38.65 16.98
N GLY B 498 -20.57 37.60 16.17
CA GLY B 498 -21.69 37.41 15.27
C GLY B 498 -22.91 36.77 15.89
N VAL B 499 -22.81 36.27 17.13
CA VAL B 499 -23.93 35.63 17.79
C VAL B 499 -24.81 36.69 18.45
N VAL B 500 -26.12 36.50 18.33
CA VAL B 500 -27.11 37.42 18.87
C VAL B 500 -28.23 36.60 19.49
N GLU B 501 -29.05 37.26 20.31
CA GLU B 501 -30.13 36.62 21.03
C GLU B 501 -31.44 36.91 20.33
N LYS B 502 -32.25 35.89 20.12
CA LYS B 502 -33.53 36.06 19.43
C LYS B 502 -34.45 36.97 20.23
N ASP B 503 -35.15 37.84 19.53
CA ASP B 503 -36.19 38.65 20.11
C ASP B 503 -37.45 37.81 20.31
N PRO B 504 -38.35 38.21 21.20
CA PRO B 504 -39.62 37.47 21.32
C PRO B 504 -40.44 37.49 20.05
N ASN B 505 -40.19 38.42 19.12
CA ASN B 505 -40.91 38.50 17.86
C ASN B 505 -40.00 38.20 16.67
N TYR B 506 -38.96 37.39 16.88
CA TYR B 506 -38.06 37.02 15.80
C TYR B 506 -38.83 36.28 14.72
N PHE B 507 -38.48 36.53 13.46
CA PHE B 507 -39.19 36.00 12.31
C PHE B 507 -38.20 35.46 11.31
N ASN B 508 -38.28 34.17 11.02
CA ASN B 508 -37.51 33.53 9.95
C ASN B 508 -38.47 32.65 9.17
N PRO B 509 -38.91 33.07 7.98
CA PRO B 509 -39.93 32.29 7.28
C PRO B 509 -39.48 30.89 6.91
N PHE B 510 -38.19 30.69 6.64
CA PHE B 510 -37.73 29.49 5.96
C PHE B 510 -37.71 28.26 6.85
N ILE B 511 -37.52 28.42 8.16
CA ILE B 511 -37.40 27.24 9.02
C ILE B 511 -38.67 26.40 8.94
N ASP B 512 -39.82 27.04 9.11
CA ASP B 512 -41.09 26.30 9.06
C ASP B 512 -41.33 25.70 7.68
N LEU B 513 -41.05 26.46 6.63
CA LEU B 513 -41.27 25.95 5.27
C LEU B 513 -40.41 24.72 5.01
N MET B 514 -39.13 24.78 5.34
CA MET B 514 -38.22 23.66 5.08
C MET B 514 -38.42 22.49 6.03
N LEU B 515 -39.02 22.72 7.20
CA LEU B 515 -39.24 21.62 8.14
C LEU B 515 -40.61 20.96 7.97
N ARG B 516 -41.58 21.66 7.38
CA ARG B 516 -42.91 21.07 7.18
C ARG B 516 -43.18 20.69 5.72
N GLY B 517 -42.52 21.33 4.76
CA GLY B 517 -42.70 20.93 3.38
C GLY B 517 -42.14 19.55 3.10
N ASP B 518 -40.99 19.23 3.72
CA ASP B 518 -40.39 17.91 3.61
C ASP B 518 -41.17 16.84 4.36
N ARG B 519 -41.95 17.23 5.37
CA ARG B 519 -42.70 16.28 6.18
C ARG B 519 -44.14 16.09 5.71
N GLY B 520 -44.68 17.02 4.93
CA GLY B 520 -46.05 16.92 4.46
C GLY B 520 -46.27 17.65 3.14
N LYS C 1 1.60 28.59 -11.69
CA LYS C 1 2.87 29.18 -11.27
C LYS C 1 3.75 29.47 -12.48
N GLN C 2 3.78 28.54 -13.44
CA GLN C 2 4.63 28.73 -14.61
C GLN C 2 4.14 29.89 -15.46
N TYR C 3 5.08 30.55 -16.13
CA TYR C 3 4.72 31.66 -17.02
C TYR C 3 3.85 31.16 -18.17
N ASP C 4 4.19 30.00 -18.73
CA ASP C 4 3.43 29.39 -19.82
C ASP C 4 2.52 28.32 -19.26
N THR C 5 1.24 28.36 -19.66
CA THR C 5 0.25 27.41 -19.20
C THR C 5 -0.58 26.87 -20.37
N THR C 6 -0.30 27.33 -21.58
CA THR C 6 -0.99 26.89 -22.78
C THR C 6 -0.14 25.88 -23.52
N LEU C 7 -0.76 24.77 -23.91
CA LEU C 7 -0.03 23.68 -24.54
C LEU C 7 0.54 24.13 -25.88
N ASP C 8 1.83 23.88 -26.07
CA ASP C 8 2.52 24.12 -27.34
C ASP C 8 3.10 22.79 -27.79
N LEU C 9 2.78 22.39 -29.02
CA LEU C 9 3.17 21.06 -29.51
C LEU C 9 4.59 21.04 -30.06
N THR C 10 5.31 22.15 -30.04
CA THR C 10 6.72 22.17 -30.36
C THR C 10 7.60 22.03 -29.11
N ARG C 11 7.02 22.19 -27.92
CA ARG C 11 7.78 22.17 -26.67
C ARG C 11 7.01 21.40 -25.59
N VAL C 12 6.54 20.21 -25.94
CA VAL C 12 5.83 19.40 -24.95
C VAL C 12 6.83 18.89 -23.91
N LYS C 13 6.51 19.09 -22.64
CA LYS C 13 7.29 18.62 -21.51
C LYS C 13 6.36 17.98 -20.51
N PRO C 14 6.89 17.16 -19.60
CA PRO C 14 6.02 16.37 -18.70
C PRO C 14 4.93 17.19 -18.03
N TYR C 15 3.91 16.52 -17.52
CA TYR C 15 2.74 17.15 -16.94
C TYR C 15 2.53 16.64 -15.53
N GLY C 16 2.31 17.54 -14.59
CA GLY C 16 1.98 17.17 -13.23
C GLY C 16 0.57 17.57 -12.89
N ASP C 17 0.43 18.68 -12.16
CA ASP C 17 -0.87 19.28 -11.88
C ASP C 17 -1.21 20.41 -12.84
N THR C 18 -0.20 21.08 -13.39
CA THR C 18 -0.38 22.16 -14.34
C THR C 18 0.34 21.82 -15.64
N MET C 19 0.12 22.64 -16.66
CA MET C 19 0.49 22.25 -18.02
C MET C 19 1.99 22.06 -18.17
N ASN C 20 2.78 23.06 -17.76
CA ASN C 20 4.21 23.09 -18.08
C ASN C 20 5.09 22.93 -16.85
N ASP C 21 4.58 22.37 -15.75
CA ASP C 21 5.41 22.20 -14.57
C ASP C 21 6.52 21.19 -14.82
N GLY C 22 6.29 20.23 -15.70
CA GLY C 22 7.33 19.26 -16.04
C GLY C 22 7.75 18.34 -14.92
N LYS C 23 6.82 17.95 -14.06
CA LYS C 23 7.16 17.08 -12.93
C LYS C 23 7.44 15.67 -13.41
N VAL C 24 8.49 15.06 -12.86
CA VAL C 24 8.92 13.72 -13.21
C VAL C 24 9.15 12.95 -11.91
N GLN C 25 9.08 11.63 -12.01
CA GLN C 25 9.39 10.73 -10.91
C GLN C 25 10.48 9.77 -11.36
N LEU C 26 11.36 9.37 -10.44
CA LEU C 26 12.41 8.44 -10.79
C LEU C 26 12.98 7.79 -9.54
N SER C 27 13.25 6.49 -9.63
CA SER C 27 13.79 5.70 -8.53
C SER C 27 15.03 4.96 -9.01
N PHE C 28 16.02 4.86 -8.14
CA PHE C 28 17.25 4.14 -8.49
C PHE C 28 17.98 3.74 -7.22
N THR C 29 18.93 2.83 -7.39
CA THR C 29 19.79 2.37 -6.31
C THR C 29 21.20 2.90 -6.53
N LEU C 30 21.90 3.19 -5.45
CA LEU C 30 23.25 3.70 -5.52
C LEU C 30 24.16 2.86 -4.63
N PRO C 31 25.37 2.49 -5.11
CA PRO C 31 26.28 1.65 -4.33
C PRO C 31 27.10 2.43 -3.29
N VAL C 32 26.41 3.28 -2.53
CA VAL C 32 27.06 4.08 -1.49
C VAL C 32 26.23 3.97 -0.21
N PRO C 33 26.85 4.00 0.97
CA PRO C 33 26.07 3.82 2.19
C PRO C 33 25.08 4.95 2.43
N ASP C 34 23.94 4.60 3.02
CA ASP C 34 22.90 5.58 3.29
C ASP C 34 23.41 6.67 4.22
N GLY C 35 22.97 7.89 3.98
CA GLY C 35 23.39 9.01 4.80
C GLY C 35 23.04 10.33 4.11
N ALA C 36 23.55 11.40 4.70
CA ALA C 36 23.35 12.73 4.10
C ALA C 36 24.18 12.90 2.85
N LYS C 37 25.40 12.34 2.83
CA LYS C 37 26.22 12.42 1.63
C LYS C 37 25.60 11.66 0.48
N ALA C 38 24.95 10.52 0.77
CA ALA C 38 24.27 9.78 -0.28
C ALA C 38 23.10 10.57 -0.84
N VAL C 39 22.34 11.25 0.03
CA VAL C 39 21.25 12.10 -0.44
C VAL C 39 21.77 13.21 -1.33
N GLU C 40 22.88 13.84 -0.93
CA GLU C 40 23.47 14.89 -1.75
C GLU C 40 23.95 14.34 -3.09
N ALA C 41 24.54 13.14 -3.09
CA ALA C 41 24.98 12.54 -4.34
C ALA C 41 23.81 12.24 -5.27
N ALA C 42 22.71 11.73 -4.71
CA ALA C 42 21.52 11.49 -5.52
C ALA C 42 20.97 12.80 -6.09
N LYS C 43 20.93 13.85 -5.27
CA LYS C 43 20.46 15.14 -5.75
C LYS C 43 21.35 15.67 -6.87
N GLN C 44 22.67 15.56 -6.71
CA GLN C 44 23.58 16.02 -7.75
C GLN C 44 23.43 15.22 -9.03
N LEU C 45 23.25 13.90 -8.91
CA LEU C 45 23.03 13.07 -10.08
C LEU C 45 21.76 13.48 -10.80
N ALA C 46 20.68 13.70 -10.06
CA ALA C 46 19.43 14.15 -10.68
C ALA C 46 19.61 15.50 -11.35
N LYS C 47 20.29 16.44 -10.68
CA LYS C 47 20.48 17.77 -11.26
C LYS C 47 21.25 17.69 -12.56
N LYS C 48 22.31 16.89 -12.62
CA LYS C 48 23.03 16.73 -13.87
C LYS C 48 22.24 15.89 -14.87
N MET C 49 21.21 15.18 -14.42
CA MET C 49 20.30 14.49 -15.33
C MET C 49 19.30 15.42 -15.98
N GLY C 50 19.13 16.64 -15.45
CA GLY C 50 18.31 17.64 -16.10
C GLY C 50 17.09 18.06 -15.30
N LEU C 51 17.09 17.82 -13.99
CA LEU C 51 15.96 18.13 -13.13
C LEU C 51 16.29 19.34 -12.26
N GLU C 52 15.38 20.31 -12.21
CA GLU C 52 15.57 21.49 -11.39
C GLU C 52 14.96 21.26 -10.01
N ASN C 53 15.71 21.64 -8.97
CA ASN C 53 15.27 21.52 -7.60
C ASN C 53 14.77 20.11 -7.28
N PRO C 54 15.61 19.09 -7.47
CA PRO C 54 15.21 17.73 -7.10
C PRO C 54 14.96 17.64 -5.60
N MET C 55 14.00 16.79 -5.24
CA MET C 55 13.51 16.70 -3.86
C MET C 55 13.35 15.23 -3.49
N VAL C 56 14.33 14.69 -2.79
CA VAL C 56 14.32 13.27 -2.42
C VAL C 56 13.22 13.05 -1.38
N VAL C 57 12.23 12.23 -1.73
CA VAL C 57 11.10 11.98 -0.85
C VAL C 57 11.36 10.73 -0.02
N TYR C 58 12.18 9.82 -0.53
CA TYR C 58 12.49 8.59 0.18
C TYR C 58 13.97 8.27 0.04
N HIS C 59 14.51 7.60 1.06
CA HIS C 59 15.86 7.06 1.00
C HIS C 59 15.98 6.03 2.11
N ALA C 60 16.31 4.79 1.76
CA ALA C 60 16.38 3.70 2.70
C ALA C 60 17.60 2.84 2.41
N PRO C 61 18.11 2.12 3.40
CA PRO C 61 19.19 1.15 3.11
C PRO C 61 18.63 -0.18 2.65
N LEU C 62 19.19 -0.69 1.55
CA LEU C 62 18.96 -2.06 1.12
C LEU C 62 19.95 -3.01 1.77
N ASP C 63 21.23 -2.64 1.80
CA ASP C 63 22.25 -3.36 2.54
C ASP C 63 23.16 -2.34 3.23
N LYS C 64 24.31 -2.78 3.73
CA LYS C 64 25.21 -1.86 4.39
C LYS C 64 25.90 -0.91 3.42
N ASN C 65 25.81 -1.17 2.10
CA ASN C 65 26.50 -0.36 1.11
C ASN C 65 25.58 0.06 -0.05
N PHE C 66 24.28 -0.13 0.07
CA PHE C 66 23.34 0.23 -0.98
C PHE C 66 22.19 1.04 -0.40
N THR C 67 21.75 2.04 -1.15
CA THR C 67 20.66 2.92 -0.73
C THR C 67 19.70 3.11 -1.90
N PHE C 68 18.40 3.14 -1.59
CA PHE C 68 17.34 3.24 -2.58
C PHE C 68 16.67 4.60 -2.45
N PHE C 69 16.54 5.31 -3.56
CA PHE C 69 16.04 6.68 -3.56
C PHE C 69 14.81 6.81 -4.44
N ILE C 70 13.93 7.74 -4.06
CA ILE C 70 12.84 8.21 -4.91
C ILE C 70 12.93 9.73 -4.98
N ILE C 71 12.89 10.28 -6.19
CA ILE C 71 13.14 11.70 -6.42
C ILE C 71 12.03 12.28 -7.29
N TYR C 72 11.63 13.50 -6.98
CA TYR C 72 10.67 14.26 -7.77
C TYR C 72 11.29 15.60 -8.14
N GLY C 73 10.97 16.09 -9.32
CA GLY C 73 11.46 17.40 -9.72
C GLY C 73 11.06 17.75 -11.12
N SER C 74 11.08 19.04 -11.41
CA SER C 74 10.73 19.56 -12.72
C SER C 74 11.82 19.21 -13.72
N LEU C 75 11.45 19.18 -15.00
CA LEU C 75 12.37 18.81 -16.07
C LEU C 75 12.62 20.00 -16.98
N ILE C 76 13.89 20.28 -17.26
CA ILE C 76 14.23 21.39 -18.13
C ILE C 76 13.86 21.08 -19.58
N HIS C 77 14.10 19.85 -20.02
CA HIS C 77 14.12 19.52 -21.44
C HIS C 77 12.71 19.50 -22.04
N THR C 78 12.66 19.85 -23.32
CA THR C 78 11.42 19.87 -24.09
C THR C 78 11.66 19.17 -25.43
N VAL C 79 10.62 18.51 -25.93
CA VAL C 79 10.70 17.75 -27.19
C VAL C 79 9.62 18.26 -28.13
N ASP C 80 9.96 18.38 -29.41
CA ASP C 80 9.04 18.86 -30.43
C ASP C 80 8.21 17.69 -30.93
N TYR C 81 6.90 17.70 -30.60
CA TYR C 81 6.02 16.61 -30.96
C TYR C 81 5.64 16.62 -32.42
N THR C 82 5.70 17.77 -33.09
CA THR C 82 5.30 17.85 -34.49
C THR C 82 6.35 17.28 -35.43
N SER C 83 7.63 17.45 -35.11
CA SER C 83 8.70 17.06 -36.03
C SER C 83 9.03 15.58 -35.97
N ILE C 84 8.51 14.85 -34.98
CA ILE C 84 8.81 13.42 -34.86
C ILE C 84 8.23 12.68 -36.05
N LYS D 1 31.95 -10.82 -17.71
CA LYS D 1 32.01 -10.29 -19.07
C LYS D 1 33.37 -9.68 -19.34
N GLN D 2 33.66 -9.41 -20.62
CA GLN D 2 35.00 -8.96 -21.00
C GLN D 2 35.30 -7.57 -20.45
N TYR D 3 34.34 -6.64 -20.55
CA TYR D 3 34.59 -5.24 -20.25
C TYR D 3 33.71 -4.71 -19.12
N ASP D 4 33.31 -5.59 -18.19
CA ASP D 4 32.65 -5.11 -16.99
C ASP D 4 33.68 -4.58 -16.00
N THR D 5 33.24 -3.62 -15.18
CA THR D 5 34.14 -2.89 -14.30
C THR D 5 33.70 -3.06 -12.84
N THR D 6 34.61 -2.70 -11.94
CA THR D 6 34.37 -2.75 -10.51
C THR D 6 33.91 -1.38 -10.01
N LEU D 7 33.59 -1.31 -8.72
CA LEU D 7 33.11 -0.07 -8.14
C LEU D 7 34.22 0.97 -8.09
N ASP D 8 33.84 2.22 -8.30
CA ASP D 8 34.75 3.36 -8.19
C ASP D 8 33.99 4.49 -7.54
N LEU D 9 34.41 4.90 -6.34
CA LEU D 9 33.66 5.89 -5.58
C LEU D 9 33.72 7.28 -6.21
N THR D 10 34.59 7.50 -7.18
CA THR D 10 34.64 8.79 -7.86
C THR D 10 33.73 8.84 -9.08
N ARG D 11 33.15 7.72 -9.50
CA ARG D 11 32.27 7.66 -10.66
C ARG D 11 31.09 6.76 -10.39
N VAL D 12 30.45 6.90 -9.23
CA VAL D 12 29.32 6.05 -8.89
C VAL D 12 28.14 6.38 -9.79
N LYS D 13 27.52 5.35 -10.34
CA LYS D 13 26.30 5.47 -11.14
C LYS D 13 25.34 4.39 -10.68
N PRO D 14 24.04 4.54 -10.98
CA PRO D 14 23.05 3.64 -10.39
C PRO D 14 23.38 2.16 -10.54
N TYR D 15 22.64 1.32 -9.82
CA TYR D 15 22.93 -0.11 -9.69
C TYR D 15 21.62 -0.89 -9.82
N GLY D 16 21.32 -1.38 -11.00
CA GLY D 16 20.16 -2.24 -11.15
C GLY D 16 20.45 -3.65 -10.70
N ASP D 17 21.34 -4.34 -11.40
CA ASP D 17 21.73 -5.70 -11.04
C ASP D 17 23.21 -5.96 -11.25
N THR D 18 23.97 -4.98 -11.75
CA THR D 18 25.40 -5.09 -11.94
C THR D 18 26.02 -3.78 -11.44
N MET D 19 27.31 -3.84 -11.12
CA MET D 19 27.91 -2.74 -10.36
C MET D 19 27.78 -1.41 -11.09
N ASN D 20 28.01 -1.38 -12.40
CA ASN D 20 28.05 -0.14 -13.15
C ASN D 20 27.11 -0.19 -14.35
N ASP D 21 25.95 -0.81 -14.21
CA ASP D 21 24.96 -0.76 -15.29
C ASP D 21 24.23 0.58 -15.32
N GLY D 22 23.99 1.18 -14.16
CA GLY D 22 23.33 2.48 -14.10
C GLY D 22 21.88 2.50 -14.54
N LYS D 23 21.13 1.44 -14.25
CA LYS D 23 19.74 1.39 -14.69
C LYS D 23 18.87 2.25 -13.79
N VAL D 24 17.92 2.97 -14.40
CA VAL D 24 17.08 3.95 -13.73
C VAL D 24 15.63 3.66 -14.10
N GLN D 25 14.71 4.12 -13.26
CA GLN D 25 13.28 4.06 -13.52
C GLN D 25 12.71 5.47 -13.44
N LEU D 26 11.73 5.76 -14.28
CA LEU D 26 11.07 7.06 -14.22
C LEU D 26 9.70 6.97 -14.87
N SER D 27 8.79 7.81 -14.40
CA SER D 27 7.42 7.85 -14.89
C SER D 27 7.00 9.31 -15.06
N PHE D 28 6.18 9.58 -16.07
CA PHE D 28 5.71 10.94 -16.28
C PHE D 28 4.55 10.94 -17.27
N THR D 29 3.77 12.01 -17.22
CA THR D 29 2.65 12.21 -18.13
C THR D 29 3.06 13.18 -19.24
N LEU D 30 2.45 13.02 -20.40
CA LEU D 30 2.67 13.91 -21.53
C LEU D 30 1.32 14.41 -22.04
N PRO D 31 1.22 15.70 -22.40
CA PRO D 31 -0.06 16.25 -22.89
C PRO D 31 -0.32 15.97 -24.37
N VAL D 32 -0.07 14.74 -24.80
CA VAL D 32 -0.26 14.34 -26.19
C VAL D 32 -1.03 13.03 -26.22
N PRO D 33 -1.82 12.76 -27.26
CA PRO D 33 -2.59 11.51 -27.29
C PRO D 33 -1.70 10.30 -27.48
N ASP D 34 -2.16 9.16 -26.97
CA ASP D 34 -1.39 7.93 -27.06
C ASP D 34 -1.14 7.56 -28.51
N GLY D 35 -0.17 6.69 -28.72
CA GLY D 35 0.17 6.21 -30.04
C GLY D 35 1.65 5.94 -30.15
N ALA D 36 2.10 5.72 -31.39
CA ALA D 36 3.51 5.51 -31.64
C ALA D 36 4.30 6.82 -31.56
N LYS D 37 3.67 7.93 -31.95
CA LYS D 37 4.33 9.23 -31.84
C LYS D 37 4.58 9.60 -30.38
N ALA D 38 3.61 9.30 -29.50
CA ALA D 38 3.81 9.58 -28.08
C ALA D 38 4.95 8.74 -27.52
N VAL D 39 5.03 7.47 -27.90
CA VAL D 39 6.12 6.61 -27.42
C VAL D 39 7.46 7.14 -27.92
N GLU D 40 7.51 7.55 -29.20
CA GLU D 40 8.76 8.07 -29.74
C GLU D 40 9.16 9.38 -29.05
N ALA D 41 8.19 10.23 -28.75
CA ALA D 41 8.49 11.48 -28.05
C ALA D 41 9.01 11.20 -26.64
N ALA D 42 8.40 10.24 -25.94
CA ALA D 42 8.89 9.90 -24.61
C ALA D 42 10.29 9.32 -24.68
N LYS D 43 10.57 8.48 -25.67
CA LYS D 43 11.91 7.93 -25.83
C LYS D 43 12.93 9.02 -26.10
N GLN D 44 12.59 9.98 -26.96
CA GLN D 44 13.50 11.07 -27.27
C GLN D 44 13.72 11.95 -26.04
N LEU D 45 12.67 12.21 -25.26
CA LEU D 45 12.83 12.98 -24.03
C LEU D 45 13.73 12.24 -23.05
N ALA D 46 13.56 10.93 -22.92
CA ALA D 46 14.42 10.16 -22.02
C ALA D 46 15.87 10.18 -22.48
N LYS D 47 16.10 10.03 -23.78
CA LYS D 47 17.47 10.10 -24.31
C LYS D 47 18.08 11.46 -24.04
N LYS D 48 17.30 12.54 -24.21
CA LYS D 48 17.80 13.87 -23.92
C LYS D 48 18.06 14.05 -22.43
N MET D 49 17.33 13.34 -21.57
CA MET D 49 17.56 13.43 -20.15
C MET D 49 18.91 12.84 -19.75
N GLY D 50 19.34 11.77 -20.42
CA GLY D 50 20.61 11.14 -20.11
C GLY D 50 20.57 9.64 -20.23
N LEU D 51 19.37 9.06 -20.20
CA LEU D 51 19.18 7.61 -20.19
C LEU D 51 19.41 7.07 -21.60
N GLU D 52 20.62 6.62 -21.86
CA GLU D 52 20.93 6.05 -23.17
C GLU D 52 20.23 4.72 -23.35
N ASN D 53 19.63 4.53 -24.52
CA ASN D 53 18.93 3.29 -24.85
C ASN D 53 17.77 3.06 -23.91
N PRO D 54 16.77 3.93 -23.90
CA PRO D 54 15.59 3.71 -23.05
C PRO D 54 14.65 2.68 -23.65
N MET D 55 13.74 2.19 -22.81
CA MET D 55 12.77 1.17 -23.22
C MET D 55 11.48 1.42 -22.44
N VAL D 56 10.42 1.81 -23.15
CA VAL D 56 9.14 2.11 -22.53
C VAL D 56 8.46 0.80 -22.17
N VAL D 57 8.31 0.54 -20.87
CA VAL D 57 7.75 -0.72 -20.40
C VAL D 57 6.23 -0.60 -20.24
N TYR D 58 5.74 0.63 -20.17
CA TYR D 58 4.31 0.86 -20.01
C TYR D 58 3.93 2.19 -20.62
N HIS D 59 2.73 2.26 -21.17
CA HIS D 59 2.14 3.52 -21.62
C HIS D 59 0.65 3.30 -21.80
N ALA D 60 -0.16 4.13 -21.16
CA ALA D 60 -1.61 4.06 -21.26
C ALA D 60 -2.18 5.48 -21.28
N PRO D 61 -3.32 5.68 -21.93
CA PRO D 61 -3.91 7.03 -21.96
C PRO D 61 -4.78 7.33 -20.75
N LEU D 62 -4.46 8.41 -20.03
CA LEU D 62 -5.29 8.85 -18.93
C LEU D 62 -6.55 9.56 -19.43
N ASP D 63 -6.43 10.30 -20.52
CA ASP D 63 -7.53 11.06 -21.11
C ASP D 63 -7.39 10.96 -22.62
N LYS D 64 -8.21 11.72 -23.34
CA LYS D 64 -8.09 11.75 -24.79
C LYS D 64 -6.81 12.44 -25.25
N ASN D 65 -6.16 13.21 -24.38
CA ASN D 65 -4.98 13.98 -24.78
C ASN D 65 -3.83 13.82 -23.80
N PHE D 66 -3.84 12.79 -22.95
CA PHE D 66 -2.81 12.58 -21.96
C PHE D 66 -2.40 11.12 -21.93
N THR D 67 -1.10 10.86 -21.78
CA THR D 67 -0.55 9.52 -21.71
C THR D 67 0.43 9.44 -20.54
N PHE D 68 0.47 8.29 -19.88
CA PHE D 68 1.32 8.06 -18.72
C PHE D 68 2.32 6.95 -19.04
N PHE D 69 3.60 7.22 -18.80
CA PHE D 69 4.70 6.37 -19.25
C PHE D 69 5.49 5.82 -18.08
N ILE D 70 6.09 4.66 -18.29
CA ILE D 70 7.10 4.09 -17.40
C ILE D 70 8.28 3.67 -18.28
N ILE D 71 9.48 4.04 -17.86
CA ILE D 71 10.68 3.86 -18.67
C ILE D 71 11.80 3.32 -17.80
N TYR D 72 12.54 2.36 -18.33
CA TYR D 72 13.79 1.88 -17.74
C TYR D 72 14.90 2.11 -18.75
N GLY D 73 16.05 2.58 -18.28
CA GLY D 73 17.15 2.88 -19.20
C GLY D 73 18.47 2.97 -18.48
N SER D 74 19.54 2.80 -19.24
CA SER D 74 20.90 2.84 -18.72
C SER D 74 21.39 4.29 -18.79
N LEU D 75 21.86 4.79 -17.65
CA LEU D 75 22.27 6.18 -17.53
C LEU D 75 23.68 6.36 -18.11
N ILE D 76 24.02 7.61 -18.39
CA ILE D 76 25.34 7.96 -18.89
C ILE D 76 26.12 8.78 -17.86
N HIS D 77 25.43 9.62 -17.09
CA HIS D 77 26.11 10.53 -16.18
C HIS D 77 26.61 9.79 -14.94
N THR D 78 27.68 10.33 -14.35
CA THR D 78 28.28 9.78 -13.15
C THR D 78 28.55 10.90 -12.16
N VAL D 79 28.44 10.58 -10.88
CA VAL D 79 28.68 11.54 -9.80
C VAL D 79 29.91 11.09 -9.03
N ASP D 80 30.56 12.06 -8.37
CA ASP D 80 31.82 11.84 -7.67
C ASP D 80 31.51 11.89 -6.18
N TYR D 81 31.45 10.71 -5.55
CA TYR D 81 31.02 10.59 -4.17
C TYR D 81 32.07 11.07 -3.18
N THR D 82 33.33 11.20 -3.59
CA THR D 82 34.40 11.56 -2.67
C THR D 82 34.55 13.06 -2.48
N SER D 83 34.20 13.86 -3.47
CA SER D 83 34.37 15.32 -3.40
C SER D 83 33.08 16.04 -3.03
N ILE D 84 32.00 15.31 -2.76
CA ILE D 84 30.73 15.96 -2.46
C ILE D 84 30.85 16.76 -1.18
N GLN D 85 30.38 18.00 -1.21
CA GLN D 85 30.53 18.93 -0.10
C GLN D 85 29.37 18.89 0.89
N VAL D 86 28.42 17.96 0.70
CA VAL D 86 27.27 17.79 1.59
C VAL D 86 26.61 19.14 1.85
N GLN D 87 25.68 19.17 2.79
CA GLN D 87 24.98 20.40 3.18
C GLN D 87 25.32 20.70 4.63
N GLU D 88 24.93 21.90 5.08
CA GLU D 88 25.32 22.42 6.37
C GLU D 88 24.39 21.97 7.51
N LEU D 89 23.59 20.92 7.30
CA LEU D 89 22.61 20.51 8.29
C LEU D 89 23.14 19.48 9.28
N GLU D 90 24.40 19.10 9.19
CA GLU D 90 24.96 18.13 10.12
C GLU D 90 24.99 18.71 11.53
N ILE D 91 24.36 18.00 12.47
CA ILE D 91 24.24 18.48 13.84
C ILE D 91 24.01 17.28 14.75
N LYS D 92 24.56 17.35 15.97
CA LYS D 92 24.34 16.35 17.00
C LYS D 92 23.83 17.04 18.25
N ALA D 93 23.04 16.31 19.03
CA ALA D 93 22.26 16.90 20.12
C ALA D 93 22.79 16.44 21.47
N MET D 94 22.89 17.37 22.40
CA MET D 94 23.23 17.03 23.78
C MET D 94 21.96 16.66 24.55
N SER D 95 22.15 16.02 25.69
CA SER D 95 21.01 15.62 26.51
C SER D 95 20.38 16.85 27.18
N MET D 96 19.18 16.65 27.72
CA MET D 96 18.45 17.77 28.33
C MET D 96 19.23 18.35 29.50
N GLU D 97 19.74 17.49 30.37
CA GLU D 97 20.51 17.97 31.52
C GLU D 97 21.76 18.72 31.06
N GLU D 98 22.41 18.22 30.00
CA GLU D 98 23.57 18.91 29.45
C GLU D 98 23.18 20.28 28.91
N THR D 99 22.02 20.39 28.26
CA THR D 99 21.55 21.68 27.78
C THR D 99 21.33 22.65 28.93
N ASN D 100 20.68 22.18 29.99
CA ASN D 100 20.44 23.04 31.15
C ASN D 100 21.77 23.49 31.75
N GLU D 101 22.72 22.57 31.90
CA GLU D 101 24.01 22.92 32.46
C GLU D 101 24.74 23.93 31.59
N TYR D 102 24.69 23.75 30.27
CA TYR D 102 25.33 24.68 29.35
C TYR D 102 24.72 26.06 29.47
N ILE D 103 23.39 26.14 29.52
CA ILE D 103 22.74 27.45 29.62
C ILE D 103 23.10 28.11 30.94
N LYS D 104 23.11 27.35 32.03
CA LYS D 104 23.47 27.91 33.33
C LYS D 104 24.91 28.41 33.32
N LYS D 105 25.82 27.64 32.74
CA LYS D 105 27.25 27.96 32.84
C LYS D 105 27.62 29.14 31.95
N HIS D 106 27.11 29.16 30.72
CA HIS D 106 27.57 30.15 29.75
C HIS D 106 26.72 31.42 29.75
N ILE D 107 25.41 31.28 29.57
CA ILE D 107 24.55 32.45 29.41
C ILE D 107 24.14 33.03 30.75
N GLY D 108 23.81 32.18 31.73
CA GLY D 108 23.44 32.65 33.05
C GLY D 108 22.00 33.08 33.19
N ARG D 109 21.17 32.87 32.17
CA ARG D 109 19.76 33.25 32.24
C ARG D 109 18.97 32.35 31.31
N LYS D 110 17.65 32.30 31.56
CA LYS D 110 16.78 31.42 30.80
C LYS D 110 16.69 31.87 29.35
N VAL D 111 16.49 30.90 28.46
CA VAL D 111 16.33 31.14 27.03
C VAL D 111 14.85 31.05 26.70
N VAL D 112 14.33 32.06 26.01
CA VAL D 112 12.91 32.15 25.68
C VAL D 112 12.73 31.83 24.21
N VAL D 113 11.78 30.95 23.90
CA VAL D 113 11.48 30.52 22.54
C VAL D 113 10.02 30.76 22.27
N VAL D 114 9.71 31.35 21.12
CA VAL D 114 8.34 31.58 20.67
C VAL D 114 8.16 30.87 19.34
N GLY D 115 7.16 30.00 19.28
CA GLY D 115 6.93 29.20 18.08
C GLY D 115 5.48 29.29 17.62
N ALA D 116 5.29 29.19 16.32
CA ALA D 116 3.95 29.31 15.74
C ALA D 116 3.98 28.79 14.32
N THR D 117 2.80 28.44 13.81
CA THR D 117 2.62 28.11 12.40
C THR D 117 1.98 29.32 11.72
N THR D 118 2.82 30.29 11.40
CA THR D 118 2.33 31.56 10.88
C THR D 118 1.67 31.38 9.51
N GLY D 119 1.10 32.46 9.00
CA GLY D 119 0.44 32.42 7.72
C GLY D 119 -0.96 31.84 7.82
N THR D 120 -1.45 31.30 6.70
CA THR D 120 -2.73 30.62 6.64
C THR D 120 -2.63 29.14 6.95
N ASP D 121 -1.43 28.62 7.16
CA ASP D 121 -1.25 27.21 7.41
C ASP D 121 -1.88 26.81 8.74
N ALA D 122 -2.50 25.63 8.78
CA ALA D 122 -3.23 25.19 9.96
C ALA D 122 -2.53 24.09 10.73
N HIS D 123 -1.68 23.30 10.07
CA HIS D 123 -1.07 22.15 10.72
C HIS D 123 -0.24 22.58 11.92
N THR D 124 -0.30 21.79 12.98
CA THR D 124 0.51 22.00 14.17
C THR D 124 1.09 20.72 14.74
N VAL D 125 1.05 19.61 14.03
CA VAL D 125 1.49 18.33 14.61
C VAL D 125 3.00 18.32 14.79
N GLY D 126 3.74 18.77 13.78
CA GLY D 126 5.19 18.81 13.89
C GLY D 126 5.68 19.81 14.92
N LEU D 127 5.10 21.00 14.93
CA LEU D 127 5.52 22.01 15.90
C LEU D 127 5.11 21.63 17.32
N ASP D 128 4.00 20.90 17.46
CA ASP D 128 3.64 20.37 18.77
C ASP D 128 4.58 19.26 19.20
N ALA D 129 5.07 18.46 18.24
CA ALA D 129 6.08 17.46 18.56
C ALA D 129 7.37 18.13 19.05
N ILE D 130 7.79 19.20 18.38
CA ILE D 130 9.02 19.88 18.75
C ILE D 130 8.87 20.63 20.07
N MET D 131 7.73 21.29 20.27
CA MET D 131 7.56 22.20 21.40
C MET D 131 6.94 21.49 22.60
N ASN D 132 5.79 20.87 22.41
CA ASN D 132 4.99 20.34 23.51
C ASN D 132 5.81 19.41 24.39
N MET D 133 5.66 19.56 25.71
CA MET D 133 6.46 18.81 26.66
C MET D 133 6.20 17.31 26.60
N LYS D 134 5.08 16.90 25.99
CA LYS D 134 4.80 15.47 25.89
C LYS D 134 5.89 14.75 25.12
N GLY D 135 6.50 15.42 24.15
CA GLY D 135 7.59 14.84 23.39
C GLY D 135 7.13 14.22 22.10
N TYR D 136 8.06 13.52 21.47
CA TYR D 136 7.80 12.86 20.19
C TYR D 136 8.74 11.67 20.06
N ALA D 137 8.18 10.47 20.14
CA ALA D 137 8.97 9.23 20.08
C ALA D 137 10.04 9.21 21.18
N GLY D 138 9.67 9.68 22.37
CA GLY D 138 10.55 9.65 23.51
C GLY D 138 11.42 10.87 23.69
N HIS D 139 11.40 11.81 22.75
CA HIS D 139 12.20 13.03 22.83
C HIS D 139 11.33 14.16 23.39
N TYR D 140 11.63 14.57 24.61
CA TYR D 140 10.83 15.60 25.26
C TYR D 140 11.03 16.96 24.58
N GLY D 141 9.98 17.78 24.58
CA GLY D 141 10.02 19.03 23.86
C GLY D 141 10.73 20.14 24.61
N LEU D 142 10.75 21.32 23.98
CA LEU D 142 11.42 22.48 24.57
C LEU D 142 10.75 22.93 25.85
N GLU D 143 9.41 22.89 25.91
CA GLU D 143 8.71 23.34 27.11
C GLU D 143 9.21 22.60 28.34
N ARG D 144 9.57 21.33 28.21
CA ARG D 144 10.02 20.56 29.36
C ARG D 144 11.38 21.03 29.85
N TYR D 145 12.23 21.53 28.95
CA TYR D 145 13.57 21.96 29.35
C TYR D 145 13.48 22.94 30.50
N GLU D 146 14.24 22.67 31.56
CA GLU D 146 14.11 23.44 32.80
C GLU D 146 14.46 24.90 32.58
N MET D 147 15.53 25.16 31.81
CA MET D 147 16.03 26.51 31.62
C MET D 147 15.48 27.15 30.35
N ILE D 148 14.35 26.68 29.83
CA ILE D 148 13.76 27.21 28.62
C ILE D 148 12.29 27.53 28.90
N GLU D 149 11.87 28.74 28.54
CA GLU D 149 10.47 29.15 28.62
C GLU D 149 9.94 29.20 27.19
N ALA D 150 9.16 28.17 26.81
CA ALA D 150 8.67 28.01 25.45
C ALA D 150 7.19 28.35 25.40
N TYR D 151 6.80 29.15 24.41
CA TYR D 151 5.42 29.55 24.21
C TYR D 151 4.92 28.96 22.89
N ASN D 152 3.71 28.40 22.92
CA ASN D 152 3.10 27.78 21.75
C ASN D 152 1.90 28.63 21.34
N LEU D 153 2.03 29.34 20.21
CA LEU D 153 0.99 30.27 19.78
C LEU D 153 -0.04 29.64 18.85
N GLY D 154 0.07 28.36 18.55
CA GLY D 154 -0.90 27.72 17.68
C GLY D 154 -0.62 27.98 16.21
N SER D 155 -1.68 27.95 15.40
CA SER D 155 -1.57 28.11 13.96
C SER D 155 -2.43 29.28 13.49
N GLN D 156 -2.38 29.52 12.18
CA GLN D 156 -3.07 30.65 11.54
C GLN D 156 -2.70 31.98 12.19
N VAL D 157 -1.49 32.09 12.70
CA VAL D 157 -1.01 33.30 13.36
C VAL D 157 -0.53 34.27 12.29
N PRO D 158 -1.09 35.47 12.18
CA PRO D 158 -0.51 36.46 11.26
C PRO D 158 0.90 36.84 11.68
N ASN D 159 1.72 37.19 10.70
CA ASN D 159 3.10 37.54 10.98
C ASN D 159 3.18 38.72 11.95
N GLU D 160 2.29 39.70 11.79
CA GLU D 160 2.29 40.84 12.69
C GLU D 160 2.04 40.41 14.13
N GLU D 161 1.09 39.51 14.34
CA GLU D 161 0.83 38.98 15.67
C GLU D 161 2.08 38.28 16.19
N PHE D 162 2.74 37.50 15.33
CA PHE D 162 3.93 36.78 15.74
C PHE D 162 5.02 37.72 16.24
N VAL D 163 5.33 38.75 15.45
CA VAL D 163 6.39 39.67 15.84
C VAL D 163 6.00 40.47 17.07
N LYS D 164 4.73 40.88 17.16
CA LYS D 164 4.28 41.63 18.33
C LYS D 164 4.40 40.79 19.59
N LYS D 165 3.98 39.53 19.54
CA LYS D 165 4.09 38.66 20.70
C LYS D 165 5.55 38.39 21.06
N ALA D 166 6.41 38.21 20.04
CA ALA D 166 7.83 38.01 20.31
C ALA D 166 8.42 39.21 21.03
N ILE D 167 8.07 40.42 20.58
CA ILE D 167 8.57 41.63 21.25
C ILE D 167 8.02 41.70 22.67
N GLU D 168 6.73 41.41 22.85
CA GLU D 168 6.12 41.53 24.17
C GLU D 168 6.76 40.58 25.16
N VAL D 169 6.99 39.33 24.76
CA VAL D 169 7.50 38.31 25.69
C VAL D 169 9.02 38.32 25.80
N GLY D 170 9.71 39.11 24.99
CA GLY D 170 11.16 39.13 25.03
C GLY D 170 11.77 37.85 24.50
N ALA D 171 11.44 37.52 23.25
CA ALA D 171 11.90 36.25 22.67
C ALA D 171 13.35 36.37 22.20
N ASP D 172 14.11 35.30 22.41
CA ASP D 172 15.48 35.23 21.94
C ASP D 172 15.59 34.51 20.60
N ALA D 173 14.69 33.56 20.35
CA ALA D 173 14.63 32.85 19.07
C ALA D 173 13.17 32.67 18.69
N LEU D 174 12.92 32.62 17.38
CA LEU D 174 11.57 32.44 16.84
C LEU D 174 11.57 31.22 15.93
N LEU D 175 10.53 30.40 16.05
CA LEU D 175 10.38 29.18 15.26
C LEU D 175 9.15 29.31 14.36
N VAL D 176 9.28 28.84 13.13
CA VAL D 176 8.23 28.97 12.12
C VAL D 176 8.05 27.61 11.46
N SER D 177 6.81 27.13 11.41
CA SER D 177 6.50 25.85 10.81
C SER D 177 5.81 26.05 9.46
N GLN D 178 6.13 25.18 8.51
CA GLN D 178 5.60 25.25 7.15
C GLN D 178 5.41 23.82 6.66
N THR D 179 5.28 23.64 5.35
CA THR D 179 5.04 22.31 4.79
C THR D 179 5.86 22.14 3.50
N VAL D 180 5.52 21.11 2.72
CA VAL D 180 6.34 20.68 1.60
C VAL D 180 6.48 21.79 0.57
N THR D 181 7.53 21.69 -0.25
CA THR D 181 7.80 22.72 -1.25
C THR D 181 6.67 22.84 -2.27
N GLN D 182 5.93 21.76 -2.53
CA GLN D 182 4.78 21.89 -3.43
C GLN D 182 3.78 22.92 -2.93
N LYS D 183 3.73 23.16 -1.62
CA LYS D 183 3.18 24.40 -1.11
C LYS D 183 4.15 25.52 -1.50
N ASP D 184 3.73 26.42 -2.38
CA ASP D 184 4.59 27.52 -2.79
C ASP D 184 4.34 28.80 -1.98
N ALA D 185 3.35 28.80 -1.10
CA ALA D 185 3.09 29.99 -0.29
C ALA D 185 4.07 30.10 0.88
N HIS D 186 4.73 29.00 1.23
CA HIS D 186 5.66 29.05 2.35
C HIS D 186 6.83 29.99 2.05
N ILE D 187 7.32 29.99 0.82
CA ILE D 187 8.43 30.88 0.46
C ILE D 187 8.02 32.34 0.65
N LYS D 188 6.86 32.69 0.10
CA LYS D 188 6.40 34.09 0.19
C LYS D 188 6.15 34.48 1.63
N ASN D 189 5.55 33.59 2.42
CA ASN D 189 5.27 33.91 3.82
C ASN D 189 6.56 34.11 4.60
N LEU D 190 7.55 33.24 4.38
CA LEU D 190 8.81 33.37 5.10
C LEU D 190 9.53 34.66 4.70
N THR D 191 9.51 34.99 3.41
CA THR D 191 10.12 36.25 2.97
C THR D 191 9.43 37.44 3.60
N HIS D 192 8.10 37.41 3.66
CA HIS D 192 7.35 38.50 4.29
C HIS D 192 7.71 38.63 5.76
N LEU D 193 7.83 37.51 6.47
CA LEU D 193 8.21 37.56 7.88
C LEU D 193 9.59 38.17 8.04
N VAL D 194 10.54 37.77 7.18
CA VAL D 194 11.89 38.32 7.27
C VAL D 194 11.86 39.83 7.02
N GLU D 195 11.08 40.27 6.03
CA GLU D 195 10.98 41.69 5.76
C GLU D 195 10.38 42.43 6.93
N LEU D 196 9.35 41.86 7.57
CA LEU D 196 8.76 42.49 8.74
C LEU D 196 9.80 42.64 9.86
N LEU D 197 10.55 41.57 10.12
CA LEU D 197 11.56 41.65 11.18
C LEU D 197 12.63 42.68 10.84
N GLU D 198 13.03 42.75 9.57
CA GLU D 198 14.02 43.75 9.18
C GLU D 198 13.49 45.16 9.39
N ALA D 199 12.22 45.40 9.02
CA ALA D 199 11.62 46.72 9.22
C ALA D 199 11.56 47.06 10.69
N GLU D 200 11.18 46.10 11.55
CA GLU D 200 11.14 46.35 12.98
C GLU D 200 12.53 46.57 13.56
N GLY D 201 13.57 46.11 12.89
CA GLY D 201 14.92 46.22 13.42
C GLY D 201 15.30 45.18 14.44
N ILE D 202 14.43 44.21 14.70
CA ILE D 202 14.70 43.17 15.70
C ILE D 202 15.43 41.97 15.11
N ARG D 203 15.63 41.94 13.79
CA ARG D 203 16.20 40.76 13.16
C ARG D 203 17.55 40.39 13.77
N ASP D 204 18.41 41.39 13.99
CA ASP D 204 19.75 41.11 14.51
C ASP D 204 19.74 40.62 15.95
N LYS D 205 18.67 40.91 16.71
CA LYS D 205 18.62 40.60 18.13
C LYS D 205 18.03 39.22 18.42
N VAL D 206 17.54 38.51 17.42
CA VAL D 206 16.93 37.19 17.61
C VAL D 206 17.39 36.24 16.52
N LEU D 207 17.28 34.95 16.81
CA LEU D 207 17.51 33.91 15.82
C LEU D 207 16.21 33.59 15.09
N LEU D 208 16.34 32.91 13.96
CA LEU D 208 15.20 32.51 13.13
C LEU D 208 15.36 31.05 12.74
N ILE D 209 14.34 30.25 12.99
CA ILE D 209 14.31 28.84 12.64
C ILE D 209 13.05 28.57 11.84
N CYS D 210 13.19 27.93 10.70
CA CYS D 210 12.06 27.54 9.88
C CYS D 210 12.19 26.06 9.53
N GLY D 211 11.09 25.33 9.64
CA GLY D 211 11.12 23.90 9.38
C GLY D 211 9.81 23.44 8.82
N GLY D 212 9.77 22.15 8.50
CA GLY D 212 8.58 21.54 7.95
C GLY D 212 8.89 20.18 7.36
N PRO D 213 7.86 19.48 6.89
CA PRO D 213 8.07 18.14 6.34
C PRO D 213 9.07 18.10 5.20
N ARG D 214 9.18 19.15 4.39
CA ARG D 214 10.20 19.18 3.35
C ARG D 214 10.79 20.57 3.23
N ILE D 215 11.11 21.19 4.36
CA ILE D 215 12.01 22.33 4.40
C ILE D 215 13.44 21.81 4.50
N THR D 216 14.38 22.57 3.96
CA THR D 216 15.77 22.16 3.95
C THR D 216 16.65 23.33 4.39
N HIS D 217 17.85 23.00 4.88
CA HIS D 217 18.75 24.02 5.39
C HIS D 217 19.17 25.00 4.29
N GLU D 218 19.39 24.50 3.08
CA GLU D 218 19.84 25.37 2.00
C GLU D 218 18.80 26.44 1.70
N LEU D 219 17.53 26.05 1.60
CA LEU D 219 16.48 27.02 1.35
C LEU D 219 16.34 28.00 2.51
N ALA D 220 16.46 27.50 3.74
CA ALA D 220 16.36 28.37 4.91
C ALA D 220 17.44 29.43 4.90
N LYS D 221 18.67 29.03 4.58
CA LYS D 221 19.76 30.01 4.52
C LYS D 221 19.59 30.95 3.35
N GLU D 222 19.06 30.46 2.22
CA GLU D 222 18.81 31.33 1.08
C GLU D 222 17.81 32.42 1.43
N LEU D 223 16.74 32.05 2.13
CA LEU D 223 15.73 33.04 2.50
C LEU D 223 16.29 34.11 3.43
N GLY D 224 17.29 33.75 4.24
CA GLY D 224 17.82 34.63 5.27
C GLY D 224 17.64 34.09 6.68
N TYR D 225 17.02 32.93 6.84
CA TYR D 225 16.88 32.32 8.15
C TYR D 225 18.21 31.76 8.62
N ASP D 226 18.29 31.50 9.92
CA ASP D 226 19.53 31.01 10.51
C ASP D 226 19.63 29.49 10.50
N ALA D 227 18.56 28.78 10.16
CA ALA D 227 18.62 27.33 10.12
C ALA D 227 17.37 26.79 9.44
N GLY D 228 17.42 25.50 9.11
CA GLY D 228 16.29 24.82 8.52
C GLY D 228 16.26 23.36 8.94
N PHE D 229 15.09 22.88 9.37
CA PHE D 229 14.96 21.53 9.91
C PHE D 229 13.87 20.78 9.16
N GLY D 230 14.11 19.51 8.89
CA GLY D 230 13.18 18.69 8.14
C GLY D 230 12.71 17.49 8.95
N PRO D 231 12.25 16.46 8.26
CA PRO D 231 11.79 15.25 8.95
C PRO D 231 12.91 14.61 9.77
N GLY D 232 12.52 14.00 10.87
CA GLY D 232 13.48 13.37 11.77
C GLY D 232 14.05 14.29 12.82
N THR D 233 13.78 15.58 12.75
CA THR D 233 14.25 16.50 13.77
C THR D 233 13.52 16.25 15.08
N PHE D 234 14.23 16.44 16.19
CA PHE D 234 13.67 16.31 17.52
C PHE D 234 14.08 17.53 18.34
N ALA D 235 13.40 17.71 19.48
CA ALA D 235 13.57 18.94 20.24
C ALA D 235 15.01 19.13 20.69
N ASP D 236 15.74 18.05 20.94
CA ASP D 236 17.12 18.19 21.41
C ASP D 236 18.01 18.84 20.35
N HIS D 237 17.79 18.50 19.08
CA HIS D 237 18.55 19.16 18.02
C HIS D 237 18.32 20.66 18.03
N VAL D 238 17.05 21.07 18.11
CA VAL D 238 16.73 22.49 18.07
C VAL D 238 17.32 23.19 19.29
N ALA D 239 17.16 22.60 20.47
CA ALA D 239 17.68 23.22 21.68
C ALA D 239 19.20 23.37 21.61
N THR D 240 19.88 22.32 21.16
CA THR D 240 21.33 22.37 21.03
C THR D 240 21.75 23.47 20.06
N PHE D 241 21.10 23.53 18.90
CA PHE D 241 21.47 24.56 17.93
C PHE D 241 21.24 25.95 18.49
N ILE D 242 20.10 26.17 19.15
CA ILE D 242 19.79 27.50 19.68
C ILE D 242 20.85 27.91 20.69
N VAL D 243 21.14 27.04 21.67
CA VAL D 243 22.09 27.41 22.71
C VAL D 243 23.47 27.65 22.12
N THR D 244 23.92 26.74 21.24
CA THR D 244 25.27 26.86 20.69
C THR D 244 25.40 28.12 19.84
N GLU D 245 24.41 28.40 18.98
CA GLU D 245 24.47 29.59 18.15
C GLU D 245 24.39 30.85 19.01
N MET D 246 23.54 30.84 20.04
CA MET D 246 23.40 32.01 20.90
C MET D 246 24.72 32.33 21.58
N VAL D 247 25.42 31.30 22.07
CA VAL D 247 26.72 31.57 22.70
C VAL D 247 27.76 31.97 21.64
N LYS D 248 27.73 31.34 20.47
CA LYS D 248 28.74 31.63 19.46
C LYS D 248 28.65 33.07 18.97
N ARG D 249 27.46 33.50 18.53
CA ARG D 249 27.29 34.84 18.01
C ARG D 249 26.82 35.83 19.06
N LYS D 250 26.58 35.39 20.29
CA LYS D 250 26.21 36.26 21.40
C LYS D 250 24.96 37.08 21.04
N ILE D 251 23.85 36.37 20.85
CA ILE D 251 22.57 37.03 20.59
C ILE D 251 22.15 37.76 21.86
N PRO D 252 21.91 39.07 21.83
CA PRO D 252 21.48 39.74 23.06
C PRO D 252 20.10 39.33 23.51
N GLY D 253 19.18 39.11 22.58
CA GLY D 253 17.83 38.74 22.91
C GLY D 253 16.97 39.95 23.24
N LEU D 254 15.67 39.70 23.36
CA LEU D 254 14.70 40.73 23.71
C LEU D 254 14.23 40.64 25.15
N LYS D 255 14.81 39.75 25.95
CA LYS D 255 14.39 39.59 27.34
C LYS D 255 14.80 40.82 28.13
N GLY D 256 13.82 41.61 28.56
CA GLY D 256 14.12 42.86 29.24
C GLY D 256 14.78 43.90 28.36
N TYR D 257 14.71 43.72 27.04
CA TYR D 257 15.36 44.60 26.07
C TYR D 257 14.37 44.97 24.97
N LYS D 258 13.17 45.38 25.37
CA LYS D 258 12.09 45.63 24.42
C LYS D 258 12.51 46.66 23.38
N LYS D 259 12.67 46.21 22.13
CA LYS D 259 13.04 47.06 21.00
C LYS D 259 13.99 48.20 21.40
N1 5AD E . -7.66 10.79 5.64
C2 5AD E . -8.67 11.50 6.14
N3 5AD E . -9.34 12.46 5.50
C4 5AD E . -8.91 12.79 4.29
N9 5AD E . -9.42 13.67 3.39
C8 5AD E . -8.48 13.64 2.35
N7 5AD E . -7.58 12.64 2.47
C5 5AD E . -7.86 12.17 3.71
C6 5AD E . -7.28 11.14 4.43
N6 5AD E . -6.38 10.30 3.94
C1' 5AD E . -10.84 13.87 3.16
C2' 5AD E . -11.66 14.73 4.16
C3' 5AD E . -12.57 15.54 3.21
C4' 5AD E . -11.63 15.79 2.04
C5' 5AD E . -10.57 16.86 2.31
O4' 5AD E . -10.99 14.52 1.88
O2' 5AD E . -12.41 14.00 5.13
O3' 5AD E . -13.66 14.78 2.66
H2 5AD E . -8.97 11.26 7.15
H8 5AD E . -8.61 14.25 1.45
HN61 5AD E . -6.12 9.60 4.62
HN62 5AD E . -5.63 10.64 3.35
H1' 5AD E . -11.30 12.86 3.11
H2' 5AD E . -10.98 15.43 4.67
H3' 5AD E . -12.91 16.47 3.67
H4' 5AD E . -12.18 16.04 1.12
H5'1 5AD E . -9.97 17.05 1.41
H5'2 5AD E . -9.90 16.55 3.12
H5'3 5AD E . -11.07 17.80 2.60
HO2' 5AD E . -11.85 13.81 5.91
HO3' 5AD E . -13.91 15.25 1.85
C1 X6I F . -15.39 17.96 8.16
C10 X6I F . -5.87 16.31 5.03
C11 X6I F . -5.51 14.80 4.92
C12 X6I F . -4.64 14.47 3.63
C13 X6I F . -13.46 18.70 6.77
C2 X6I F . -14.75 18.97 7.23
C3 X6I F . -14.84 20.90 6.09
C4 X6I F . -13.54 20.81 5.66
C5 X6I F . -13.11 21.96 4.77
C6 X6I F . -12.84 19.66 5.98
C7 X6I F . -11.58 19.53 5.51
C8 X6I F . -9.43 18.62 5.10
C9 X6I F . -8.58 17.36 5.44
N1 X6I F . -15.41 20.03 6.88
N2 X6I F . -10.77 18.54 5.73
N3 X6I F . -4.88 14.28 6.25
O1 X6I F . -12.07 22.71 5.40
O2 X6I F . -13.14 24.82 6.31
O3 X6I F . -12.48 24.85 4.07
O4 X6I F . -10.79 24.85 5.77
O5 X6I F . -3.75 13.64 3.74
O6 X6I F . -4.92 14.97 2.55
O7 X6I F . -12.82 17.58 7.09
P1 X6I F . -12.11 24.30 5.40
S1 X6I F . -7.38 16.89 4.08
H3 X6I F . -15.50 16.99 7.67
H2 X6I F . -16.38 18.29 8.48
H1 X6I F . -14.78 17.83 9.06
H12 X6I F . -5.00 16.89 4.73
H13 X6I F . -6.04 16.55 6.10
H14 X6I F . -6.44 14.23 4.81
H4 X6I F . -15.46 21.71 5.75
H5 X6I F . -13.97 22.61 4.54
H6 X6I F . -12.75 21.56 3.80
H7 X6I F . -11.19 20.33 4.89
H9 X6I F . -9.54 18.71 4.01
H8 X6I F . -8.90 19.51 5.45
H11 X6I F . -8.04 17.54 6.38
H10 X6I F . -9.24 16.50 5.62
H17 X6I F . -4.20 14.97 6.59
H15 X6I F . -4.33 13.46 6.01
H18 X6I F . -11.95 17.71 6.68
H16 X6I F . -5.57 14.06 6.98
CO B12 G . -2.86 18.46 5.74
N21 B12 G . -1.73 18.42 4.23
N22 B12 G . -3.92 19.85 4.92
N23 B12 G . -3.85 18.32 7.50
N24 B12 G . -2.01 16.76 6.34
C1 B12 G . -0.71 17.35 4.28
C20 B12 G . 0.53 18.03 4.98
C2 B12 G . -0.50 17.03 2.72
C25 B12 G . 0.93 16.53 2.38
C26 B12 G . -1.56 15.97 2.19
C27 B12 G . -1.81 15.85 0.70
O28 B12 G . -2.74 16.07 0.19
N29 B12 G . -0.92 15.49 -0.07
C3 B12 G . -0.87 18.44 2.08
C30 B12 G . 0.32 19.41 1.77
C31 B12 G . 1.04 19.08 0.43
C32 B12 G . 1.53 20.29 -0.32
O34 B12 G . 2.68 20.60 -0.40
N33 B12 G . 0.57 21.01 -0.95
C4 B12 G . -1.88 18.99 3.08
C5 B12 G . -2.84 19.91 2.79
C35 B12 G . -2.87 20.48 1.35
C6 B12 G . -3.80 20.32 3.68
C7 B12 G . -4.84 21.47 3.47
C36 B12 G . -4.10 22.84 3.56
C37 B12 G . -5.71 21.42 2.15
C38 B12 G . -6.89 22.39 2.11
O39 B12 G . -6.84 23.48 1.61
N40 B12 G . -8.07 21.94 2.62
C8 B12 G . -5.78 21.21 4.68
C41 B12 G . -6.28 22.46 5.47
C42 B12 G . -5.31 22.98 6.58
C43 B12 G . -4.86 24.42 6.41
O44 B12 G . -3.70 24.75 6.32
N45 B12 G . -5.84 25.35 6.46
C9 B12 G . -5.04 20.19 5.50
C10 B12 G . -5.47 19.85 6.74
C11 B12 G . -4.92 19.02 7.66
C12 B12 G . -5.48 18.92 9.07
C46 B12 G . -6.83 18.16 9.08
C47 B12 G . -5.70 20.35 9.66
C13 B12 G . -4.37 18.06 9.75
C48 B12 G . -3.51 18.79 10.83
C49 B12 G . -4.15 18.71 12.24
C50 B12 G . -3.52 19.71 13.18
O51 B12 G . -2.32 19.91 13.22
N52 B12 G . -4.35 20.44 13.96
C14 B12 G . -3.52 17.60 8.55
C15 B12 G . -2.57 16.60 8.60
C53 B12 G . -2.32 15.92 9.95
C16 B12 G . -1.87 16.20 7.48
C17 B12 G . -0.90 14.99 7.37
C54 B12 G . -1.74 13.71 7.46
C55 B12 G . 0.27 14.88 8.40
C56 B12 G . 1.15 16.13 8.51
C57 B12 G . 1.93 16.15 9.80
O58 B12 G . 1.81 17.06 10.59
N59 B12 G . 2.74 15.07 10.02
C18 B12 G . -0.30 15.19 5.91
C60 B12 G . 0.02 13.89 5.09
C61 B12 G . 1.31 13.20 5.49
O63 B12 G . 2.37 13.77 5.63
N62 B12 G . 1.25 11.85 5.65
C19 B12 G . -1.29 16.17 5.21
C1P B12 G . 3.25 14.67 11.35
C2P B12 G . 4.45 15.52 11.86
C3P B12 G . 4.97 15.02 13.22
O3 B12 G . 5.54 15.44 10.93
O4 B12 G . 5.42 17.79 9.74
O5 B12 G . 7.34 16.18 9.45
P B12 G . 6.25 16.79 10.39
O2 B12 G . 7.13 17.32 11.62
C3R B12 G . 8.48 16.90 11.94
C2R B12 G . 9.56 17.62 11.07
O7R B12 G . 9.11 18.11 9.80
C1R B12 G . 10.14 18.71 12.00
O6R B12 G . 10.07 18.07 13.27
C4R B12 G . 8.81 17.37 13.38
C5R B12 G . 8.97 16.21 14.38
O8R B12 G . 9.94 15.27 13.91
N1B B12 G . 9.44 20.00 12.04
C8B B12 G . 9.92 21.20 12.48
C2B B12 G . 8.16 20.40 11.64
N3B B12 G . 7.87 21.66 11.80
C9B B12 G . 8.95 22.15 12.31
C4B B12 G . 9.18 23.48 12.66
C5B B12 G . 10.44 23.83 13.17
C5M B12 G . 10.72 25.29 13.50
C6B B12 G . 11.43 22.84 13.36
C6M B12 G . 12.78 23.20 13.95
C7B B12 G . 11.18 21.50 13.01
H201 B12 G . 1.45 17.44 4.87
H202 B12 G . 0.72 19.04 4.61
H203 B12 G . 0.35 18.14 6.05
H251 B12 G . 1.05 16.33 1.33
H252 B12 G . 1.70 17.26 2.66
H253 B12 G . 1.16 15.61 2.92
H261 B12 G . -1.30 14.98 2.55
H262 B12 G . -2.54 16.20 2.62
H291 B12 G . -0.19 15.19 0.36
H292 B12 G . -1.07 15.31 -1.05
H3 B12 G . -1.40 18.27 1.13
H301 B12 G . -0.06 20.43 1.72
H302 B12 G . 1.07 19.42 2.57
H311 B12 G . 1.91 18.44 0.61
H312 B12 G . 0.38 18.53 -0.25
H331 B12 G . 0.86 21.84 -1.46
H332 B12 G . -0.40 20.75 -0.87
H351 B12 G . -2.95 21.57 1.32
H352 B12 G . -1.98 20.28 0.74
H353 B12 G . -3.70 20.05 0.78
H361 B12 G . -4.80 23.69 3.56
H362 B12 G . -3.48 22.89 4.46
H363 B12 G . -3.44 23.02 2.70
H371 B12 G . -5.12 21.67 1.26
H372 B12 G . -6.09 20.40 1.98
H401 B12 G . -8.86 22.56 2.62
H402 B12 G . -8.10 21.01 3.03
H8 B12 G . -6.66 20.66 4.33
H411 B12 G . -6.57 23.27 4.78
H412 B12 G . -7.22 22.19 5.97
H421 B12 G . -5.82 22.89 7.54
H422 B12 G . -4.41 22.37 6.64
H451 B12 G . -5.55 26.31 6.42
H452 B12 G . -6.80 25.05 6.59
H10 B12 G . -6.40 20.33 7.05
H461 B12 G . -7.20 18.04 10.10
H462 B12 G . -7.60 18.70 8.50
H463 B12 G . -6.73 17.15 8.64
H471 B12 G . -5.90 20.34 10.74
H472 B12 G . -4.84 21.01 9.47
H473 B12 G . -6.57 20.84 9.20
H13 B12 G . -4.85 17.18 10.20
H481 B12 G . -2.51 18.35 10.89
H482 B12 G . -3.33 19.83 10.55
H491 B12 G . -5.23 18.88 12.19
H492 B12 G . -4.01 17.71 12.66
H521 B12 G . -3.94 21.10 14.62
H522 B12 G . -5.34 20.25 13.95
H531 B12 G . -2.26 14.83 9.91
H532 B12 G . -1.37 16.29 10.38
H533 B12 G . -3.09 16.10 10.71
H541 B12 G . -1.14 12.82 7.21
H542 B12 G . -2.17 13.50 8.44
H543 B12 G . -2.57 13.82 6.76
H551 B12 G . -0.12 14.62 9.40
H552 B12 G . 0.89 14.02 8.13
H561 B12 G . 1.89 16.17 7.70
H562 B12 G . 0.56 17.05 8.47
H59 B12 G . 2.79 14.38 9.27
H18 B12 G . 0.66 15.72 6.00
H601 B12 G . -0.82 13.19 5.09
H602 B12 G . 0.14 14.15 4.03
H621 B12 G . 2.10 11.35 5.90
H622 B12 G . 0.36 11.38 5.67
H1P1 B12 G . 2.43 14.75 12.08
H1P2 B12 G . 3.55 13.62 11.31
H2P B12 G . 4.11 16.55 11.97
H3P1 B12 G . 4.18 15.10 13.98
H3P2 B12 G . 5.26 13.97 13.16
H3P3 B12 G . 5.83 15.61 13.55
HOP5 B12 G . 7.93 16.94 9.41
H3R B12 G . 8.58 15.81 11.84
H2R B12 G . 10.37 16.91 10.93
HOR7 B12 G . 9.76 18.77 9.50
H1R B12 G . 11.18 18.93 11.73
H4R B12 G . 8.04 18.06 13.74
H5R1 B12 G . 9.27 16.61 15.36
H5R2 B12 G . 8.01 15.71 14.51
HOR8 B12 G . 10.78 15.50 14.34
H2B B12 G . 7.45 19.70 11.22
H4B B12 G . 8.41 24.23 12.51
HM51 B12 G . 11.27 25.40 14.43
HM52 B12 G . 11.30 25.76 12.70
HM53 B12 G . 9.79 25.85 13.61
HM61 B12 G . 12.67 23.63 14.95
HM62 B12 G . 13.43 22.31 14.05
HM63 B12 G . 13.31 23.92 13.31
H7B B12 G . 11.92 20.72 13.15
H91 B12 G . -2.02 15.57 4.65
#